data_3WOQ
#
_entry.id   3WOQ
#
_cell.length_a   121.700
_cell.length_b   121.700
_cell.length_c   218.809
_cell.angle_alpha   90.00
_cell.angle_beta   90.00
_cell.angle_gamma   90.00
#
_symmetry.space_group_name_H-M   'P 43 21 2'
#
loop_
_entity.id
_entity.type
_entity.pdbx_description
1 polymer 'dipeptidyl aminopeptidase BII'
2 polymer 'Angiotensin IV'
3 non-polymer GLYCEROL
4 non-polymer 'ZINC ION'
5 water water
#
loop_
_entity_poly.entity_id
_entity_poly.type
_entity_poly.pdbx_seq_one_letter_code
_entity_poly.pdbx_strand_id
1 'polypeptide(L)'
;GEGMWVPQQLPEIAGPLKKAGLKLSPQQISDLTGDPMGAVVALGGCTASFVSPNGLVVTNHACAYGAIQLNSTAENNLIK
NGFNAPTTADEVSAGPNARVFVLDEITDVTKDAKAAIAAAGDDALARTKALEAFEKKLIADCEAEAGFRCRLYSFSGGNT
YRLFKNLEIKDVRLAYAPPGSVGKFGGDIDNWMWPRHTGAFAFYRAYVGKDGKPAAFSKDNVPYQPKHWLKFADQPLGAG
DFVMVAGYPGSTNRYALAAEFDNTAQWTYPTIARHYKNQIAMVEAAGKQNADIQVKYAATMAGWNNTSKNYDGQLEGFKR
IDAAGQKLREEAAVLGWLKGQGAKGQPALDAHAKLLDLLEQSKATRDRDLTLALFNNTAMLGSATQLYRLSIEREKPNAE
RESGYQERDLPAIEGGLKQLERRYVAAMDRQLQEYWLNEYIKLPADQRVAAVDAWLGGNDAAAVKRALDRLAGTKLGSTE
ERLKWFAADRKAFEASNDPAIQYAVAVMPTLLKLEQERKTRAGENLAARPVYLQALADYKKSQGEFVYPDANLSLRITFG
NVMGYAPKDGMEYTPFTTLEGVVAKETGQDPFDSPKALLDAVAAKRYGGLEDKRIGSVPVNYLSDLDITGGNAGSPVLDA
HGKLVGLAFDGNWESVSSNWVFDPKMTRMIAVDGRYLRWIMQEVYPAPQLLKEMNVGK
;
A,B
2 'polypeptide(L)' VYIHPF C,D
#
loop_
_chem_comp.id
_chem_comp.type
_chem_comp.name
_chem_comp.formula
GOL non-polymer GLYCEROL 'C3 H8 O3'
ZN non-polymer 'ZINC ION' 'Zn 2'
#
# COMPACT_ATOMS: atom_id res chain seq x y z
N GLY A 1 -4.42 -25.65 0.94
CA GLY A 1 -5.82 -25.17 1.03
C GLY A 1 -6.42 -25.43 2.41
N GLU A 2 -7.73 -25.29 2.52
CA GLU A 2 -8.41 -25.34 3.77
C GLU A 2 -8.22 -26.68 4.45
N GLY A 3 -8.17 -26.63 5.77
CA GLY A 3 -8.34 -27.80 6.59
C GLY A 3 -7.26 -28.05 7.62
N MET A 4 -7.66 -28.15 8.89
CA MET A 4 -6.72 -28.54 9.95
C MET A 4 -7.11 -29.99 10.25
N TRP A 5 -6.45 -30.86 9.49
CA TRP A 5 -6.87 -32.25 9.43
C TRP A 5 -6.23 -33.01 10.63
N VAL A 6 -7.04 -33.88 11.29
CA VAL A 6 -6.52 -34.69 12.31
C VAL A 6 -5.74 -35.82 11.67
N PRO A 7 -4.82 -36.40 12.39
CA PRO A 7 -4.07 -37.49 11.81
C PRO A 7 -4.92 -38.66 11.33
N GLN A 8 -6.08 -38.82 11.94
CA GLN A 8 -6.96 -39.93 11.59
C GLN A 8 -7.65 -39.70 10.25
N GLN A 9 -7.61 -38.47 9.73
CA GLN A 9 -8.13 -38.16 8.45
C GLN A 9 -7.15 -38.34 7.33
N LEU A 10 -5.99 -38.91 7.61
CA LEU A 10 -4.98 -39.04 6.60
C LEU A 10 -5.47 -39.79 5.35
N PRO A 11 -6.28 -40.86 5.54
CA PRO A 11 -6.76 -41.56 4.33
C PRO A 11 -7.48 -40.66 3.37
N GLU A 12 -8.28 -39.76 3.90
CA GLU A 12 -9.02 -38.77 3.13
C GLU A 12 -8.13 -37.70 2.42
N ILE A 13 -7.01 -37.32 2.99
CA ILE A 13 -6.20 -36.31 2.36
C ILE A 13 -5.03 -36.91 1.61
N ALA A 14 -4.87 -38.23 1.61
CA ALA A 14 -3.69 -38.80 0.95
C ALA A 14 -3.61 -38.44 -0.52
N GLY A 15 -4.73 -38.58 -1.20
CA GLY A 15 -4.91 -38.09 -2.57
C GLY A 15 -4.54 -36.63 -2.77
N PRO A 16 -5.20 -35.73 -2.05
CA PRO A 16 -4.88 -34.32 -2.11
C PRO A 16 -3.43 -34.02 -1.84
N LEU A 17 -2.81 -34.71 -0.91
CA LEU A 17 -1.41 -34.53 -0.58
C LEU A 17 -0.53 -34.82 -1.77
N LYS A 18 -0.77 -35.99 -2.39
CA LYS A 18 -0.07 -36.42 -3.61
C LYS A 18 -0.23 -35.42 -4.72
N LYS A 19 -1.47 -35.01 -4.96
CA LYS A 19 -1.75 -34.05 -5.98
C LYS A 19 -1.07 -32.69 -5.76
N ALA A 20 -1.03 -32.22 -4.52
CA ALA A 20 -0.32 -30.94 -4.27
C ALA A 20 1.23 -31.06 -4.33
N GLY A 21 1.76 -32.28 -4.30
CA GLY A 21 3.15 -32.54 -4.50
C GLY A 21 3.94 -33.34 -3.48
N LEU A 22 3.29 -33.99 -2.51
CA LEU A 22 3.99 -34.70 -1.48
C LEU A 22 4.63 -35.92 -2.15
N LYS A 23 5.91 -36.11 -1.91
CA LYS A 23 6.65 -37.26 -2.48
C LYS A 23 6.87 -38.37 -1.48
N LEU A 24 6.84 -38.08 -0.19
CA LEU A 24 6.69 -39.15 0.85
C LEU A 24 5.38 -39.95 0.69
N SER A 25 5.37 -41.21 1.14
CA SER A 25 4.15 -41.93 1.09
C SER A 25 3.28 -41.43 2.23
N PRO A 26 1.97 -41.52 2.04
CA PRO A 26 1.07 -41.27 3.16
C PRO A 26 1.33 -42.15 4.39
N GLN A 27 1.83 -43.37 4.21
CA GLN A 27 2.11 -44.23 5.34
C GLN A 27 3.17 -43.58 6.19
N GLN A 28 4.11 -42.89 5.55
CA GLN A 28 5.28 -42.38 6.25
C GLN A 28 4.85 -41.21 7.10
N ILE A 29 3.90 -40.42 6.61
CA ILE A 29 3.25 -39.35 7.39
C ILE A 29 2.32 -39.92 8.46
N SER A 30 1.74 -41.09 8.25
CA SER A 30 0.88 -41.75 9.26
C SER A 30 1.57 -42.11 10.53
N ASP A 31 2.85 -42.39 10.49
CA ASP A 31 3.53 -42.82 11.70
C ASP A 31 3.88 -41.59 12.56
N LEU A 32 3.05 -41.28 13.55
CA LEU A 32 3.22 -40.04 14.31
C LEU A 32 4.39 -40.01 15.25
N THR A 33 5.05 -41.18 15.45
CA THR A 33 6.28 -41.23 16.22
C THR A 33 7.49 -41.62 15.38
N GLY A 34 7.33 -41.58 14.06
CA GLY A 34 8.43 -41.83 13.19
C GLY A 34 8.97 -40.65 12.45
N ASP A 35 9.66 -40.93 11.37
CA ASP A 35 10.35 -39.93 10.65
C ASP A 35 9.47 -39.50 9.51
N PRO A 36 9.15 -38.20 9.42
CA PRO A 36 9.62 -37.07 10.24
C PRO A 36 8.63 -36.58 11.31
N MET A 37 7.43 -37.16 11.37
CA MET A 37 6.37 -36.63 12.23
C MET A 37 6.74 -36.67 13.71
N GLY A 38 7.64 -37.56 14.10
CA GLY A 38 8.03 -37.76 15.50
C GLY A 38 8.94 -36.68 15.95
N ALA A 39 9.38 -35.85 15.01
CA ALA A 39 10.29 -34.73 15.33
C ALA A 39 9.53 -33.48 15.76
N VAL A 40 8.22 -33.49 15.53
CA VAL A 40 7.33 -32.36 15.80
C VAL A 40 6.89 -32.48 17.25
N VAL A 41 7.10 -31.38 17.97
CA VAL A 41 6.75 -31.31 19.44
C VAL A 41 5.83 -30.12 19.80
N ALA A 42 5.07 -30.27 20.88
CA ALA A 42 4.22 -29.19 21.41
C ALA A 42 5.01 -28.52 22.51
N LEU A 43 4.82 -27.20 22.63
CA LEU A 43 5.48 -26.42 23.65
C LEU A 43 4.51 -26.03 24.77
N GLY A 44 3.20 -26.14 24.70
CA GLY A 44 2.28 -25.68 23.81
C GLY A 44 1.68 -24.31 24.25
N GLY A 45 0.66 -23.95 23.56
CA GLY A 45 0.53 -22.60 23.11
C GLY A 45 1.42 -22.29 21.85
N CYS A 46 2.49 -23.04 21.62
CA CYS A 46 3.26 -23.01 20.37
C CYS A 46 3.72 -24.45 20.01
N THR A 47 4.22 -24.57 18.80
CA THR A 47 4.80 -25.80 18.28
C THR A 47 6.30 -25.60 18.12
N ALA A 48 7.01 -26.71 18.02
CA ALA A 48 8.44 -26.68 17.71
C ALA A 48 8.85 -28.01 17.08
N SER A 49 10.14 -28.17 16.85
CA SER A 49 10.61 -29.44 16.36
C SER A 49 12.07 -29.67 16.70
N PHE A 50 12.44 -30.95 16.86
CA PHE A 50 13.83 -31.31 16.97
C PHE A 50 14.52 -31.22 15.67
N VAL A 51 15.74 -30.75 15.76
CA VAL A 51 16.61 -30.57 14.64
C VAL A 51 18.04 -31.09 14.79
N SER A 52 18.28 -31.85 15.84
CA SER A 52 19.54 -32.57 16.00
C SER A 52 19.33 -33.75 16.87
N PRO A 53 20.23 -34.73 16.74
CA PRO A 53 20.11 -35.89 17.59
C PRO A 53 20.48 -35.63 19.07
N ASN A 54 21.04 -34.45 19.36
CA ASN A 54 21.36 -34.07 20.75
C ASN A 54 20.34 -33.08 21.34
N GLY A 55 19.08 -33.16 20.92
CA GLY A 55 17.96 -32.49 21.59
C GLY A 55 17.81 -30.98 21.30
N LEU A 56 18.41 -30.50 20.22
CA LEU A 56 18.17 -29.14 19.76
C LEU A 56 16.80 -29.02 19.15
N VAL A 57 16.10 -27.95 19.54
CA VAL A 57 14.71 -27.72 19.22
C VAL A 57 14.63 -26.28 18.59
N VAL A 58 14.02 -26.14 17.41
CA VAL A 58 13.84 -24.84 16.81
C VAL A 58 12.37 -24.45 16.92
N THR A 59 12.09 -23.17 17.18
CA THR A 59 10.70 -22.66 17.28
C THR A 59 10.81 -21.18 16.88
N ASN A 60 9.71 -20.44 16.97
CA ASN A 60 9.75 -19.02 16.65
C ASN A 60 10.28 -18.20 17.79
N HIS A 61 10.73 -17.01 17.43
CA HIS A 61 11.20 -16.01 18.39
C HIS A 61 10.00 -15.64 19.31
N ALA A 62 8.80 -15.46 18.75
CA ALA A 62 7.64 -15.11 19.59
C ALA A 62 7.31 -16.19 20.58
N CYS A 63 7.60 -17.45 20.25
CA CYS A 63 7.36 -18.54 21.17
C CYS A 63 8.39 -18.60 22.29
N ALA A 64 9.63 -18.28 21.98
CA ALA A 64 10.69 -18.22 22.99
C ALA A 64 10.78 -16.89 23.68
N TYR A 65 9.91 -15.94 23.32
CA TYR A 65 10.00 -14.57 23.81
C TYR A 65 9.95 -14.52 25.39
N GLY A 66 9.04 -15.28 25.97
CA GLY A 66 8.91 -15.36 27.44
C GLY A 66 10.21 -15.82 28.06
N ALA A 67 10.79 -16.89 27.51
CA ALA A 67 12.05 -17.39 27.99
C ALA A 67 13.23 -16.42 27.92
N ILE A 68 13.37 -15.76 26.78
CA ILE A 68 14.35 -14.78 26.58
C ILE A 68 14.15 -13.63 27.56
N GLN A 69 12.90 -13.18 27.67
CA GLN A 69 12.51 -12.10 28.61
C GLN A 69 12.81 -12.49 30.08
N LEU A 70 12.59 -13.73 30.45
CA LEU A 70 12.90 -14.20 31.84
C LEU A 70 14.37 -14.15 32.16
N ASN A 71 15.21 -14.30 31.15
CA ASN A 71 16.68 -14.21 31.26
C ASN A 71 17.26 -12.86 30.99
N SER A 72 16.41 -11.85 30.83
CA SER A 72 16.80 -10.49 30.53
C SER A 72 16.70 -9.57 31.76
N THR A 73 17.52 -8.53 31.78
CA THR A 73 17.39 -7.47 32.77
C THR A 73 17.62 -6.20 31.99
N ALA A 74 17.38 -5.05 32.63
CA ALA A 74 17.55 -3.76 31.95
C ALA A 74 18.99 -3.59 31.52
N GLU A 75 19.92 -4.11 32.31
CA GLU A 75 21.33 -3.91 32.07
C GLU A 75 21.81 -4.88 31.04
N ASN A 76 21.18 -6.06 30.98
CA ASN A 76 21.62 -7.14 30.13
C ASN A 76 20.40 -7.78 29.38
N ASN A 77 20.00 -7.06 28.35
CA ASN A 77 18.71 -7.28 27.73
C ASN A 77 18.84 -8.22 26.51
N LEU A 78 18.63 -9.52 26.79
CA LEU A 78 18.74 -10.55 25.72
C LEU A 78 17.65 -10.39 24.65
N ILE A 79 16.47 -9.80 25.00
CA ILE A 79 15.46 -9.53 23.93
C ILE A 79 16.10 -8.64 22.89
N LYS A 80 16.74 -7.56 23.35
CA LYS A 80 17.46 -6.67 22.44
C LYS A 80 18.74 -7.30 21.80
N ASN A 81 19.57 -7.95 22.58
CA ASN A 81 20.89 -8.29 22.06
C ASN A 81 21.01 -9.63 21.46
N GLY A 82 20.06 -10.50 21.76
CA GLY A 82 20.13 -11.92 21.33
C GLY A 82 20.79 -12.69 22.42
N PHE A 83 20.90 -13.98 22.18
CA PHE A 83 21.64 -14.86 23.05
C PHE A 83 22.31 -15.89 22.22
N ASN A 84 23.50 -16.33 22.66
CA ASN A 84 24.12 -17.46 22.00
C ASN A 84 25.01 -18.21 22.98
N ALA A 85 24.74 -19.48 23.19
CA ALA A 85 25.55 -20.28 24.09
C ALA A 85 26.67 -20.96 23.30
N PRO A 86 27.94 -20.55 23.47
CA PRO A 86 28.91 -21.22 22.55
C PRO A 86 29.01 -22.72 22.78
N THR A 87 28.79 -23.20 24.00
CA THR A 87 28.73 -24.63 24.27
C THR A 87 27.48 -24.90 25.07
N THR A 88 27.05 -26.17 25.13
CA THR A 88 25.81 -26.51 25.79
C THR A 88 25.79 -26.13 27.27
N ALA A 89 26.97 -26.03 27.91
CA ALA A 89 27.01 -25.63 29.33
C ALA A 89 26.68 -24.14 29.52
N ASP A 90 26.79 -23.33 28.47
CA ASP A 90 26.41 -21.91 28.56
C ASP A 90 24.87 -21.68 28.40
N GLU A 91 24.14 -22.72 28.05
CA GLU A 91 22.70 -22.57 27.82
C GLU A 91 22.08 -22.17 29.14
N VAL A 92 21.10 -21.28 29.11
CA VAL A 92 20.40 -20.87 30.33
C VAL A 92 19.02 -21.49 30.38
N SER A 93 18.51 -21.71 31.58
CA SER A 93 17.18 -22.25 31.70
C SER A 93 16.11 -21.34 31.09
N ALA A 94 15.16 -21.95 30.35
CA ALA A 94 14.04 -21.21 29.77
C ALA A 94 12.96 -20.89 30.80
N GLY A 95 13.15 -21.30 32.03
CA GLY A 95 12.16 -21.08 33.06
C GLY A 95 11.54 -22.37 33.58
N PRO A 96 11.09 -22.38 34.84
CA PRO A 96 10.61 -23.67 35.35
C PRO A 96 9.37 -24.18 34.61
N ASN A 97 8.60 -23.27 34.04
CA ASN A 97 7.34 -23.72 33.38
C ASN A 97 7.49 -24.08 31.91
N ALA A 98 8.68 -23.90 31.34
CA ALA A 98 8.92 -24.28 29.96
C ALA A 98 8.85 -25.79 29.80
N ARG A 99 8.35 -26.26 28.64
CA ARG A 99 8.06 -27.67 28.43
C ARG A 99 8.29 -27.99 26.93
N VAL A 100 8.72 -29.23 26.71
CA VAL A 100 8.71 -29.85 25.37
C VAL A 100 7.92 -31.13 25.55
N PHE A 101 6.83 -31.24 24.81
CA PHE A 101 6.03 -32.43 24.83
C PHE A 101 6.25 -33.25 23.57
N VAL A 102 6.69 -34.51 23.77
CA VAL A 102 6.96 -35.43 22.64
C VAL A 102 5.90 -36.48 22.59
N LEU A 103 5.25 -36.60 21.44
CA LEU A 103 4.11 -37.47 21.31
C LEU A 103 4.49 -38.95 21.46
N ASP A 104 3.71 -39.63 22.27
CA ASP A 104 3.94 -41.03 22.58
C ASP A 104 2.80 -41.89 22.10
N GLU A 105 1.54 -41.51 22.31
CA GLU A 105 0.41 -42.33 21.98
C GLU A 105 -0.88 -41.53 21.92
N ILE A 106 -1.78 -41.88 20.99
CA ILE A 106 -3.11 -41.33 20.92
C ILE A 106 -4.05 -42.50 20.99
N THR A 107 -5.09 -42.37 21.83
CA THR A 107 -6.09 -43.40 22.07
C THR A 107 -7.46 -42.78 21.92
N ASP A 108 -8.32 -43.40 21.13
CA ASP A 108 -9.68 -43.03 21.09
C ASP A 108 -10.42 -43.50 22.35
N VAL A 109 -11.08 -42.58 23.04
CA VAL A 109 -11.82 -42.89 24.27
C VAL A 109 -13.23 -42.46 24.17
N THR A 110 -13.74 -42.35 22.94
CA THR A 110 -15.05 -41.75 22.70
C THR A 110 -16.21 -42.45 23.39
N LYS A 111 -16.22 -43.78 23.25
CA LYS A 111 -17.34 -44.60 23.72
C LYS A 111 -17.48 -44.45 25.23
N ASP A 112 -16.34 -44.62 25.91
CA ASP A 112 -16.22 -44.50 27.39
C ASP A 112 -16.59 -43.13 27.96
N ALA A 113 -16.05 -42.10 27.29
CA ALA A 113 -16.40 -40.74 27.63
C ALA A 113 -17.89 -40.53 27.53
N LYS A 114 -18.49 -40.87 26.42
CA LYS A 114 -19.89 -40.68 26.28
C LYS A 114 -20.73 -41.50 27.31
N ALA A 115 -20.32 -42.73 27.58
CA ALA A 115 -20.98 -43.55 28.64
C ALA A 115 -20.89 -42.89 30.00
N ALA A 116 -19.71 -42.34 30.35
CA ALA A 116 -19.58 -41.64 31.63
C ALA A 116 -20.51 -40.43 31.67
N ILE A 117 -20.74 -39.77 30.53
CA ILE A 117 -21.62 -38.60 30.47
C ILE A 117 -23.09 -39.01 30.62
N ALA A 118 -23.45 -40.06 29.92
CA ALA A 118 -24.86 -40.50 29.95
C ALA A 118 -25.23 -40.99 31.36
N ALA A 119 -24.27 -41.63 32.03
CA ALA A 119 -24.48 -42.13 33.42
C ALA A 119 -24.87 -41.04 34.39
N ALA A 120 -24.54 -39.78 34.14
CA ALA A 120 -24.92 -38.69 35.04
C ALA A 120 -26.39 -38.43 35.08
N GLY A 121 -27.10 -38.86 34.05
CA GLY A 121 -28.51 -38.48 33.92
C GLY A 121 -28.85 -37.05 33.50
N ASP A 122 -30.02 -36.58 33.93
CA ASP A 122 -30.57 -35.28 33.56
C ASP A 122 -29.91 -34.03 34.10
N ASP A 123 -29.11 -34.13 35.15
CA ASP A 123 -28.63 -32.93 35.82
C ASP A 123 -27.39 -32.34 35.10
N ALA A 124 -27.43 -31.08 34.73
CA ALA A 124 -26.32 -30.44 34.03
C ALA A 124 -25.03 -30.42 34.83
N LEU A 125 -25.14 -30.08 36.12
CA LEU A 125 -23.96 -29.96 36.96
C LEU A 125 -23.36 -31.36 37.17
N ALA A 126 -24.21 -32.37 37.36
CA ALA A 126 -23.73 -33.72 37.53
C ALA A 126 -23.03 -34.19 36.24
N ARG A 127 -23.57 -33.75 35.11
CA ARG A 127 -22.99 -34.15 33.84
C ARG A 127 -21.56 -33.61 33.67
N THR A 128 -21.39 -32.31 33.89
CA THR A 128 -20.00 -31.74 34.01
C THR A 128 -19.13 -32.53 34.96
N LYS A 129 -19.57 -32.73 36.21
CA LYS A 129 -18.77 -33.43 37.21
C LYS A 129 -18.43 -34.88 36.83
N ALA A 130 -19.33 -35.57 36.10
CA ALA A 130 -19.10 -36.93 35.58
C ALA A 130 -18.03 -36.93 34.57
N LEU A 131 -18.08 -35.94 33.67
CA LEU A 131 -16.99 -35.87 32.69
C LEU A 131 -15.68 -35.51 33.35
N GLU A 132 -15.73 -34.58 34.31
CA GLU A 132 -14.49 -34.27 35.06
C GLU A 132 -13.88 -35.53 35.69
N ALA A 133 -14.76 -36.34 36.30
CA ALA A 133 -14.32 -37.53 37.03
C ALA A 133 -13.73 -38.56 36.11
N PHE A 134 -14.37 -38.76 34.98
CA PHE A 134 -13.84 -39.59 33.90
C PHE A 134 -12.46 -39.14 33.43
N GLU A 135 -12.39 -37.86 33.07
CA GLU A 135 -11.12 -37.29 32.66
C GLU A 135 -10.03 -37.49 33.72
N LYS A 136 -10.32 -37.13 34.98
CA LYS A 136 -9.25 -37.24 35.99
C LYS A 136 -8.73 -38.69 36.12
N LYS A 137 -9.63 -39.65 36.02
CA LYS A 137 -9.26 -41.07 36.20
C LYS A 137 -8.35 -41.54 35.07
N LEU A 138 -8.84 -41.32 33.87
CA LEU A 138 -8.11 -41.58 32.66
C LEU A 138 -6.72 -40.99 32.67
N ILE A 139 -6.63 -39.72 33.01
CA ILE A 139 -5.34 -39.06 33.09
C ILE A 139 -4.45 -39.67 34.19
N ALA A 140 -4.99 -39.88 35.39
CA ALA A 140 -4.19 -40.53 36.44
C ALA A 140 -3.58 -41.88 36.00
N ASP A 141 -4.41 -42.68 35.35
CA ASP A 141 -4.01 -43.95 34.77
C ASP A 141 -2.89 -43.80 33.77
N CYS A 142 -3.10 -42.92 32.80
CA CYS A 142 -2.09 -42.64 31.77
C CYS A 142 -0.76 -42.10 32.35
N GLU A 143 -0.84 -41.27 33.39
CA GLU A 143 0.35 -40.61 33.95
C GLU A 143 0.99 -41.45 35.07
N ALA A 144 0.46 -42.65 35.33
CA ALA A 144 1.11 -43.62 36.22
C ALA A 144 2.54 -43.87 35.76
N GLU A 145 2.80 -43.99 34.45
CA GLU A 145 4.21 -44.08 33.96
C GLU A 145 4.96 -42.73 34.12
N ALA A 146 6.02 -42.73 34.92
CA ALA A 146 6.73 -41.51 35.31
C ALA A 146 7.31 -40.81 34.08
N GLY A 147 7.03 -39.51 33.95
CA GLY A 147 7.69 -38.68 32.90
C GLY A 147 6.74 -38.29 31.79
N PHE A 148 5.51 -38.79 31.88
CA PHE A 148 4.47 -38.59 30.88
C PHE A 148 3.35 -37.69 31.38
N ARG A 149 2.89 -36.80 30.49
CA ARG A 149 1.69 -35.98 30.71
C ARG A 149 0.68 -36.31 29.64
N CYS A 150 -0.58 -36.41 30.03
CA CYS A 150 -1.66 -36.82 29.21
C CYS A 150 -2.70 -35.74 29.19
N ARG A 151 -3.46 -35.71 28.12
CA ARG A 151 -4.45 -34.72 27.92
C ARG A 151 -5.60 -35.34 27.18
N LEU A 152 -6.80 -35.03 27.58
CA LEU A 152 -7.98 -35.45 26.97
C LEU A 152 -8.52 -34.34 26.09
N TYR A 153 -8.78 -34.67 24.84
CA TYR A 153 -9.35 -33.74 23.89
C TYR A 153 -10.73 -34.12 23.46
N SER A 154 -11.61 -33.14 23.42
CA SER A 154 -12.88 -33.27 22.82
C SER A 154 -12.84 -32.63 21.44
N PHE A 155 -13.38 -33.35 20.45
CA PHE A 155 -13.46 -32.86 19.05
C PHE A 155 -14.92 -32.72 18.66
N SER A 156 -15.15 -31.79 17.73
CA SER A 156 -16.44 -31.66 17.01
C SER A 156 -17.58 -31.58 18.01
N GLY A 157 -17.44 -30.74 19.01
CA GLY A 157 -18.50 -30.49 19.95
C GLY A 157 -18.82 -31.60 20.95
N GLY A 158 -17.88 -32.53 21.12
CA GLY A 158 -18.13 -33.70 21.97
C GLY A 158 -18.58 -34.96 21.22
N ASN A 159 -18.30 -35.05 19.90
CA ASN A 159 -18.64 -36.24 19.14
C ASN A 159 -17.57 -37.24 19.14
N THR A 160 -16.36 -36.83 19.53
CA THR A 160 -15.19 -37.71 19.57
C THR A 160 -14.30 -37.18 20.68
N TYR A 161 -13.66 -38.12 21.33
CA TYR A 161 -12.70 -37.86 22.39
C TYR A 161 -11.51 -38.68 22.13
N ARG A 162 -10.34 -38.05 22.20
CA ARG A 162 -9.12 -38.78 22.22
C ARG A 162 -8.21 -38.32 23.33
N LEU A 163 -7.51 -39.29 23.87
CA LEU A 163 -6.45 -39.10 24.86
C LEU A 163 -5.07 -39.09 24.24
N PHE A 164 -4.31 -38.05 24.52
CA PHE A 164 -2.98 -37.98 24.07
C PHE A 164 -2.05 -38.24 25.23
N LYS A 165 -1.02 -39.05 25.00
CA LYS A 165 0.07 -39.19 25.96
C LYS A 165 1.36 -38.67 25.38
N ASN A 166 2.02 -37.80 26.14
CA ASN A 166 3.27 -37.22 25.78
C ASN A 166 4.36 -37.44 26.78
N LEU A 167 5.57 -37.60 26.29
CA LEU A 167 6.71 -37.47 27.17
C LEU A 167 6.84 -35.98 27.56
N GLU A 168 7.04 -35.65 28.83
CA GLU A 168 7.04 -34.26 29.28
C GLU A 168 8.41 -33.85 29.71
N ILE A 169 9.18 -33.20 28.83
CA ILE A 169 10.46 -32.69 29.18
C ILE A 169 10.28 -31.37 29.93
N LYS A 170 10.96 -31.28 31.07
CA LYS A 170 10.71 -30.24 32.05
C LYS A 170 11.95 -29.42 32.28
N ASP A 171 13.05 -29.68 31.60
CA ASP A 171 14.28 -28.90 31.70
C ASP A 171 14.57 -28.45 30.26
N VAL A 172 13.99 -27.31 29.89
CA VAL A 172 14.20 -26.71 28.56
C VAL A 172 15.16 -25.54 28.75
N ARG A 173 16.17 -25.44 27.91
CA ARG A 173 17.11 -24.35 27.96
C ARG A 173 17.20 -23.54 26.66
N LEU A 174 17.49 -22.28 26.81
CA LEU A 174 17.68 -21.38 25.70
C LEU A 174 19.10 -21.61 25.15
N ALA A 175 19.21 -21.97 23.87
CA ALA A 175 20.45 -22.15 23.22
C ALA A 175 20.80 -21.01 22.32
N TYR A 176 19.82 -20.27 21.81
CA TYR A 176 20.08 -19.21 20.82
C TYR A 176 18.81 -18.44 20.52
N ALA A 177 18.98 -17.13 20.38
CA ALA A 177 17.96 -16.21 19.93
C ALA A 177 18.68 -15.16 19.19
N PRO A 178 18.16 -14.78 18.00
CA PRO A 178 18.77 -13.69 17.28
C PRO A 178 18.43 -12.41 18.00
N PRO A 179 19.18 -11.37 17.74
CA PRO A 179 18.66 -10.10 18.33
C PRO A 179 17.21 -9.81 17.96
N GLY A 180 16.51 -9.13 18.88
CA GLY A 180 15.15 -8.71 18.75
C GLY A 180 14.86 -7.99 17.46
N SER A 181 15.77 -7.13 17.02
CA SER A 181 15.55 -6.49 15.73
C SER A 181 15.56 -7.45 14.53
N VAL A 182 16.02 -8.70 14.68
CA VAL A 182 15.85 -9.73 13.66
C VAL A 182 14.65 -10.62 13.97
N GLY A 183 14.64 -11.15 15.20
CA GLY A 183 13.53 -11.92 15.69
C GLY A 183 12.12 -11.38 15.58
N LYS A 184 11.98 -10.06 15.75
CA LYS A 184 10.77 -9.33 15.76
C LYS A 184 11.00 -8.08 14.92
N PHE A 185 11.77 -8.18 13.82
CA PHE A 185 11.86 -7.06 12.92
C PHE A 185 10.49 -6.53 12.49
N GLY A 186 10.34 -5.22 12.57
CA GLY A 186 9.07 -4.62 12.28
C GLY A 186 8.03 -4.63 13.42
N GLY A 187 8.30 -5.32 14.53
CA GLY A 187 7.51 -5.21 15.74
C GLY A 187 6.03 -5.38 15.50
N ASP A 188 5.29 -4.55 16.21
CA ASP A 188 3.86 -4.53 16.09
C ASP A 188 3.32 -3.87 14.84
N ILE A 189 4.13 -3.07 14.21
CA ILE A 189 3.78 -2.48 12.92
C ILE A 189 3.55 -3.53 11.83
N ASP A 190 4.51 -4.51 11.72
CA ASP A 190 4.47 -5.54 10.72
C ASP A 190 3.75 -6.81 11.20
N ASN A 191 3.42 -6.88 12.51
CA ASN A 191 2.71 -8.06 13.02
C ASN A 191 1.40 -8.18 12.34
N TRP A 192 1.04 -9.40 12.00
CA TRP A 192 -0.16 -9.68 11.22
C TRP A 192 -0.10 -9.10 9.84
N MET A 193 1.09 -8.84 9.30
CA MET A 193 1.14 -8.19 7.98
C MET A 193 2.16 -8.87 7.02
N TRP A 194 1.82 -8.77 5.73
CA TRP A 194 2.73 -9.03 4.61
C TRP A 194 2.72 -7.77 3.78
N PRO A 195 3.85 -7.36 3.15
CA PRO A 195 5.17 -8.02 3.16
C PRO A 195 5.79 -8.14 4.56
N ARG A 196 6.53 -9.23 4.81
CA ARG A 196 7.07 -9.50 6.13
C ARG A 196 8.56 -9.81 5.95
N HIS A 197 9.36 -9.34 6.88
CA HIS A 197 10.87 -9.45 6.85
C HIS A 197 11.51 -9.84 8.20
N THR A 198 10.96 -10.85 8.83
CA THR A 198 11.15 -11.13 10.21
C THR A 198 11.88 -12.47 10.33
N GLY A 199 13.01 -12.42 11.07
CA GLY A 199 13.78 -13.65 11.40
C GLY A 199 13.16 -14.35 12.59
N ALA A 200 12.02 -15.00 12.39
CA ALA A 200 11.11 -15.38 13.49
C ALA A 200 11.51 -16.77 13.97
N PHE A 201 12.67 -16.86 14.61
CA PHE A 201 13.22 -18.15 15.12
C PHE A 201 14.04 -18.00 16.39
N ALA A 202 14.20 -19.14 17.04
CA ALA A 202 15.03 -19.29 18.24
C ALA A 202 15.21 -20.74 18.51
N PHE A 203 16.22 -21.05 19.30
CA PHE A 203 16.50 -22.46 19.65
C PHE A 203 16.52 -22.73 21.14
N TYR A 204 15.90 -23.85 21.51
CA TYR A 204 16.00 -24.42 22.85
C TYR A 204 16.87 -25.68 22.75
N ARG A 205 17.25 -26.23 23.89
CA ARG A 205 17.72 -27.65 24.00
C ARG A 205 16.97 -28.33 25.11
N ALA A 206 16.43 -29.51 24.82
CA ALA A 206 15.71 -30.34 25.74
C ALA A 206 16.71 -31.19 26.56
N TYR A 207 16.49 -31.24 27.88
CA TYR A 207 17.38 -32.01 28.86
C TYR A 207 16.57 -33.03 29.68
N VAL A 208 17.21 -34.15 30.03
CA VAL A 208 16.58 -35.13 30.90
C VAL A 208 17.63 -35.53 31.94
N GLY A 209 17.23 -36.35 32.88
CA GLY A 209 18.17 -36.86 33.91
C GLY A 209 19.18 -37.81 33.29
N LYS A 210 20.22 -38.16 34.06
CA LYS A 210 21.23 -39.09 33.55
C LYS A 210 20.64 -40.48 33.32
N ASP A 211 19.58 -40.79 34.04
CA ASP A 211 18.78 -41.99 33.85
C ASP A 211 17.83 -41.92 32.68
N GLY A 212 17.93 -40.86 31.87
CA GLY A 212 17.13 -40.72 30.68
C GLY A 212 15.72 -40.23 30.95
N LYS A 213 15.38 -39.98 32.21
CA LYS A 213 14.00 -39.71 32.53
C LYS A 213 13.80 -38.18 32.71
N PRO A 214 12.62 -37.65 32.28
CA PRO A 214 12.38 -36.20 32.54
C PRO A 214 12.69 -35.80 33.97
N ALA A 215 13.25 -34.61 34.15
CA ALA A 215 13.51 -34.01 35.47
C ALA A 215 13.48 -32.49 35.33
N ALA A 216 13.28 -31.79 36.44
CA ALA A 216 13.36 -30.36 36.47
C ALA A 216 14.81 -29.97 36.40
N PHE A 217 15.03 -28.68 36.24
CA PHE A 217 16.35 -28.19 35.95
C PHE A 217 17.34 -28.64 37.00
N SER A 218 18.47 -29.15 36.54
CA SER A 218 19.62 -29.46 37.38
C SER A 218 20.85 -29.51 36.50
N LYS A 219 21.97 -29.06 37.06
CA LYS A 219 23.26 -29.15 36.37
C LYS A 219 23.73 -30.54 36.10
N ASP A 220 23.09 -31.56 36.67
CA ASP A 220 23.43 -32.96 36.36
C ASP A 220 22.65 -33.49 35.17
N ASN A 221 21.67 -32.71 34.69
CA ASN A 221 20.93 -33.17 33.52
C ASN A 221 21.75 -33.14 32.27
N VAL A 222 21.30 -33.88 31.28
CA VAL A 222 22.04 -34.01 30.04
C VAL A 222 21.07 -33.86 28.87
N PRO A 223 21.59 -33.55 27.69
CA PRO A 223 20.68 -33.41 26.54
C PRO A 223 19.86 -34.65 26.22
N TYR A 224 18.60 -34.44 25.88
CA TYR A 224 17.70 -35.50 25.45
C TYR A 224 18.12 -35.91 24.07
N GLN A 225 18.10 -37.22 23.86
CA GLN A 225 18.42 -37.88 22.57
C GLN A 225 17.16 -38.29 21.81
N PRO A 226 16.64 -37.38 20.93
CA PRO A 226 15.38 -37.70 20.28
C PRO A 226 15.53 -38.83 19.28
N LYS A 227 14.49 -39.62 19.14
CA LYS A 227 14.43 -40.72 18.19
C LYS A 227 14.49 -40.16 16.76
N HIS A 228 13.73 -39.08 16.52
CA HIS A 228 13.69 -38.41 15.25
C HIS A 228 13.92 -36.89 15.32
N TRP A 229 14.62 -36.38 14.30
CA TRP A 229 14.82 -34.93 14.18
C TRP A 229 14.72 -34.57 12.68
N LEU A 230 14.45 -33.33 12.39
CA LEU A 230 14.29 -32.90 11.03
C LEU A 230 15.63 -32.53 10.42
N LYS A 231 15.68 -32.66 9.11
CA LYS A 231 16.85 -32.15 8.39
C LYS A 231 16.50 -30.99 7.45
N PHE A 232 17.39 -30.03 7.32
CA PHE A 232 17.21 -28.95 6.42
C PHE A 232 17.13 -29.42 4.95
N ALA A 233 16.23 -28.83 4.18
CA ALA A 233 16.18 -29.02 2.75
C ALA A 233 17.57 -28.88 2.10
N ASP A 234 17.85 -29.76 1.15
CA ASP A 234 18.95 -29.57 0.20
C ASP A 234 18.43 -29.03 -1.14
N GLN A 235 17.13 -28.90 -1.34
CA GLN A 235 16.61 -28.34 -2.59
C GLN A 235 15.98 -26.97 -2.30
N PRO A 236 16.27 -25.96 -3.11
CA PRO A 236 15.71 -24.63 -2.90
C PRO A 236 14.22 -24.54 -3.07
N LEU A 237 13.55 -24.04 -2.05
CA LEU A 237 12.12 -23.80 -2.16
C LEU A 237 11.78 -22.60 -3.05
N GLY A 238 10.82 -22.85 -3.92
CA GLY A 238 10.35 -21.98 -4.96
C GLY A 238 8.87 -21.81 -4.97
N ALA A 239 8.43 -20.78 -5.69
CA ALA A 239 7.05 -20.51 -5.90
C ALA A 239 6.35 -21.70 -6.51
N GLY A 240 5.18 -22.01 -5.97
CA GLY A 240 4.37 -23.18 -6.39
C GLY A 240 4.73 -24.50 -5.72
N ASP A 241 5.85 -24.57 -5.00
CA ASP A 241 6.30 -25.82 -4.49
C ASP A 241 5.38 -26.31 -3.33
N PHE A 242 5.24 -27.62 -3.19
CA PHE A 242 4.49 -28.22 -2.09
C PHE A 242 5.11 -27.86 -0.70
N VAL A 243 4.23 -27.55 0.24
CA VAL A 243 4.64 -27.45 1.67
C VAL A 243 3.50 -28.04 2.55
N MET A 244 3.91 -28.57 3.70
CA MET A 244 3.04 -29.02 4.74
C MET A 244 3.55 -28.61 6.11
N VAL A 245 2.61 -28.50 7.01
CA VAL A 245 2.89 -28.15 8.40
C VAL A 245 2.14 -29.18 9.24
N ALA A 246 2.82 -29.62 10.29
CA ALA A 246 2.22 -30.30 11.41
C ALA A 246 2.49 -29.45 12.63
N GLY A 247 1.45 -29.31 13.45
CA GLY A 247 1.54 -28.63 14.71
C GLY A 247 0.20 -28.64 15.47
N TYR A 248 0.06 -27.66 16.39
CA TYR A 248 -0.92 -27.69 17.47
C TYR A 248 -1.78 -26.39 17.54
N PRO A 249 -2.62 -26.18 16.53
CA PRO A 249 -3.50 -25.03 16.50
C PRO A 249 -4.49 -25.13 17.69
N GLY A 250 -4.69 -24.01 18.31
CA GLY A 250 -5.33 -23.87 19.61
C GLY A 250 -6.85 -23.89 19.51
N SER A 251 -7.43 -22.94 18.78
CA SER A 251 -8.88 -22.89 18.65
C SER A 251 -9.29 -22.11 17.39
N THR A 252 -10.31 -22.64 16.76
CA THR A 252 -11.08 -22.01 15.69
C THR A 252 -12.56 -22.10 16.04
N ASN A 253 -13.38 -21.31 15.38
CA ASN A 253 -14.83 -21.26 15.69
C ASN A 253 -15.66 -21.31 14.39
N ARG A 254 -15.26 -22.16 13.49
CA ARG A 254 -15.92 -22.28 12.21
C ARG A 254 -17.26 -22.97 12.33
N TYR A 255 -17.43 -23.76 13.38
CA TYR A 255 -18.72 -24.37 13.67
C TYR A 255 -19.28 -23.51 14.82
N ALA A 256 -20.23 -22.67 14.57
CA ALA A 256 -20.67 -21.77 15.64
C ALA A 256 -21.97 -21.28 15.21
N LEU A 257 -22.81 -20.99 16.20
CA LEU A 257 -24.07 -20.34 15.88
C LEU A 257 -23.79 -18.92 15.38
N ALA A 258 -24.64 -18.47 14.49
CA ALA A 258 -24.71 -17.05 14.13
C ALA A 258 -24.64 -16.09 15.27
N ALA A 259 -25.41 -16.38 16.33
CA ALA A 259 -25.40 -15.54 17.46
C ALA A 259 -24.10 -15.49 18.22
N GLU A 260 -23.35 -16.60 18.24
CA GLU A 260 -22.06 -16.65 18.91
C GLU A 260 -21.06 -15.76 18.10
N PHE A 261 -21.09 -15.84 16.78
CA PHE A 261 -20.36 -14.91 15.94
C PHE A 261 -20.76 -13.47 16.21
N ASP A 262 -22.06 -13.23 16.27
CA ASP A 262 -22.51 -11.85 16.43
C ASP A 262 -22.05 -11.27 17.77
N ASN A 263 -22.11 -12.03 18.85
CA ASN A 263 -21.67 -11.54 20.13
C ASN A 263 -20.14 -11.27 20.15
N THR A 264 -19.42 -12.09 19.43
CA THR A 264 -17.98 -11.97 19.40
C THR A 264 -17.58 -10.72 18.64
N ALA A 265 -18.17 -10.53 17.47
CA ALA A 265 -17.86 -9.35 16.66
C ALA A 265 -18.34 -8.09 17.26
N GLN A 266 -19.50 -8.12 17.93
CA GLN A 266 -20.14 -6.90 18.37
C GLN A 266 -19.69 -6.53 19.77
N TRP A 267 -19.30 -7.47 20.59
CA TRP A 267 -18.93 -7.21 21.97
C TRP A 267 -17.57 -7.83 22.39
N THR A 268 -17.33 -9.11 22.22
CA THR A 268 -16.10 -9.67 22.79
C THR A 268 -14.81 -9.00 22.28
N TYR A 269 -14.62 -8.99 20.99
CA TYR A 269 -13.36 -8.49 20.40
C TYR A 269 -13.16 -7.00 20.59
N PRO A 270 -14.16 -6.19 20.32
CA PRO A 270 -13.95 -4.79 20.59
C PRO A 270 -13.70 -4.45 22.03
N THR A 271 -14.36 -5.15 22.92
CA THR A 271 -14.13 -4.93 24.37
C THR A 271 -12.73 -5.26 24.81
N ILE A 272 -12.32 -6.46 24.45
CA ILE A 272 -10.96 -6.93 24.79
C ILE A 272 -9.91 -6.10 24.11
N ALA A 273 -10.12 -5.76 22.82
CA ALA A 273 -9.14 -4.92 22.13
C ALA A 273 -8.97 -3.55 22.81
N ARG A 274 -10.10 -2.96 23.24
CA ARG A 274 -10.03 -1.70 23.94
C ARG A 274 -9.25 -1.83 25.27
N HIS A 275 -9.61 -2.81 26.10
CA HIS A 275 -8.95 -2.98 27.43
C HIS A 275 -7.43 -3.19 27.22
N TYR A 276 -7.11 -4.04 26.29
CA TYR A 276 -5.71 -4.29 25.97
C TYR A 276 -4.96 -3.07 25.49
N LYS A 277 -5.55 -2.31 24.54
CA LYS A 277 -4.92 -1.09 24.09
C LYS A 277 -4.75 -0.07 25.20
N ASN A 278 -5.73 0.07 26.12
CA ASN A 278 -5.57 0.89 27.33
C ASN A 278 -4.45 0.48 28.23
N GLN A 279 -4.23 -0.83 28.47
CA GLN A 279 -3.17 -1.29 29.30
C GLN A 279 -1.85 -1.10 28.61
N ILE A 280 -1.81 -1.37 27.31
CA ILE A 280 -0.59 -1.09 26.54
C ILE A 280 -0.12 0.35 26.74
N ALA A 281 -1.01 1.28 26.54
CA ALA A 281 -0.70 2.70 26.63
C ALA A 281 -0.07 3.05 27.95
N MET A 282 -0.61 2.49 29.03
CA MET A 282 -0.06 2.81 30.39
C MET A 282 1.30 2.22 30.61
N VAL A 283 1.47 0.96 30.24
CA VAL A 283 2.73 0.31 30.41
C VAL A 283 3.81 0.86 29.52
N GLU A 284 3.45 1.21 28.31
CA GLU A 284 4.36 1.82 27.34
C GLU A 284 4.90 3.15 27.88
N ALA A 285 4.00 3.99 28.39
CA ALA A 285 4.29 5.32 28.92
C ALA A 285 5.19 5.17 30.13
N ALA A 286 4.86 4.22 30.98
CA ALA A 286 5.68 3.94 32.16
C ALA A 286 7.06 3.35 31.86
N GLY A 287 7.13 2.50 30.86
CA GLY A 287 8.39 1.92 30.54
C GLY A 287 9.39 2.84 29.83
N LYS A 288 8.87 3.87 29.17
CA LYS A 288 9.63 4.97 28.55
C LYS A 288 10.52 5.61 29.65
N GLN A 289 10.00 5.67 30.88
CA GLN A 289 10.74 6.25 32.00
C GLN A 289 11.46 5.29 32.93
N ASN A 290 11.36 3.98 32.74
CA ASN A 290 11.87 3.05 33.71
C ASN A 290 12.18 1.82 32.96
N ALA A 291 13.45 1.54 32.71
CA ALA A 291 13.80 0.46 31.83
C ALA A 291 13.53 -0.93 32.50
N ASP A 292 13.51 -0.99 33.83
CA ASP A 292 13.09 -2.19 34.56
C ASP A 292 11.61 -2.53 34.26
N ILE A 293 10.71 -1.55 34.28
CA ILE A 293 9.32 -1.84 33.93
C ILE A 293 9.26 -2.29 32.43
N GLN A 294 10.05 -1.64 31.59
CA GLN A 294 10.07 -1.97 30.15
C GLN A 294 10.47 -3.40 29.92
N VAL A 295 11.52 -3.88 30.51
CA VAL A 295 11.87 -5.30 30.36
C VAL A 295 10.99 -6.31 31.08
N LYS A 296 10.51 -5.96 32.28
CA LYS A 296 9.74 -6.91 33.03
C LYS A 296 8.37 -7.12 32.40
N TYR A 297 7.80 -6.08 31.78
CA TYR A 297 6.48 -6.19 31.16
C TYR A 297 6.51 -6.54 29.66
N ALA A 298 7.67 -6.79 29.08
CA ALA A 298 7.78 -6.87 27.63
C ALA A 298 6.99 -8.05 27.10
N ALA A 299 7.00 -9.20 27.83
CA ALA A 299 6.27 -10.36 27.30
C ALA A 299 4.76 -10.18 27.39
N THR A 300 4.29 -9.64 28.51
CA THR A 300 2.88 -9.25 28.65
C THR A 300 2.47 -8.29 27.54
N MET A 301 3.31 -7.28 27.34
CA MET A 301 3.02 -6.32 26.30
C MET A 301 2.98 -6.97 24.92
N ALA A 302 3.91 -7.88 24.64
CA ALA A 302 3.86 -8.57 23.33
C ALA A 302 2.52 -9.29 23.12
N GLY A 303 1.95 -9.85 24.17
CA GLY A 303 0.69 -10.58 24.06
C GLY A 303 -0.48 -9.65 23.93
N TRP A 304 -0.50 -8.56 24.71
CA TRP A 304 -1.57 -7.57 24.57
C TRP A 304 -1.60 -7.01 23.13
N ASN A 305 -0.43 -6.62 22.62
CA ASN A 305 -0.30 -6.09 21.27
C ASN A 305 -0.80 -7.09 20.25
N ASN A 306 -0.32 -8.35 20.36
CA ASN A 306 -0.60 -9.39 19.36
C ASN A 306 -2.09 -9.67 19.35
N THR A 307 -2.71 -9.80 20.53
CA THR A 307 -4.13 -10.16 20.55
C THR A 307 -4.96 -8.97 20.17
N SER A 308 -4.71 -7.81 20.72
CA SER A 308 -5.55 -6.68 20.30
C SER A 308 -5.48 -6.41 18.80
N LYS A 309 -4.28 -6.50 18.23
CA LYS A 309 -4.21 -6.30 16.74
C LYS A 309 -4.92 -7.39 15.95
N ASN A 310 -4.85 -8.63 16.45
CA ASN A 310 -5.52 -9.72 15.85
C ASN A 310 -6.99 -9.42 15.78
N TYR A 311 -7.54 -8.93 16.88
CA TYR A 311 -8.99 -8.66 16.97
C TYR A 311 -9.42 -7.53 16.08
N ASP A 312 -8.62 -6.49 16.00
CA ASP A 312 -8.86 -5.43 15.02
C ASP A 312 -8.90 -5.99 13.63
N GLY A 313 -7.95 -6.87 13.31
CA GLY A 313 -7.91 -7.45 11.99
C GLY A 313 -9.12 -8.36 11.74
N GLN A 314 -9.55 -9.16 12.74
CA GLN A 314 -10.77 -10.01 12.54
C GLN A 314 -11.99 -9.10 12.22
N LEU A 315 -12.16 -8.01 12.99
CA LEU A 315 -13.30 -7.11 12.81
C LEU A 315 -13.30 -6.54 11.39
N GLU A 316 -12.11 -6.19 10.91
CA GLU A 316 -11.96 -5.66 9.56
C GLU A 316 -12.25 -6.77 8.49
N GLY A 317 -11.82 -8.02 8.72
CA GLY A 317 -12.02 -9.13 7.77
C GLY A 317 -13.51 -9.48 7.74
N PHE A 318 -14.17 -9.46 8.90
CA PHE A 318 -15.64 -9.72 8.93
C PHE A 318 -16.36 -8.74 8.01
N LYS A 319 -15.98 -7.47 8.11
CA LYS A 319 -16.59 -6.48 7.24
C LYS A 319 -16.21 -6.75 5.80
N ARG A 320 -14.96 -7.15 5.50
CA ARG A 320 -14.60 -7.41 4.14
C ARG A 320 -15.41 -8.51 3.47
N ILE A 321 -15.64 -9.59 4.15
CA ILE A 321 -16.38 -10.71 3.58
C ILE A 321 -17.84 -10.82 4.03
N ASP A 322 -18.37 -9.81 4.69
CA ASP A 322 -19.71 -9.86 5.28
C ASP A 322 -19.92 -11.11 6.09
N ALA A 323 -19.06 -11.33 7.05
CA ALA A 323 -19.13 -12.57 7.81
C ALA A 323 -20.52 -12.72 8.56
N ALA A 324 -21.09 -11.61 9.00
CA ALA A 324 -22.36 -11.62 9.77
C ALA A 324 -23.46 -12.18 8.87
N GLY A 325 -23.47 -11.68 7.61
CA GLY A 325 -24.40 -12.13 6.58
C GLY A 325 -24.18 -13.55 6.15
N GLN A 326 -22.92 -13.96 6.04
CA GLN A 326 -22.68 -15.34 5.69
C GLN A 326 -23.14 -16.28 6.79
N LYS A 327 -22.93 -15.87 8.04
CA LYS A 327 -23.30 -16.74 9.15
C LYS A 327 -24.84 -16.85 9.20
N LEU A 328 -25.51 -15.73 9.02
CA LEU A 328 -26.98 -15.65 9.06
C LEU A 328 -27.57 -16.51 7.95
N ARG A 329 -27.07 -16.36 6.74
CA ARG A 329 -27.60 -17.16 5.64
C ARG A 329 -27.32 -18.65 5.78
N GLU A 330 -26.11 -18.99 6.18
CA GLU A 330 -25.72 -20.40 6.36
C GLU A 330 -26.60 -21.10 7.43
N GLU A 331 -26.79 -20.42 8.54
CA GLU A 331 -27.65 -20.90 9.61
C GLU A 331 -29.13 -21.04 9.13
N ALA A 332 -29.68 -20.02 8.48
CA ALA A 332 -31.02 -20.16 7.88
C ALA A 332 -31.07 -21.38 6.95
N ALA A 333 -30.01 -21.67 6.21
CA ALA A 333 -29.98 -22.87 5.35
C ALA A 333 -29.92 -24.20 6.13
N VAL A 334 -29.14 -24.25 7.21
CA VAL A 334 -29.08 -25.46 8.03
C VAL A 334 -30.42 -25.74 8.74
N LEU A 335 -31.02 -24.69 9.25
CA LEU A 335 -32.29 -24.76 10.00
C LEU A 335 -33.44 -25.18 9.03
N GLY A 336 -33.41 -24.68 7.79
CA GLY A 336 -34.31 -25.17 6.73
C GLY A 336 -34.12 -26.63 6.44
N TRP A 337 -32.86 -27.03 6.28
CA TRP A 337 -32.51 -28.40 5.93
C TRP A 337 -32.96 -29.36 7.04
N LEU A 338 -32.80 -28.94 8.29
CA LEU A 338 -33.28 -29.75 9.43
C LEU A 338 -34.81 -29.91 9.44
N LYS A 339 -35.52 -28.80 9.33
CA LYS A 339 -37.00 -28.77 9.30
C LYS A 339 -37.49 -29.69 8.18
N GLY A 340 -36.87 -29.58 7.02
CA GLY A 340 -37.17 -30.50 5.94
C GLY A 340 -36.95 -31.98 6.24
N GLN A 341 -36.23 -32.36 7.27
CA GLN A 341 -36.11 -33.81 7.55
C GLN A 341 -37.17 -34.36 8.51
N GLY A 342 -38.18 -33.53 8.81
CA GLY A 342 -39.20 -33.90 9.78
C GLY A 342 -38.66 -34.43 11.11
N ALA A 343 -39.30 -35.46 11.63
CA ALA A 343 -38.95 -36.11 12.88
C ALA A 343 -37.47 -36.13 13.20
N LYS A 344 -36.69 -36.61 12.25
CA LYS A 344 -35.32 -36.91 12.53
C LYS A 344 -34.44 -35.65 12.65
N GLY A 345 -34.96 -34.49 12.25
CA GLY A 345 -34.24 -33.21 12.41
C GLY A 345 -34.46 -32.51 13.73
N GLN A 346 -35.48 -33.00 14.46
CA GLN A 346 -35.98 -32.29 15.59
C GLN A 346 -34.97 -32.17 16.72
N PRO A 347 -34.17 -33.21 16.94
CA PRO A 347 -33.24 -33.14 18.02
C PRO A 347 -32.21 -32.03 17.76
N ALA A 348 -31.80 -31.85 16.52
CA ALA A 348 -30.86 -30.76 16.21
C ALA A 348 -31.53 -29.39 16.29
N LEU A 349 -32.79 -29.28 15.85
CA LEU A 349 -33.47 -28.01 16.00
C LEU A 349 -33.60 -27.65 17.47
N ASP A 350 -33.87 -28.65 18.29
CA ASP A 350 -34.03 -28.45 19.71
C ASP A 350 -32.67 -28.05 20.35
N ALA A 351 -31.60 -28.71 19.89
CA ALA A 351 -30.26 -28.45 20.41
C ALA A 351 -29.89 -27.00 20.10
N HIS A 352 -30.22 -26.55 18.90
CA HIS A 352 -29.99 -25.17 18.50
C HIS A 352 -30.66 -24.19 19.43
N ALA A 353 -31.93 -24.46 19.79
CA ALA A 353 -32.63 -23.56 20.64
C ALA A 353 -31.99 -23.52 22.01
N LYS A 354 -31.50 -24.68 22.46
CA LYS A 354 -30.94 -24.78 23.82
C LYS A 354 -29.59 -24.02 23.83
N LEU A 355 -28.80 -24.21 22.78
CA LEU A 355 -27.50 -23.48 22.62
C LEU A 355 -27.73 -21.97 22.59
N LEU A 356 -28.72 -21.53 21.87
CA LEU A 356 -29.01 -20.08 21.82
C LEU A 356 -29.38 -19.52 23.20
N ASP A 357 -30.20 -20.29 23.93
CA ASP A 357 -30.54 -19.90 25.27
C ASP A 357 -29.32 -19.84 26.22
N LEU A 358 -28.39 -20.77 26.06
CA LEU A 358 -27.24 -20.78 26.90
C LEU A 358 -26.35 -19.56 26.63
N LEU A 359 -26.38 -19.08 25.40
CA LEU A 359 -25.62 -17.92 25.02
C LEU A 359 -26.22 -16.68 25.63
N GLU A 360 -27.53 -16.62 25.60
CA GLU A 360 -28.22 -15.54 26.27
C GLU A 360 -27.95 -15.50 27.78
N GLN A 361 -27.80 -16.65 28.40
CA GLN A 361 -27.51 -16.66 29.81
C GLN A 361 -26.14 -16.09 30.12
N SER A 362 -25.13 -16.58 29.38
CA SER A 362 -23.82 -15.99 29.35
C SER A 362 -23.79 -14.49 29.19
N LYS A 363 -24.52 -14.04 28.19
CA LYS A 363 -24.56 -12.68 27.80
C LYS A 363 -25.08 -11.75 28.90
N ALA A 364 -26.06 -12.18 29.68
CA ALA A 364 -26.63 -11.34 30.75
C ALA A 364 -25.60 -10.87 31.77
N THR A 365 -24.55 -11.63 31.98
CA THR A 365 -23.53 -11.22 32.94
C THR A 365 -22.12 -11.01 32.31
N ARG A 366 -22.02 -10.81 30.99
CA ARG A 366 -20.69 -10.85 30.36
C ARG A 366 -19.74 -9.75 30.85
N ASP A 367 -20.25 -8.57 31.12
CA ASP A 367 -19.43 -7.44 31.51
C ASP A 367 -18.89 -7.65 32.89
N ARG A 368 -19.77 -7.99 33.81
CA ARG A 368 -19.33 -8.43 35.12
C ARG A 368 -18.26 -9.53 35.05
N ASP A 369 -18.54 -10.60 34.31
CA ASP A 369 -17.65 -11.79 34.29
C ASP A 369 -16.27 -11.48 33.69
N LEU A 370 -16.23 -10.66 32.66
CA LEU A 370 -14.96 -10.25 32.09
C LEU A 370 -14.20 -9.34 32.99
N THR A 371 -14.87 -8.28 33.44
CA THR A 371 -14.21 -7.30 34.27
C THR A 371 -13.67 -7.90 35.55
N LEU A 372 -14.47 -8.72 36.23
CA LEU A 372 -13.99 -9.41 37.43
C LEU A 372 -12.80 -10.33 37.14
N ALA A 373 -12.90 -11.17 36.12
CA ALA A 373 -11.78 -12.06 35.71
C ALA A 373 -10.47 -11.26 35.47
N LEU A 374 -10.55 -10.12 34.78
CA LEU A 374 -9.35 -9.37 34.46
C LEU A 374 -8.82 -8.55 35.63
N PHE A 375 -9.71 -8.00 36.46
CA PHE A 375 -9.28 -7.34 37.73
C PHE A 375 -8.49 -8.34 38.57
N ASN A 376 -9.00 -9.55 38.67
CA ASN A 376 -8.38 -10.60 39.49
C ASN A 376 -7.18 -11.23 38.83
N ASN A 377 -6.87 -10.84 37.60
CA ASN A 377 -5.66 -11.34 36.92
C ASN A 377 -4.52 -10.37 37.01
N THR A 378 -4.67 -9.22 37.66
CA THR A 378 -3.47 -8.40 38.02
C THR A 378 -2.61 -9.25 38.98
N ALA A 379 -1.35 -8.87 39.18
CA ALA A 379 -0.35 -9.79 39.62
C ALA A 379 -0.55 -10.26 41.10
N MET A 380 -0.91 -9.31 41.96
CA MET A 380 -1.04 -9.60 43.39
C MET A 380 -2.41 -10.18 43.66
N LEU A 381 -3.45 -9.67 43.04
CA LEU A 381 -4.76 -10.28 43.22
C LEU A 381 -4.84 -11.68 42.62
N GLY A 382 -4.15 -11.86 41.51
CA GLY A 382 -4.04 -13.13 40.85
C GLY A 382 -3.28 -14.13 41.73
N SER A 383 -2.13 -13.74 42.26
CA SER A 383 -1.38 -14.58 43.15
C SER A 383 -2.25 -14.96 44.39
N ALA A 384 -2.92 -13.98 44.97
CA ALA A 384 -3.60 -14.21 46.24
C ALA A 384 -4.77 -15.16 46.03
N THR A 385 -5.57 -14.92 45.00
CA THR A 385 -6.75 -15.78 44.71
C THR A 385 -6.37 -17.20 44.32
N GLN A 386 -5.31 -17.35 43.53
CA GLN A 386 -4.86 -18.66 43.12
C GLN A 386 -4.39 -19.50 44.33
N LEU A 387 -3.59 -18.87 45.17
CA LEU A 387 -3.02 -19.52 46.31
C LEU A 387 -4.06 -19.82 47.38
N TYR A 388 -5.00 -18.92 47.59
CA TYR A 388 -6.06 -19.16 48.55
C TYR A 388 -6.93 -20.28 48.03
N ARG A 389 -7.18 -20.29 46.73
CA ARG A 389 -7.98 -21.41 46.14
C ARG A 389 -7.23 -22.75 46.27
N LEU A 390 -5.92 -22.71 46.10
CA LEU A 390 -5.12 -23.94 46.28
C LEU A 390 -5.28 -24.49 47.70
N SER A 391 -5.16 -23.57 48.67
CA SER A 391 -5.34 -23.95 50.09
C SER A 391 -6.73 -24.63 50.32
N ILE A 392 -7.79 -24.12 49.70
CA ILE A 392 -9.14 -24.76 49.76
C ILE A 392 -9.14 -26.15 49.14
N GLU A 393 -8.50 -26.28 47.98
CA GLU A 393 -8.51 -27.54 47.27
C GLU A 393 -7.66 -28.59 48.00
N ARG A 394 -6.57 -28.18 48.64
CA ARG A 394 -5.65 -29.14 49.27
C ARG A 394 -6.36 -29.97 50.40
N GLU A 395 -7.48 -29.47 50.92
CA GLU A 395 -8.23 -30.16 52.01
C GLU A 395 -9.11 -31.26 51.47
N LYS A 396 -9.24 -31.33 50.16
CA LYS A 396 -9.95 -32.45 49.55
C LYS A 396 -9.00 -33.57 49.09
N PRO A 397 -9.54 -34.79 48.96
CA PRO A 397 -8.78 -35.82 48.29
C PRO A 397 -8.38 -35.36 46.84
N ASN A 398 -7.18 -35.73 46.43
CA ASN A 398 -6.62 -35.27 45.11
C ASN A 398 -7.56 -35.48 43.95
N ALA A 399 -8.24 -36.63 43.90
CA ALA A 399 -9.14 -36.93 42.79
C ALA A 399 -10.32 -35.99 42.74
N GLU A 400 -10.69 -35.34 43.85
CA GLU A 400 -11.78 -34.38 43.87
C GLU A 400 -11.36 -32.88 43.73
N ARG A 401 -10.06 -32.64 43.68
CA ARG A 401 -9.52 -31.28 43.54
C ARG A 401 -9.75 -30.78 42.12
N GLU A 402 -10.03 -29.48 42.05
CA GLU A 402 -10.33 -28.80 40.81
C GLU A 402 -9.15 -28.92 39.90
N SER A 403 -9.45 -29.23 38.62
CA SER A 403 -8.34 -29.30 37.69
C SER A 403 -7.57 -27.92 37.66
N GLY A 404 -6.24 -28.00 37.63
CA GLY A 404 -5.38 -26.85 37.82
C GLY A 404 -4.86 -26.70 39.27
N TYR A 405 -5.42 -27.49 40.16
CA TYR A 405 -5.10 -27.45 41.63
C TYR A 405 -4.87 -28.85 42.20
N GLN A 406 -4.60 -29.82 41.31
CA GLN A 406 -4.24 -31.15 41.72
C GLN A 406 -2.79 -31.26 41.90
N GLU A 407 -2.35 -32.41 42.44
CA GLU A 407 -0.96 -32.60 42.67
C GLU A 407 -0.15 -32.43 41.35
N ARG A 408 -0.69 -32.98 40.27
CA ARG A 408 -0.07 -32.87 38.94
C ARG A 408 0.07 -31.41 38.43
N ASP A 409 -0.60 -30.46 39.07
CA ASP A 409 -0.55 -29.02 38.70
C ASP A 409 0.40 -28.22 39.62
N LEU A 410 0.87 -28.82 40.73
CA LEU A 410 1.77 -28.05 41.65
C LEU A 410 3.07 -27.49 41.08
N PRO A 411 3.80 -28.28 40.27
CA PRO A 411 4.93 -27.70 39.57
C PRO A 411 4.64 -26.43 38.81
N ALA A 412 3.56 -26.40 38.04
CA ALA A 412 3.21 -25.22 37.25
C ALA A 412 2.86 -24.06 38.16
N ILE A 413 2.10 -24.35 39.23
CA ILE A 413 1.72 -23.28 40.13
C ILE A 413 2.98 -22.63 40.71
N GLU A 414 3.84 -23.45 41.27
CA GLU A 414 5.04 -22.98 41.88
C GLU A 414 5.95 -22.24 40.92
N GLY A 415 6.09 -22.77 39.70
CA GLY A 415 6.93 -22.16 38.74
C GLY A 415 6.40 -20.81 38.35
N GLY A 416 5.07 -20.65 38.28
CA GLY A 416 4.42 -19.40 37.90
C GLY A 416 4.79 -18.35 38.94
N LEU A 417 4.68 -18.75 40.21
CA LEU A 417 5.02 -17.83 41.31
C LEU A 417 6.44 -17.31 41.29
N LYS A 418 7.36 -18.10 40.76
CA LYS A 418 8.77 -17.76 40.65
C LYS A 418 9.02 -16.91 39.43
N GLN A 419 8.41 -17.31 38.32
CA GLN A 419 8.56 -16.52 37.07
C GLN A 419 8.07 -15.08 37.15
N LEU A 420 7.07 -14.86 38.00
CA LEU A 420 6.46 -13.56 38.19
C LEU A 420 7.42 -12.50 38.69
N GLU A 421 8.45 -12.96 39.37
CA GLU A 421 9.55 -12.07 39.85
C GLU A 421 10.11 -11.22 38.71
N ARG A 422 10.13 -11.79 37.52
CA ARG A 422 10.68 -11.13 36.31
C ARG A 422 9.65 -10.39 35.50
N ARG A 423 8.44 -10.32 36.02
CA ARG A 423 7.26 -9.77 35.31
C ARG A 423 6.34 -8.90 36.14
N TYR A 424 6.83 -8.36 37.23
CA TYR A 424 6.01 -7.58 38.16
C TYR A 424 6.87 -6.41 38.69
N VAL A 425 6.31 -5.21 38.60
CA VAL A 425 6.78 -4.04 39.31
C VAL A 425 5.56 -3.43 40.04
N ALA A 426 5.66 -3.23 41.37
CA ALA A 426 4.53 -2.76 42.15
C ALA A 426 3.94 -1.51 41.56
N ALA A 427 4.74 -0.54 41.17
CA ALA A 427 4.16 0.71 40.76
C ALA A 427 3.40 0.58 39.44
N MET A 428 3.87 -0.34 38.61
CA MET A 428 3.12 -0.68 37.36
C MET A 428 1.82 -1.43 37.66
N ASP A 429 1.88 -2.52 38.45
CA ASP A 429 0.67 -3.27 38.81
C ASP A 429 -0.37 -2.36 39.46
N ARG A 430 0.06 -1.41 40.27
CA ARG A 430 -0.90 -0.47 40.85
C ARG A 430 -1.75 0.29 39.78
N GLN A 431 -1.12 0.74 38.69
CA GLN A 431 -1.84 1.48 37.68
C GLN A 431 -2.80 0.53 36.98
N LEU A 432 -2.41 -0.74 36.86
CA LEU A 432 -3.31 -1.76 36.26
C LEU A 432 -4.44 -2.10 37.21
N GLN A 433 -4.17 -2.19 38.50
CA GLN A 433 -5.30 -2.30 39.49
C GLN A 433 -6.26 -1.10 39.34
N GLU A 434 -5.74 0.12 39.27
CA GLU A 434 -6.58 1.30 39.19
C GLU A 434 -7.43 1.28 37.96
N TYR A 435 -6.81 0.95 36.82
CA TYR A 435 -7.61 0.80 35.58
C TYR A 435 -8.79 -0.13 35.80
N TRP A 436 -8.54 -1.30 36.38
CA TRP A 436 -9.64 -2.26 36.51
C TRP A 436 -10.70 -1.87 37.56
N LEU A 437 -10.26 -1.21 38.65
CA LEU A 437 -11.20 -0.65 39.61
C LEU A 437 -12.07 0.39 38.95
N ASN A 438 -11.50 1.25 38.07
CA ASN A 438 -12.28 2.26 37.36
C ASN A 438 -13.25 1.64 36.38
N GLU A 439 -12.83 0.57 35.71
CA GLU A 439 -13.76 -0.19 34.87
C GLU A 439 -14.85 -0.90 35.70
N TYR A 440 -14.48 -1.46 36.83
CA TYR A 440 -15.50 -2.12 37.69
C TYR A 440 -16.63 -1.10 38.05
N ILE A 441 -16.22 0.10 38.42
CA ILE A 441 -17.11 1.12 38.93
C ILE A 441 -18.08 1.60 37.86
N LYS A 442 -17.71 1.43 36.60
CA LYS A 442 -18.64 1.74 35.52
C LYS A 442 -19.71 0.71 35.32
N LEU A 443 -19.58 -0.48 35.89
CA LEU A 443 -20.59 -1.47 35.68
C LEU A 443 -21.93 -1.01 36.27
N PRO A 444 -23.03 -1.36 35.62
CA PRO A 444 -24.32 -1.06 36.21
C PRO A 444 -24.56 -1.89 37.46
N ALA A 445 -25.49 -1.40 38.28
CA ALA A 445 -25.93 -2.03 39.51
C ALA A 445 -26.09 -3.52 39.39
N ASP A 446 -26.79 -3.99 38.39
CA ASP A 446 -27.02 -5.42 38.29
C ASP A 446 -25.84 -6.25 37.74
N GLN A 447 -24.74 -5.62 37.45
CA GLN A 447 -23.54 -6.37 37.08
C GLN A 447 -22.46 -6.29 38.17
N ARG A 448 -22.79 -5.77 39.34
CA ARG A 448 -21.81 -5.53 40.40
C ARG A 448 -21.84 -6.75 41.30
N VAL A 449 -20.76 -6.90 42.07
CA VAL A 449 -20.55 -8.07 42.91
C VAL A 449 -20.55 -7.53 44.35
N ALA A 450 -21.47 -7.97 45.20
CA ALA A 450 -21.50 -7.46 46.55
C ALA A 450 -20.14 -7.43 47.27
N ALA A 451 -19.38 -8.51 47.18
CA ALA A 451 -18.10 -8.56 47.89
C ALA A 451 -17.10 -7.50 47.49
N VAL A 452 -17.05 -7.20 46.19
CA VAL A 452 -16.15 -6.18 45.72
C VAL A 452 -16.72 -4.79 46.09
N ASP A 453 -18.00 -4.56 45.93
CA ASP A 453 -18.58 -3.26 46.32
C ASP A 453 -18.26 -2.91 47.79
N ALA A 454 -18.40 -3.88 48.68
CA ALA A 454 -18.20 -3.71 50.13
C ALA A 454 -16.76 -3.48 50.43
N TRP A 455 -15.90 -4.29 49.80
CA TRP A 455 -14.46 -4.15 49.97
C TRP A 455 -14.00 -2.75 49.52
N LEU A 456 -14.61 -2.26 48.45
CA LEU A 456 -14.26 -0.96 47.93
C LEU A 456 -14.78 0.14 48.83
N GLY A 457 -16.01 -0.03 49.34
CA GLY A 457 -16.63 0.94 50.25
C GLY A 457 -16.68 2.33 49.68
N GLY A 458 -17.11 2.45 48.44
CA GLY A 458 -17.28 3.73 47.83
C GLY A 458 -17.36 3.51 46.34
N ASN A 459 -17.68 4.54 45.60
CA ASN A 459 -17.89 4.40 44.17
C ASN A 459 -17.24 5.51 43.38
N ASP A 460 -16.19 6.12 43.92
CA ASP A 460 -15.59 7.32 43.33
C ASP A 460 -14.07 7.24 43.40
N ALA A 461 -13.43 8.26 42.87
CA ALA A 461 -11.99 8.28 42.75
C ALA A 461 -11.34 8.21 44.14
N ALA A 462 -11.98 8.78 45.15
CA ALA A 462 -11.42 8.70 46.49
C ALA A 462 -11.35 7.27 46.97
N ALA A 463 -12.42 6.52 46.76
CA ALA A 463 -12.49 5.15 47.22
C ALA A 463 -11.46 4.27 46.52
N VAL A 464 -11.32 4.49 45.23
CA VAL A 464 -10.30 3.79 44.44
C VAL A 464 -8.90 4.02 45.01
N LYS A 465 -8.59 5.27 45.33
CA LYS A 465 -7.28 5.57 45.84
C LYS A 465 -7.10 4.87 47.15
N ARG A 466 -8.14 4.88 47.99
CA ARG A 466 -8.01 4.21 49.30
C ARG A 466 -7.78 2.71 49.14
N ALA A 467 -8.48 2.10 48.19
CA ALA A 467 -8.27 0.68 47.97
C ALA A 467 -6.84 0.32 47.46
N LEU A 468 -6.31 1.12 46.56
CA LEU A 468 -4.98 0.92 46.05
C LEU A 468 -3.97 1.10 47.15
N ASP A 469 -4.19 2.12 48.00
CA ASP A 469 -3.25 2.35 49.10
C ASP A 469 -3.24 1.14 50.03
N ARG A 470 -4.42 0.58 50.30
CA ARG A 470 -4.53 -0.65 51.10
C ARG A 470 -3.82 -1.81 50.47
N LEU A 471 -4.11 -2.06 49.18
CA LEU A 471 -3.46 -3.21 48.54
C LEU A 471 -1.95 -3.08 48.44
N ALA A 472 -1.45 -1.87 48.34
CA ALA A 472 -0.03 -1.66 48.23
C ALA A 472 0.71 -2.19 49.48
N GLY A 473 -0.01 -2.45 50.56
CA GLY A 473 0.63 -3.00 51.79
C GLY A 473 0.84 -4.52 51.75
N THR A 474 0.43 -5.16 50.65
CA THR A 474 0.70 -6.57 50.52
C THR A 474 2.16 -6.87 50.55
N LYS A 475 2.49 -8.09 50.98
CA LYS A 475 3.86 -8.57 50.92
C LYS A 475 4.07 -9.61 49.79
N LEU A 476 2.98 -9.93 49.09
CA LEU A 476 3.05 -10.87 47.95
C LEU A 476 3.95 -10.42 46.78
N GLY A 477 4.54 -9.22 46.86
CA GLY A 477 5.44 -8.73 45.87
C GLY A 477 6.72 -9.54 45.80
N SER A 478 7.06 -10.33 46.83
CA SER A 478 8.31 -11.05 46.77
C SER A 478 8.03 -12.50 46.48
N THR A 479 8.97 -13.12 45.78
CA THR A 479 8.90 -14.48 45.42
C THR A 479 8.79 -15.35 46.69
N GLU A 480 9.56 -15.03 47.73
CA GLU A 480 9.57 -15.87 48.94
C GLU A 480 8.27 -15.82 49.67
N GLU A 481 7.62 -14.67 49.67
CA GLU A 481 6.33 -14.59 50.33
C GLU A 481 5.24 -15.35 49.56
N ARG A 482 5.28 -15.23 48.23
CA ARG A 482 4.40 -16.08 47.47
C ARG A 482 4.61 -17.57 47.75
N LEU A 483 5.85 -18.06 47.81
CA LEU A 483 6.05 -19.49 48.08
C LEU A 483 5.69 -19.91 49.50
N LYS A 484 5.82 -18.98 50.41
CA LYS A 484 5.34 -19.27 51.77
C LYS A 484 3.87 -19.61 51.70
N TRP A 485 3.11 -18.75 51.04
CA TRP A 485 1.69 -18.95 50.94
C TRP A 485 1.28 -20.15 50.06
N PHE A 486 2.17 -20.53 49.15
CA PHE A 486 1.98 -21.75 48.30
C PHE A 486 1.89 -22.99 49.14
N ALA A 487 2.62 -23.01 50.26
CA ALA A 487 2.57 -24.16 51.14
C ALA A 487 1.65 -24.03 52.34
N ALA A 488 1.06 -22.87 52.59
CA ALA A 488 0.29 -22.61 53.82
C ALA A 488 -1.10 -23.15 53.78
N ASP A 489 -1.71 -23.33 54.95
CA ASP A 489 -3.07 -23.87 54.95
C ASP A 489 -4.12 -22.85 55.01
N ARG A 490 -5.32 -23.31 54.67
CA ARG A 490 -6.48 -22.48 54.56
C ARG A 490 -6.67 -21.49 55.76
N LYS A 491 -6.49 -22.02 56.99
CA LYS A 491 -6.72 -21.25 58.19
C LYS A 491 -5.68 -20.16 58.19
N ALA A 492 -4.45 -20.46 57.77
CA ALA A 492 -3.39 -19.41 57.75
C ALA A 492 -3.76 -18.22 56.81
N PHE A 493 -4.36 -18.52 55.65
CA PHE A 493 -4.89 -17.47 54.78
C PHE A 493 -6.02 -16.66 55.44
N GLU A 494 -6.94 -17.38 56.10
CA GLU A 494 -8.11 -16.73 56.72
C GLU A 494 -7.74 -15.87 57.94
N ALA A 495 -6.57 -16.12 58.52
CA ALA A 495 -6.10 -15.32 59.67
C ALA A 495 -5.25 -14.11 59.22
N SER A 496 -4.91 -14.00 57.93
CA SER A 496 -3.91 -13.05 57.50
C SER A 496 -4.40 -11.63 57.49
N ASN A 497 -3.47 -10.71 57.76
CA ASN A 497 -3.71 -9.28 57.61
C ASN A 497 -3.10 -8.75 56.33
N ASP A 498 -2.51 -9.62 55.52
CA ASP A 498 -2.08 -9.21 54.17
C ASP A 498 -3.28 -8.75 53.35
N PRO A 499 -3.28 -7.49 52.89
CA PRO A 499 -4.47 -6.95 52.23
C PRO A 499 -4.86 -7.65 50.91
N ALA A 500 -3.88 -8.19 50.19
CA ALA A 500 -4.27 -8.94 48.96
C ALA A 500 -4.88 -10.26 49.35
N ILE A 501 -4.39 -10.87 50.42
CA ILE A 501 -4.98 -12.13 50.89
C ILE A 501 -6.39 -11.88 51.38
N GLN A 502 -6.56 -10.76 52.09
CA GLN A 502 -7.88 -10.43 52.57
C GLN A 502 -8.88 -10.22 51.45
N TYR A 503 -8.43 -9.59 50.36
CA TYR A 503 -9.27 -9.48 49.19
C TYR A 503 -9.71 -10.84 48.70
N ALA A 504 -8.75 -11.76 48.54
CA ALA A 504 -9.02 -13.06 48.00
C ALA A 504 -10.01 -13.79 48.89
N VAL A 505 -9.82 -13.68 50.20
CA VAL A 505 -10.71 -14.39 51.14
C VAL A 505 -12.09 -13.82 51.03
N ALA A 506 -12.21 -12.50 50.87
CA ALA A 506 -13.52 -11.88 50.76
C ALA A 506 -14.27 -12.26 49.47
N VAL A 507 -13.56 -12.38 48.36
CA VAL A 507 -14.25 -12.64 47.10
C VAL A 507 -14.39 -14.09 46.76
N MET A 508 -13.60 -14.97 47.36
CA MET A 508 -13.61 -16.35 46.97
C MET A 508 -14.97 -17.02 46.88
N PRO A 509 -15.85 -16.81 47.90
CA PRO A 509 -17.16 -17.48 47.78
C PRO A 509 -17.90 -17.07 46.53
N THR A 510 -17.78 -15.81 46.13
CA THR A 510 -18.38 -15.34 44.90
C THR A 510 -17.75 -16.00 43.62
N LEU A 511 -16.44 -16.09 43.57
CA LEU A 511 -15.75 -16.80 42.47
C LEU A 511 -16.20 -18.23 42.37
N LEU A 512 -16.31 -18.87 43.52
CA LEU A 512 -16.79 -20.23 43.50
C LEU A 512 -18.21 -20.45 43.01
N LYS A 513 -19.13 -19.55 43.34
CA LYS A 513 -20.49 -19.58 42.80
C LYS A 513 -20.54 -19.31 41.31
N LEU A 514 -19.77 -18.32 40.86
CA LEU A 514 -19.68 -18.06 39.44
C LEU A 514 -19.12 -19.26 38.69
N GLU A 515 -18.17 -19.96 39.31
CA GLU A 515 -17.59 -21.14 38.68
C GLU A 515 -18.68 -22.18 38.53
N GLN A 516 -19.46 -22.35 39.59
CA GLN A 516 -20.59 -23.32 39.53
C GLN A 516 -21.56 -22.97 38.44
N GLU A 517 -21.86 -21.68 38.25
CA GLU A 517 -22.73 -21.30 37.13
C GLU A 517 -22.12 -21.73 35.84
N ARG A 518 -20.82 -21.49 35.68
CA ARG A 518 -20.17 -21.87 34.44
C ARG A 518 -20.19 -23.39 34.26
N LYS A 519 -19.95 -24.14 35.33
CA LYS A 519 -19.95 -25.59 35.21
C LYS A 519 -21.33 -26.10 34.78
N THR A 520 -22.36 -25.46 35.30
CA THR A 520 -23.73 -25.80 35.01
C THR A 520 -24.04 -25.54 33.56
N ARG A 521 -23.70 -24.34 33.09
CA ARG A 521 -23.91 -24.05 31.67
C ARG A 521 -23.19 -25.03 30.80
N ALA A 522 -21.98 -25.40 31.21
CA ALA A 522 -21.15 -26.31 30.43
C ALA A 522 -21.78 -27.71 30.35
N GLY A 523 -22.49 -28.09 31.41
CA GLY A 523 -23.18 -29.39 31.34
C GLY A 523 -24.37 -29.40 30.42
N GLU A 524 -25.02 -28.28 30.28
CA GLU A 524 -26.13 -28.22 29.34
C GLU A 524 -25.54 -28.23 27.93
N ASN A 525 -24.44 -27.48 27.76
CA ASN A 525 -23.71 -27.52 26.51
C ASN A 525 -23.31 -28.93 26.11
N LEU A 526 -22.87 -29.76 27.08
CA LEU A 526 -22.43 -31.12 26.74
C LEU A 526 -23.59 -31.90 26.13
N ALA A 527 -24.80 -31.62 26.53
CA ALA A 527 -25.98 -32.35 25.98
C ALA A 527 -26.30 -31.85 24.57
N ALA A 528 -26.35 -30.54 24.40
CA ALA A 528 -26.82 -29.95 23.16
C ALA A 528 -25.75 -29.83 22.04
N ARG A 529 -24.53 -29.44 22.42
CA ARG A 529 -23.46 -29.17 21.44
C ARG A 529 -23.16 -30.33 20.48
N PRO A 530 -22.97 -31.58 20.96
CA PRO A 530 -22.65 -32.62 20.00
C PRO A 530 -23.73 -32.84 18.91
N VAL A 531 -24.99 -32.75 19.30
CA VAL A 531 -26.10 -32.98 18.43
C VAL A 531 -26.15 -31.89 17.34
N TYR A 532 -26.07 -30.62 17.72
CA TYR A 532 -26.09 -29.58 16.68
C TYR A 532 -24.85 -29.64 15.81
N LEU A 533 -23.68 -29.78 16.42
CA LEU A 533 -22.44 -29.79 15.60
C LEU A 533 -22.45 -30.95 14.64
N GLN A 534 -23.02 -32.10 15.02
CA GLN A 534 -23.05 -33.21 14.09
C GLN A 534 -23.90 -32.87 12.89
N ALA A 535 -25.00 -32.16 13.13
CA ALA A 535 -25.89 -31.70 12.08
C ALA A 535 -25.21 -30.76 11.13
N LEU A 536 -24.50 -29.79 11.72
CA LEU A 536 -23.63 -28.87 10.97
C LEU A 536 -22.66 -29.66 10.07
N ALA A 537 -21.92 -30.61 10.62
CA ALA A 537 -21.07 -31.44 9.85
C ALA A 537 -21.79 -32.22 8.73
N ASP A 538 -23.02 -32.64 9.03
CA ASP A 538 -23.73 -33.50 8.09
C ASP A 538 -24.18 -32.59 6.98
N TYR A 539 -24.64 -31.39 7.31
CA TYR A 539 -25.04 -30.45 6.31
C TYR A 539 -23.84 -30.08 5.39
N LYS A 540 -22.69 -29.73 5.99
CA LYS A 540 -21.48 -29.42 5.20
C LYS A 540 -21.12 -30.55 4.23
N LYS A 541 -21.18 -31.78 4.68
CA LYS A 541 -20.87 -32.87 3.79
C LYS A 541 -21.89 -33.01 2.66
N SER A 542 -23.18 -32.78 2.95
CA SER A 542 -24.23 -32.87 1.91
C SER A 542 -24.01 -31.74 0.93
N GLN A 543 -23.28 -30.70 1.31
CA GLN A 543 -22.97 -29.59 0.40
C GLN A 543 -21.63 -29.75 -0.31
N GLY A 544 -20.93 -30.84 -0.06
CA GLY A 544 -19.67 -31.12 -0.68
C GLY A 544 -18.50 -30.33 -0.08
N GLU A 545 -18.68 -29.73 1.12
CA GLU A 545 -17.63 -28.88 1.74
C GLU A 545 -16.67 -29.71 2.58
N PHE A 546 -15.49 -29.13 2.85
CA PHE A 546 -14.52 -29.81 3.70
C PHE A 546 -15.04 -29.97 5.14
N VAL A 547 -14.88 -31.16 5.70
CA VAL A 547 -15.32 -31.49 7.08
C VAL A 547 -14.14 -31.90 7.95
N TYR A 548 -13.82 -31.03 8.90
CA TYR A 548 -12.68 -31.24 9.81
C TYR A 548 -13.04 -30.49 11.12
N PRO A 549 -12.57 -30.98 12.23
CA PRO A 549 -13.02 -30.36 13.49
C PRO A 549 -12.38 -29.01 13.76
N ASP A 550 -13.05 -28.13 14.48
CA ASP A 550 -12.31 -26.94 14.95
C ASP A 550 -11.08 -27.34 15.72
N ALA A 551 -10.06 -26.46 15.65
CA ALA A 551 -8.86 -26.60 16.40
C ALA A 551 -9.15 -26.64 17.89
N ASN A 552 -8.37 -27.46 18.60
CA ASN A 552 -8.56 -27.73 20.04
C ASN A 552 -7.26 -28.09 20.82
N LEU A 553 -6.15 -27.61 20.32
CA LEU A 553 -4.80 -27.72 20.84
C LEU A 553 -4.15 -29.06 20.53
N SER A 554 -4.77 -29.87 19.66
CA SER A 554 -4.23 -31.20 19.32
C SER A 554 -3.53 -31.11 17.98
N LEU A 555 -2.84 -32.18 17.64
CA LEU A 555 -1.97 -32.21 16.48
C LEU A 555 -2.80 -32.20 15.25
N ARG A 556 -2.48 -31.28 14.32
CA ARG A 556 -3.14 -31.22 13.02
C ARG A 556 -2.11 -31.10 11.89
N ILE A 557 -2.56 -31.52 10.72
CA ILE A 557 -1.76 -31.40 9.49
C ILE A 557 -2.45 -30.47 8.53
N THR A 558 -1.71 -29.58 7.86
CA THR A 558 -2.24 -28.71 6.82
C THR A 558 -1.21 -28.73 5.68
N PHE A 559 -1.69 -28.60 4.44
CA PHE A 559 -0.79 -28.71 3.28
C PHE A 559 -1.34 -27.90 2.16
N GLY A 560 -0.46 -27.66 1.21
CA GLY A 560 -0.70 -26.66 0.13
C GLY A 560 0.56 -26.34 -0.61
N ASN A 561 0.64 -25.11 -1.11
CA ASN A 561 1.78 -24.72 -1.92
C ASN A 561 2.18 -23.26 -1.66
N VAL A 562 3.41 -22.93 -1.99
CA VAL A 562 3.95 -21.58 -1.83
C VAL A 562 3.28 -20.70 -2.86
N MET A 563 2.67 -19.63 -2.45
CA MET A 563 1.97 -18.75 -3.33
C MET A 563 1.60 -17.51 -2.59
N GLY A 564 1.59 -16.45 -3.35
CA GLY A 564 1.11 -15.13 -2.89
C GLY A 564 -0.37 -14.98 -2.85
N TYR A 565 -0.84 -13.73 -2.78
CA TYR A 565 -2.28 -13.55 -2.83
C TYR A 565 -2.54 -12.16 -3.36
N ALA A 566 -3.75 -11.87 -3.78
CA ALA A 566 -4.07 -10.55 -4.32
C ALA A 566 -5.06 -9.72 -3.47
N PRO A 567 -4.56 -8.70 -2.77
CA PRO A 567 -5.32 -7.92 -1.79
C PRO A 567 -6.33 -7.00 -2.49
N LYS A 568 -6.01 -6.61 -3.71
CA LYS A 568 -6.89 -5.75 -4.49
C LYS A 568 -6.53 -5.68 -5.94
N ASP A 569 -7.45 -5.18 -6.75
CA ASP A 569 -7.26 -5.17 -8.20
C ASP A 569 -6.06 -4.33 -8.57
N GLY A 570 -5.26 -4.78 -9.55
CA GLY A 570 -4.02 -4.13 -9.96
C GLY A 570 -2.79 -4.45 -9.14
N MET A 571 -2.89 -5.30 -8.08
CA MET A 571 -1.77 -5.64 -7.22
C MET A 571 -1.78 -7.14 -6.85
N GLU A 572 -0.59 -7.68 -6.65
CA GLU A 572 -0.36 -9.04 -6.14
C GLU A 572 0.72 -8.93 -5.12
N TYR A 573 0.64 -9.75 -4.09
CA TYR A 573 1.82 -9.94 -3.26
C TYR A 573 2.54 -11.11 -3.78
N THR A 574 3.85 -11.01 -3.86
CA THR A 574 4.67 -12.10 -4.33
C THR A 574 4.87 -13.08 -3.19
N PRO A 575 5.26 -14.33 -3.55
CA PRO A 575 5.41 -15.32 -2.50
C PRO A 575 6.54 -15.09 -1.55
N PHE A 576 7.62 -14.44 -1.98
CA PHE A 576 8.76 -14.29 -1.15
C PHE A 576 9.06 -12.87 -0.84
N THR A 577 9.75 -12.63 0.28
CA THR A 577 10.50 -11.43 0.45
C THR A 577 11.98 -11.80 0.38
N THR A 578 12.84 -10.77 0.37
CA THR A 578 14.28 -10.86 0.16
C THR A 578 15.08 -9.98 1.12
N LEU A 579 16.39 -10.22 1.19
CA LEU A 579 17.24 -9.48 2.10
C LEU A 579 17.15 -8.00 1.77
N GLU A 580 17.10 -7.60 0.47
CA GLU A 580 17.10 -6.21 0.11
C GLU A 580 15.84 -5.51 0.64
N GLY A 581 14.78 -6.28 0.84
CA GLY A 581 13.57 -5.73 1.42
C GLY A 581 13.69 -5.45 2.90
N VAL A 582 14.50 -6.22 3.60
CA VAL A 582 14.73 -5.92 4.97
C VAL A 582 15.43 -4.57 5.09
N VAL A 583 16.53 -4.40 4.39
CA VAL A 583 17.24 -3.12 4.43
C VAL A 583 16.43 -1.92 3.91
N ALA A 584 15.54 -2.11 2.93
CA ALA A 584 14.70 -1.04 2.40
C ALA A 584 13.83 -0.46 3.53
N LYS A 585 13.57 -1.25 4.55
CA LYS A 585 12.72 -0.80 5.67
C LYS A 585 13.48 -0.17 6.82
N GLU A 586 14.82 -0.20 6.73
CA GLU A 586 15.63 0.35 7.80
C GLU A 586 15.33 1.83 8.10
N THR A 587 15.14 2.17 9.40
CA THR A 587 15.04 3.56 9.81
C THR A 587 16.05 3.89 10.93
N GLY A 588 16.71 2.92 11.50
CA GLY A 588 17.57 3.10 12.68
C GLY A 588 16.86 3.32 13.98
N GLN A 589 15.52 3.19 14.00
CA GLN A 589 14.70 3.27 15.22
C GLN A 589 13.86 1.98 15.36
N ASP A 590 13.76 1.45 16.57
CA ASP A 590 12.86 0.36 16.80
C ASP A 590 11.47 0.64 16.18
N PRO A 591 10.86 -0.35 15.48
CA PRO A 591 11.21 -1.72 15.26
C PRO A 591 11.89 -1.98 13.91
N PHE A 592 12.39 -0.94 13.27
CA PHE A 592 13.10 -1.09 12.01
C PHE A 592 14.59 -0.78 12.13
N ASP A 593 15.29 -1.42 13.06
CA ASP A 593 16.71 -1.07 13.39
C ASP A 593 17.49 -2.37 13.34
N SER A 594 17.68 -2.91 12.15
CA SER A 594 18.45 -4.15 12.00
C SER A 594 19.90 -4.04 12.51
N PRO A 595 20.45 -5.15 12.97
CA PRO A 595 21.88 -5.16 13.39
C PRO A 595 22.76 -4.67 12.28
N LYS A 596 23.80 -3.92 12.66
CA LYS A 596 24.71 -3.42 11.65
C LYS A 596 25.33 -4.51 10.75
N ALA A 597 25.57 -5.69 11.30
CA ALA A 597 26.15 -6.76 10.53
C ALA A 597 25.22 -7.23 9.38
N LEU A 598 23.91 -7.04 9.61
CA LEU A 598 22.92 -7.36 8.60
C LEU A 598 22.95 -6.37 7.50
N LEU A 599 22.93 -5.08 7.86
CA LEU A 599 23.01 -4.05 6.89
C LEU A 599 24.27 -4.10 6.03
N ASP A 600 25.39 -4.38 6.69
CA ASP A 600 26.70 -4.54 5.99
C ASP A 600 26.68 -5.74 5.03
N ALA A 601 26.17 -6.87 5.51
CA ALA A 601 26.20 -8.10 4.73
C ALA A 601 25.34 -7.98 3.50
N VAL A 602 24.17 -7.38 3.63
CA VAL A 602 23.34 -7.17 2.48
C VAL A 602 23.96 -6.21 1.46
N ALA A 603 24.45 -5.09 1.95
CA ALA A 603 25.14 -4.08 1.10
C ALA A 603 26.30 -4.75 0.34
N ALA A 604 27.04 -5.64 0.96
CA ALA A 604 28.17 -6.37 0.29
C ALA A 604 27.70 -7.61 -0.50
N LYS A 605 26.39 -7.82 -0.56
CA LYS A 605 25.83 -8.99 -1.18
C LYS A 605 26.50 -10.22 -0.71
N ARG A 606 26.76 -10.35 0.59
CA ARG A 606 27.22 -11.59 1.09
C ARG A 606 26.06 -12.52 1.35
N TYR A 607 25.80 -13.42 0.40
CA TYR A 607 24.61 -14.31 0.42
C TYR A 607 24.89 -15.69 1.00
N GLY A 608 26.15 -15.92 1.37
CA GLY A 608 26.50 -17.09 2.15
C GLY A 608 26.24 -18.46 1.56
N GLY A 609 26.21 -18.57 0.23
CA GLY A 609 25.88 -19.81 -0.42
C GLY A 609 24.38 -20.12 -0.39
N LEU A 610 23.55 -19.13 -0.04
CA LEU A 610 22.11 -19.38 0.19
C LEU A 610 21.16 -18.68 -0.77
N GLU A 611 21.75 -18.04 -1.76
CA GLU A 611 21.02 -17.27 -2.72
C GLU A 611 20.08 -18.23 -3.43
N ASP A 612 18.81 -17.84 -3.61
CA ASP A 612 17.96 -18.50 -4.59
C ASP A 612 17.98 -17.66 -5.85
N LYS A 613 18.61 -18.23 -6.86
CA LYS A 613 18.88 -17.52 -8.06
C LYS A 613 17.60 -17.04 -8.72
N ARG A 614 16.44 -17.68 -8.50
CA ARG A 614 15.15 -17.27 -9.07
C ARG A 614 14.59 -16.01 -8.47
N ILE A 615 14.98 -15.66 -7.25
CA ILE A 615 14.63 -14.34 -6.71
C ILE A 615 15.81 -13.39 -6.64
N GLY A 616 17.01 -13.82 -6.96
CA GLY A 616 18.14 -12.89 -7.05
C GLY A 616 18.71 -12.50 -5.68
N SER A 617 18.29 -13.21 -4.64
CA SER A 617 18.64 -12.91 -3.24
C SER A 617 18.45 -14.10 -2.35
N VAL A 618 18.76 -13.93 -1.07
CA VAL A 618 18.39 -14.95 -0.08
C VAL A 618 16.95 -14.67 0.34
N PRO A 619 16.12 -15.70 0.38
CA PRO A 619 14.73 -15.43 0.74
C PRO A 619 14.58 -15.19 2.21
N VAL A 620 13.59 -14.38 2.59
CA VAL A 620 13.45 -14.04 4.03
C VAL A 620 12.19 -14.75 4.58
N ASN A 621 11.03 -14.28 4.18
CA ASN A 621 9.78 -14.91 4.51
C ASN A 621 9.04 -15.35 3.21
N TYR A 622 8.06 -16.22 3.37
CA TYR A 622 7.19 -16.57 2.28
C TYR A 622 5.75 -16.86 2.70
N LEU A 623 4.89 -16.76 1.69
CA LEU A 623 3.45 -17.05 1.77
C LEU A 623 3.09 -18.41 1.19
N SER A 624 2.10 -19.07 1.80
CA SER A 624 1.54 -20.29 1.30
C SER A 624 0.09 -20.40 1.68
N ASP A 625 -0.64 -21.23 0.97
CA ASP A 625 -2.10 -21.37 1.20
C ASP A 625 -2.43 -22.49 2.23
N LEU A 626 -1.64 -22.57 3.29
CA LEU A 626 -1.87 -23.53 4.41
C LEU A 626 -2.87 -22.86 5.39
N ASP A 627 -3.38 -23.67 6.29
CA ASP A 627 -4.51 -23.38 7.19
C ASP A 627 -4.06 -23.54 8.61
N ILE A 628 -3.54 -22.43 9.13
CA ILE A 628 -2.91 -22.41 10.45
C ILE A 628 -3.55 -21.34 11.34
N THR A 629 -3.33 -21.45 12.64
CA THR A 629 -3.85 -20.46 13.51
C THR A 629 -3.01 -20.37 14.80
N GLY A 630 -3.48 -19.61 15.74
CA GLY A 630 -2.81 -19.53 17.07
C GLY A 630 -2.46 -20.91 17.64
N GLY A 631 -1.25 -21.08 18.05
CA GLY A 631 -0.74 -22.40 18.39
C GLY A 631 0.21 -22.99 17.38
N ASN A 632 0.05 -22.60 16.09
CA ASN A 632 0.92 -23.08 15.06
C ASN A 632 2.24 -22.31 14.96
N ALA A 633 2.37 -21.14 15.60
CA ALA A 633 3.65 -20.47 15.66
C ALA A 633 4.69 -21.56 16.04
N GLY A 634 5.76 -21.61 15.25
CA GLY A 634 6.88 -22.53 15.51
C GLY A 634 6.83 -23.88 14.84
N SER A 635 5.75 -24.13 14.16
CA SER A 635 5.56 -25.40 13.49
C SER A 635 6.53 -25.45 12.31
N PRO A 636 7.14 -26.61 12.11
CA PRO A 636 8.04 -26.77 10.99
C PRO A 636 7.25 -26.81 9.70
N VAL A 637 7.82 -26.24 8.67
CA VAL A 637 7.26 -26.33 7.36
C VAL A 637 8.16 -27.32 6.65
N LEU A 638 7.54 -28.34 6.03
CA LEU A 638 8.27 -29.38 5.34
C LEU A 638 7.94 -29.35 3.87
N ASP A 639 8.94 -29.74 3.07
CA ASP A 639 8.80 -29.82 1.61
C ASP A 639 8.32 -31.22 1.15
N ALA A 640 8.39 -31.42 -0.16
CA ALA A 640 7.90 -32.66 -0.76
C ALA A 640 8.58 -33.94 -0.25
N HIS A 641 9.79 -33.78 0.22
CA HIS A 641 10.62 -34.87 0.73
C HIS A 641 10.70 -34.82 2.24
N GLY A 642 9.83 -34.05 2.89
CA GLY A 642 9.81 -34.03 4.35
C GLY A 642 11.01 -33.33 5.00
N LYS A 643 11.65 -32.43 4.26
CA LYS A 643 12.77 -31.69 4.74
C LYS A 643 12.32 -30.29 5.20
N LEU A 644 13.04 -29.73 6.17
CA LEU A 644 12.67 -28.43 6.73
C LEU A 644 12.99 -27.27 5.78
N VAL A 645 11.96 -26.49 5.44
CA VAL A 645 12.05 -25.30 4.58
C VAL A 645 11.60 -23.99 5.28
N GLY A 646 11.25 -24.08 6.54
CA GLY A 646 10.93 -22.87 7.27
C GLY A 646 10.15 -23.18 8.55
N LEU A 647 9.67 -22.12 9.19
CA LEU A 647 8.82 -22.27 10.35
C LEU A 647 7.63 -21.36 10.16
N ALA A 648 6.47 -21.86 10.42
CA ALA A 648 5.24 -21.06 10.42
C ALA A 648 5.40 -19.99 11.47
N PHE A 649 5.01 -18.71 11.23
CA PHE A 649 4.97 -17.79 12.36
C PHE A 649 3.81 -16.80 12.42
N ASP A 650 3.13 -16.55 11.30
CA ASP A 650 2.02 -15.54 11.34
C ASP A 650 1.04 -15.78 10.19
N GLY A 651 -0.01 -14.95 10.15
CA GLY A 651 -0.97 -14.84 9.11
C GLY A 651 -0.96 -13.44 8.54
N ASN A 652 -1.25 -13.32 7.26
CA ASN A 652 -1.46 -12.02 6.67
C ASN A 652 -2.72 -11.36 7.23
N TRP A 653 -2.80 -10.04 7.05
CA TRP A 653 -3.85 -9.23 7.71
C TRP A 653 -5.23 -9.76 7.43
N GLU A 654 -5.49 -10.04 6.18
CA GLU A 654 -6.83 -10.51 5.79
C GLU A 654 -7.19 -11.92 6.18
N SER A 655 -6.22 -12.69 6.59
CA SER A 655 -6.41 -14.11 6.91
C SER A 655 -7.13 -14.28 8.26
N VAL A 656 -7.02 -13.31 9.16
CA VAL A 656 -7.32 -13.63 10.61
C VAL A 656 -8.82 -13.90 10.85
N SER A 657 -9.68 -13.37 10.02
CA SER A 657 -11.11 -13.63 10.13
C SER A 657 -11.53 -15.06 9.80
N SER A 658 -10.59 -15.84 9.27
CA SER A 658 -10.81 -17.24 8.95
C SER A 658 -11.00 -18.10 10.20
N ASN A 659 -10.70 -17.57 11.34
CA ASN A 659 -11.02 -18.27 12.59
C ASN A 659 -12.57 -18.49 12.70
N TRP A 660 -13.34 -17.59 12.08
CA TRP A 660 -14.83 -17.67 12.02
C TRP A 660 -15.39 -18.08 10.68
N VAL A 661 -14.92 -17.47 9.58
CA VAL A 661 -15.37 -17.84 8.20
C VAL A 661 -14.13 -17.92 7.27
N PHE A 662 -13.79 -19.14 6.80
CA PHE A 662 -12.61 -19.37 6.03
C PHE A 662 -12.70 -18.71 4.67
N ASP A 663 -11.70 -17.90 4.31
CA ASP A 663 -11.62 -17.29 2.97
C ASP A 663 -10.39 -17.77 2.22
N PRO A 664 -10.58 -18.65 1.22
CA PRO A 664 -9.38 -19.24 0.61
C PRO A 664 -8.48 -18.27 -0.14
N LYS A 665 -9.05 -17.19 -0.68
CA LYS A 665 -8.29 -16.33 -1.57
C LYS A 665 -7.35 -15.44 -0.77
N MET A 666 -7.72 -15.15 0.50
CA MET A 666 -6.87 -14.29 1.31
C MET A 666 -6.31 -14.87 2.57
N THR A 667 -6.37 -16.18 2.71
CA THR A 667 -5.80 -16.80 3.82
C THR A 667 -4.50 -17.44 3.45
N ARG A 668 -3.44 -16.88 4.01
CA ARG A 668 -2.07 -17.42 3.81
C ARG A 668 -1.32 -17.52 5.14
N MET A 669 -0.53 -18.55 5.25
CA MET A 669 0.55 -18.62 6.24
C MET A 669 1.72 -17.79 5.83
N ILE A 670 2.30 -17.11 6.83
CA ILE A 670 3.59 -16.51 6.71
C ILE A 670 4.59 -17.33 7.47
N ALA A 671 5.63 -17.72 6.73
CA ALA A 671 6.71 -18.49 7.23
C ALA A 671 8.09 -17.91 7.03
N VAL A 672 8.96 -18.22 7.95
CA VAL A 672 10.34 -17.71 7.88
C VAL A 672 11.08 -18.83 7.14
N ASP A 673 11.84 -18.45 6.12
CA ASP A 673 12.60 -19.46 5.29
C ASP A 673 13.79 -20.04 6.08
N GLY A 674 13.91 -21.37 6.03
CA GLY A 674 15.10 -22.07 6.56
C GLY A 674 16.39 -21.39 6.15
N ARG A 675 16.48 -20.96 4.90
CA ARG A 675 17.67 -20.25 4.41
C ARG A 675 17.97 -18.96 5.12
N TYR A 676 16.92 -18.27 5.61
CA TYR A 676 17.19 -17.07 6.32
C TYR A 676 17.67 -17.31 7.74
N LEU A 677 17.16 -18.38 8.37
CA LEU A 677 17.71 -18.85 9.69
C LEU A 677 19.19 -19.10 9.53
N ARG A 678 19.52 -19.86 8.51
CA ARG A 678 20.94 -20.19 8.24
C ARG A 678 21.75 -18.96 7.90
N TRP A 679 21.25 -18.08 7.03
CA TRP A 679 21.91 -16.84 6.77
C TRP A 679 22.20 -15.98 7.96
N ILE A 680 21.22 -15.74 8.79
CA ILE A 680 21.49 -14.98 10.02
C ILE A 680 22.57 -15.61 10.91
N MET A 681 22.54 -16.92 11.04
CA MET A 681 23.47 -17.68 11.88
C MET A 681 24.88 -17.82 11.24
N GLN A 682 25.01 -17.42 9.98
CA GLN A 682 26.32 -17.34 9.27
C GLN A 682 26.89 -15.91 9.28
N GLU A 683 26.08 -14.92 8.89
CA GLU A 683 26.55 -13.62 8.52
C GLU A 683 26.22 -12.49 9.49
N VAL A 684 25.26 -12.68 10.43
CA VAL A 684 24.72 -11.59 11.20
C VAL A 684 24.91 -11.84 12.73
N TYR A 685 24.53 -13.00 13.26
CA TYR A 685 24.59 -13.29 14.70
C TYR A 685 25.03 -14.71 14.79
N PRO A 686 26.36 -14.90 14.65
CA PRO A 686 26.72 -16.23 14.21
C PRO A 686 26.64 -17.31 15.22
N ALA A 687 26.23 -18.51 14.81
CA ALA A 687 26.23 -19.69 15.68
C ALA A 687 26.83 -20.89 14.95
N PRO A 688 28.14 -20.86 14.70
CA PRO A 688 28.68 -21.97 13.90
C PRO A 688 28.53 -23.30 14.55
N GLN A 689 28.56 -23.34 15.88
CA GLN A 689 28.37 -24.57 16.60
C GLN A 689 26.98 -25.19 16.31
N LEU A 690 25.91 -24.39 16.20
CA LEU A 690 24.61 -24.91 15.90
C LEU A 690 24.46 -25.40 14.45
N LEU A 691 25.00 -24.61 13.54
CA LEU A 691 24.97 -24.94 12.11
C LEU A 691 25.66 -26.29 11.92
N LYS A 692 26.80 -26.47 12.59
CA LYS A 692 27.52 -27.75 12.52
C LYS A 692 26.70 -28.88 13.11
N GLU A 693 26.01 -28.64 14.23
CA GLU A 693 25.23 -29.66 14.87
C GLU A 693 24.05 -30.10 13.99
N MET A 694 23.55 -29.20 13.16
CA MET A 694 22.47 -29.47 12.22
C MET A 694 22.97 -29.83 10.82
N ASN A 695 24.26 -30.15 10.71
CA ASN A 695 24.89 -30.52 9.43
C ASN A 695 24.73 -29.54 8.36
N VAL A 696 24.78 -28.25 8.68
CA VAL A 696 24.78 -27.21 7.68
C VAL A 696 25.89 -26.22 7.89
N GLY A 697 27.01 -26.71 8.40
CA GLY A 697 28.14 -25.90 8.68
C GLY A 697 29.20 -26.18 7.66
N GLY B 1 11.05 0.39 -23.24
CA GLY B 1 12.22 0.91 -22.55
C GLY B 1 12.48 2.41 -22.72
N GLU B 2 13.58 2.86 -22.12
CA GLU B 2 14.04 4.25 -22.23
C GLU B 2 14.11 4.78 -23.63
N GLY B 3 13.66 6.03 -23.78
CA GLY B 3 13.93 6.79 -24.98
C GLY B 3 12.72 7.41 -25.67
N MET B 4 12.84 8.72 -25.89
CA MET B 4 11.86 9.50 -26.60
C MET B 4 12.54 9.82 -27.94
N TRP B 5 12.46 8.85 -28.85
CA TRP B 5 13.30 8.79 -30.05
C TRP B 5 12.68 9.72 -31.11
N VAL B 6 13.51 10.53 -31.77
CA VAL B 6 13.06 11.32 -32.91
C VAL B 6 12.88 10.40 -34.11
N PRO B 7 12.04 10.76 -35.05
CA PRO B 7 11.82 9.85 -36.16
C PRO B 7 13.10 9.64 -37.03
N GLN B 8 14.07 10.54 -36.94
CA GLN B 8 15.34 10.42 -37.71
C GLN B 8 16.25 9.35 -37.03
N GLN B 9 15.86 8.90 -35.85
CA GLN B 9 16.55 7.79 -35.14
C GLN B 9 15.96 6.43 -35.37
N LEU B 10 14.96 6.32 -36.22
CA LEU B 10 14.43 5.02 -36.55
C LEU B 10 15.47 3.96 -37.04
N PRO B 11 16.51 4.38 -37.84
CA PRO B 11 17.51 3.32 -38.12
C PRO B 11 18.16 2.78 -36.85
N GLU B 12 18.48 3.63 -35.88
CA GLU B 12 19.04 3.13 -34.65
C GLU B 12 18.10 2.16 -33.88
N ILE B 13 16.80 2.39 -33.95
CA ILE B 13 15.89 1.62 -33.13
C ILE B 13 15.09 0.62 -33.92
N ALA B 14 15.42 0.36 -35.19
CA ALA B 14 14.73 -0.65 -35.97
C ALA B 14 14.89 -2.10 -35.40
N GLY B 15 16.11 -2.47 -35.02
CA GLY B 15 16.40 -3.74 -34.45
C GLY B 15 15.67 -3.89 -33.11
N PRO B 16 15.87 -2.94 -32.20
CA PRO B 16 15.20 -3.02 -30.87
C PRO B 16 13.70 -3.09 -30.98
N LEU B 17 13.16 -2.43 -31.99
CA LEU B 17 11.71 -2.41 -32.22
C LEU B 17 11.28 -3.82 -32.60
N LYS B 18 12.07 -4.42 -33.48
CA LYS B 18 11.83 -5.79 -33.91
C LYS B 18 11.90 -6.74 -32.74
N LYS B 19 12.96 -6.62 -31.96
CA LYS B 19 13.18 -7.51 -30.87
C LYS B 19 12.06 -7.41 -29.84
N ALA B 20 11.59 -6.19 -29.57
CA ALA B 20 10.44 -6.01 -28.63
C ALA B 20 9.11 -6.51 -29.17
N GLY B 21 9.00 -6.72 -30.48
CA GLY B 21 7.84 -7.37 -31.09
C GLY B 21 7.12 -6.65 -32.23
N LEU B 22 7.68 -5.55 -32.75
CA LEU B 22 7.00 -4.84 -33.84
C LEU B 22 7.01 -5.76 -35.04
N LYS B 23 5.83 -5.91 -35.64
CA LYS B 23 5.62 -6.77 -36.84
C LYS B 23 5.42 -5.93 -38.12
N LEU B 24 5.19 -4.62 -38.00
CA LEU B 24 5.33 -3.72 -39.14
C LEU B 24 6.79 -3.50 -39.49
N SER B 25 7.05 -3.23 -40.77
CA SER B 25 8.44 -2.90 -41.12
C SER B 25 8.77 -1.52 -40.59
N PRO B 26 10.03 -1.28 -40.24
CA PRO B 26 10.48 0.05 -39.87
C PRO B 26 10.30 1.10 -41.01
N GLN B 27 10.35 0.66 -42.26
CA GLN B 27 10.12 1.55 -43.43
C GLN B 27 8.74 2.18 -43.27
N GLN B 28 7.78 1.35 -42.89
CA GLN B 28 6.38 1.78 -42.75
C GLN B 28 6.18 2.77 -41.62
N ILE B 29 6.78 2.49 -40.49
CA ILE B 29 6.85 3.44 -39.37
C ILE B 29 7.55 4.77 -39.71
N SER B 30 8.49 4.73 -40.66
CA SER B 30 9.26 5.93 -40.99
C SER B 30 8.45 6.90 -41.84
N ASP B 31 7.36 6.42 -42.40
CA ASP B 31 6.52 7.25 -43.22
C ASP B 31 5.59 8.06 -42.28
N LEU B 32 6.02 9.26 -41.91
CA LEU B 32 5.27 10.09 -40.92
C LEU B 32 3.98 10.71 -41.42
N THR B 33 3.74 10.66 -42.74
CA THR B 33 2.41 11.07 -43.24
C THR B 33 1.68 9.89 -43.80
N GLY B 34 2.21 8.70 -43.52
CA GLY B 34 1.62 7.43 -43.96
C GLY B 34 0.75 6.72 -42.94
N ASP B 35 0.50 5.44 -43.20
CA ASP B 35 -0.27 4.58 -42.35
C ASP B 35 0.72 3.85 -41.43
N PRO B 36 0.56 3.96 -40.09
CA PRO B 36 -0.43 4.65 -39.26
C PRO B 36 0.08 6.01 -38.70
N MET B 37 1.37 6.29 -38.84
CA MET B 37 1.96 7.45 -38.20
C MET B 37 1.25 8.73 -38.60
N GLY B 38 0.70 8.72 -39.81
CA GLY B 38 0.07 9.90 -40.38
C GLY B 38 -1.25 10.14 -39.73
N ALA B 39 -1.73 9.18 -38.96
CA ALA B 39 -3.00 9.42 -38.24
C ALA B 39 -2.84 10.11 -36.85
N VAL B 40 -1.62 10.18 -36.39
CA VAL B 40 -1.27 10.82 -35.12
C VAL B 40 -1.21 12.37 -35.28
N VAL B 41 -1.97 13.07 -34.43
CA VAL B 41 -2.01 14.52 -34.42
C VAL B 41 -1.56 15.22 -33.11
N ALA B 42 -1.20 16.48 -33.23
CA ALA B 42 -0.85 17.34 -32.10
C ALA B 42 -2.03 18.23 -31.82
N LEU B 43 -2.38 18.35 -30.53
CA LEU B 43 -3.44 19.27 -30.07
C LEU B 43 -2.79 20.55 -29.50
N GLY B 44 -1.50 20.55 -29.32
CA GLY B 44 -0.80 21.69 -28.62
C GLY B 44 -0.84 21.47 -27.13
N GLY B 45 0.04 20.66 -26.62
CA GLY B 45 -0.01 20.30 -25.19
C GLY B 45 -0.65 18.95 -24.87
N CYS B 46 -1.23 18.33 -25.85
CA CYS B 46 -1.61 16.94 -25.75
C CYS B 46 -1.51 16.35 -27.17
N THR B 47 -1.60 15.06 -27.27
CA THR B 47 -1.63 14.34 -28.54
C THR B 47 -3.04 13.82 -28.77
N ALA B 48 -3.36 13.45 -30.00
CA ALA B 48 -4.57 12.73 -30.31
C ALA B 48 -4.36 11.92 -31.54
N SER B 49 -5.42 11.32 -32.05
CA SER B 49 -5.28 10.54 -33.31
C SER B 49 -6.60 10.47 -34.01
N PHE B 50 -6.59 10.39 -35.36
CA PHE B 50 -7.83 10.19 -36.11
C PHE B 50 -8.25 8.77 -36.06
N VAL B 51 -9.54 8.54 -35.90
CA VAL B 51 -10.10 7.21 -35.79
C VAL B 51 -11.29 6.94 -36.71
N SER B 52 -11.53 7.85 -37.65
CA SER B 52 -12.49 7.55 -38.76
C SER B 52 -12.12 8.37 -39.95
N PRO B 53 -12.71 8.01 -41.12
CA PRO B 53 -12.39 8.82 -42.32
C PRO B 53 -13.19 10.11 -42.41
N ASN B 54 -14.12 10.26 -41.46
CA ASN B 54 -14.86 11.49 -41.30
C ASN B 54 -14.40 12.45 -40.17
N GLY B 55 -13.10 12.44 -39.87
CA GLY B 55 -12.45 13.47 -39.06
C GLY B 55 -12.62 13.31 -37.55
N LEU B 56 -13.06 12.12 -37.13
CA LEU B 56 -13.23 11.79 -35.73
C LEU B 56 -11.82 11.59 -35.14
N VAL B 57 -11.65 12.26 -33.99
CA VAL B 57 -10.36 12.35 -33.28
C VAL B 57 -10.55 11.85 -31.85
N VAL B 58 -9.65 10.99 -31.41
CA VAL B 58 -9.71 10.54 -29.99
C VAL B 58 -8.53 11.06 -29.19
N THR B 59 -8.78 11.43 -27.94
CA THR B 59 -7.77 11.96 -27.03
C THR B 59 -8.23 11.59 -25.62
N ASN B 60 -7.51 12.08 -24.59
CA ASN B 60 -7.92 11.89 -23.26
C ASN B 60 -8.97 12.91 -22.78
N HIS B 61 -9.67 12.49 -21.73
CA HIS B 61 -10.62 13.32 -20.98
C HIS B 61 -9.89 14.57 -20.47
N ALA B 62 -8.69 14.41 -19.90
CA ALA B 62 -7.97 15.57 -19.36
C ALA B 62 -7.54 16.55 -20.48
N CYS B 63 -7.27 16.02 -21.67
CA CYS B 63 -6.94 16.84 -22.85
C CYS B 63 -8.18 17.63 -23.33
N ALA B 64 -9.33 16.99 -23.29
CA ALA B 64 -10.55 17.67 -23.72
C ALA B 64 -11.20 18.41 -22.57
N TYR B 65 -10.65 18.35 -21.34
CA TYR B 65 -11.31 18.96 -20.16
C TYR B 65 -11.65 20.45 -20.37
N GLY B 66 -10.71 21.24 -20.93
CA GLY B 66 -10.92 22.64 -21.25
C GLY B 66 -12.15 22.82 -22.13
N ALA B 67 -12.21 22.06 -23.23
CA ALA B 67 -13.34 22.13 -24.18
C ALA B 67 -14.65 21.79 -23.51
N ILE B 68 -14.62 20.77 -22.65
CA ILE B 68 -15.80 20.31 -21.94
C ILE B 68 -16.24 21.39 -20.99
N GLN B 69 -15.27 21.92 -20.29
CA GLN B 69 -15.53 22.98 -19.34
C GLN B 69 -16.06 24.26 -19.98
N LEU B 70 -15.58 24.62 -21.18
CA LEU B 70 -15.99 25.85 -21.84
C LEU B 70 -17.46 25.76 -22.18
N ASN B 71 -17.92 24.54 -22.42
CA ASN B 71 -19.28 24.28 -22.84
C ASN B 71 -20.20 23.96 -21.67
N SER B 72 -19.72 24.11 -20.45
CA SER B 72 -20.46 23.74 -19.26
C SER B 72 -20.91 25.00 -18.56
N THR B 73 -22.08 24.87 -17.89
CA THR B 73 -22.56 25.88 -16.96
C THR B 73 -22.91 25.15 -15.68
N ALA B 74 -23.23 25.94 -14.64
CA ALA B 74 -23.68 25.37 -13.36
C ALA B 74 -24.94 24.54 -13.54
N GLU B 75 -25.84 24.90 -14.44
CA GLU B 75 -27.10 24.14 -14.58
C GLU B 75 -27.04 23.10 -15.66
N ASN B 76 -26.04 23.16 -16.55
CA ASN B 76 -25.82 22.13 -17.49
C ASN B 76 -24.30 21.79 -17.50
N ASN B 77 -23.91 21.06 -16.48
CA ASN B 77 -22.50 20.68 -16.26
C ASN B 77 -22.06 19.44 -17.02
N LEU B 78 -21.42 19.70 -18.15
CA LEU B 78 -20.97 18.61 -19.04
C LEU B 78 -19.77 17.83 -18.47
N ILE B 79 -19.00 18.48 -17.61
CA ILE B 79 -17.92 17.77 -16.94
C ILE B 79 -18.54 16.66 -16.13
N LYS B 80 -19.53 17.03 -15.28
CA LYS B 80 -20.23 16.07 -14.50
C LYS B 80 -21.02 15.07 -15.37
N ASN B 81 -21.81 15.54 -16.33
CA ASN B 81 -22.79 14.68 -17.03
C ASN B 81 -22.29 13.93 -18.25
N GLY B 82 -21.20 14.40 -18.84
CA GLY B 82 -20.78 13.90 -20.12
C GLY B 82 -21.36 14.69 -21.24
N PHE B 83 -20.96 14.34 -22.45
CA PHE B 83 -21.57 14.85 -23.63
C PHE B 83 -21.63 13.79 -24.70
N ASN B 84 -22.75 13.79 -25.44
CA ASN B 84 -22.90 12.92 -26.61
C ASN B 84 -23.67 13.65 -27.71
N ALA B 85 -23.11 13.79 -28.92
CA ALA B 85 -23.82 14.44 -30.03
C ALA B 85 -24.38 13.35 -30.90
N PRO B 86 -25.71 13.17 -30.91
CA PRO B 86 -26.22 12.06 -31.68
C PRO B 86 -25.84 12.14 -33.18
N THR B 87 -25.81 13.35 -33.74
CA THR B 87 -25.36 13.58 -35.13
C THR B 87 -24.26 14.64 -35.14
N THR B 88 -23.51 14.72 -36.22
CA THR B 88 -22.41 15.65 -36.28
C THR B 88 -22.94 17.06 -36.12
N ALA B 89 -24.14 17.33 -36.61
CA ALA B 89 -24.74 18.65 -36.38
C ALA B 89 -24.93 18.98 -34.88
N ASP B 90 -24.94 17.98 -34.00
CA ASP B 90 -25.14 18.29 -32.58
C ASP B 90 -23.78 18.63 -31.86
N GLU B 91 -22.68 18.53 -32.58
CA GLU B 91 -21.33 18.71 -31.98
C GLU B 91 -21.20 20.15 -31.59
N VAL B 92 -20.61 20.44 -30.43
CA VAL B 92 -20.40 21.83 -29.97
C VAL B 92 -18.94 22.27 -30.16
N SER B 93 -18.73 23.56 -30.45
CA SER B 93 -17.34 24.06 -30.61
C SER B 93 -16.51 23.77 -29.36
N ALA B 94 -15.29 23.28 -29.59
CA ALA B 94 -14.36 23.02 -28.48
C ALA B 94 -13.71 24.29 -28.04
N GLY B 95 -14.02 25.38 -28.71
CA GLY B 95 -13.48 26.69 -28.40
C GLY B 95 -12.64 27.25 -29.54
N PRO B 96 -12.56 28.60 -29.62
CA PRO B 96 -11.83 29.19 -30.77
C PRO B 96 -10.34 28.78 -30.76
N ASN B 97 -9.78 28.57 -29.60
CA ASN B 97 -8.33 28.18 -29.55
C ASN B 97 -8.03 26.71 -29.67
N ALA B 98 -9.04 25.87 -29.79
CA ALA B 98 -8.81 24.46 -29.99
C ALA B 98 -8.16 24.21 -31.38
N ARG B 99 -7.21 23.26 -31.49
CA ARG B 99 -6.51 23.00 -32.73
C ARG B 99 -6.26 21.52 -32.87
N VAL B 100 -6.24 21.09 -34.12
CA VAL B 100 -5.67 19.83 -34.55
C VAL B 100 -4.59 20.11 -35.60
N PHE B 101 -3.36 19.65 -35.32
CA PHE B 101 -2.22 19.84 -36.21
C PHE B 101 -1.82 18.51 -36.85
N VAL B 102 -1.86 18.45 -38.20
CA VAL B 102 -1.65 17.22 -38.97
C VAL B 102 -0.31 17.36 -39.65
N LEU B 103 0.62 16.47 -39.34
CA LEU B 103 2.01 16.68 -39.77
C LEU B 103 2.08 16.67 -41.33
N ASP B 104 2.83 17.64 -41.90
CA ASP B 104 3.03 17.76 -43.37
C ASP B 104 4.45 17.46 -43.71
N GLU B 105 5.42 18.08 -43.08
CA GLU B 105 6.81 17.94 -43.50
C GLU B 105 7.75 18.30 -42.40
N ILE B 106 8.90 17.64 -42.31
CA ILE B 106 9.98 18.04 -41.40
C ILE B 106 11.19 18.46 -42.26
N THR B 107 11.95 19.48 -41.87
CA THR B 107 13.19 19.77 -42.62
C THR B 107 14.31 20.15 -41.67
N ASP B 108 15.50 19.59 -41.86
CA ASP B 108 16.62 19.98 -41.08
C ASP B 108 17.06 21.34 -41.60
N VAL B 109 17.27 22.29 -40.70
CA VAL B 109 17.69 23.66 -41.03
C VAL B 109 18.85 24.05 -40.13
N THR B 110 19.58 23.03 -39.65
CA THR B 110 20.59 23.19 -38.62
C THR B 110 21.73 24.19 -39.08
N LYS B 111 22.22 23.96 -40.30
CA LYS B 111 23.34 24.73 -40.84
C LYS B 111 23.01 26.24 -40.89
N ASP B 112 21.85 26.53 -41.47
CA ASP B 112 21.35 27.90 -41.59
C ASP B 112 21.11 28.53 -40.25
N ALA B 113 20.48 27.80 -39.31
CA ALA B 113 20.28 28.35 -38.00
C ALA B 113 21.59 28.70 -37.36
N LYS B 114 22.58 27.80 -37.32
CA LYS B 114 23.77 28.23 -36.56
C LYS B 114 24.65 29.24 -37.32
N ALA B 115 24.54 29.26 -38.63
CA ALA B 115 25.10 30.39 -39.44
C ALA B 115 24.55 31.73 -39.01
N ALA B 116 23.22 31.80 -38.89
CA ALA B 116 22.57 33.05 -38.54
C ALA B 116 22.96 33.45 -37.14
N ILE B 117 23.10 32.44 -36.26
CA ILE B 117 23.53 32.67 -34.90
C ILE B 117 24.98 33.24 -34.89
N ALA B 118 25.83 32.63 -35.68
CA ALA B 118 27.25 33.00 -35.66
C ALA B 118 27.42 34.45 -36.16
N ALA B 119 26.69 34.80 -37.22
CA ALA B 119 26.73 36.16 -37.78
C ALA B 119 26.50 37.28 -36.79
N ALA B 120 25.89 37.05 -35.65
CA ALA B 120 25.74 38.16 -34.75
C ALA B 120 27.02 38.42 -33.93
N GLY B 121 27.96 37.49 -33.97
CA GLY B 121 29.24 37.66 -33.27
C GLY B 121 29.19 37.66 -31.75
N ASP B 122 30.15 38.28 -31.12
CA ASP B 122 30.31 38.11 -29.70
C ASP B 122 29.41 39.00 -28.83
N ASP B 123 28.11 39.02 -29.15
CA ASP B 123 27.14 39.86 -28.42
C ASP B 123 25.89 39.02 -28.13
N ALA B 124 25.57 38.83 -26.85
CA ALA B 124 24.53 37.85 -26.45
C ALA B 124 23.16 38.30 -26.96
N LEU B 125 22.77 39.54 -26.63
CA LEU B 125 21.46 40.08 -27.03
C LEU B 125 21.31 39.97 -28.53
N ALA B 126 22.37 40.33 -29.26
CA ALA B 126 22.33 40.28 -30.71
C ALA B 126 22.22 38.87 -31.23
N ARG B 127 22.80 37.92 -30.50
CA ARG B 127 22.68 36.54 -30.91
C ARG B 127 21.22 35.98 -30.84
N THR B 128 20.55 36.24 -29.74
CA THR B 128 19.14 35.88 -29.57
C THR B 128 18.33 36.50 -30.70
N LYS B 129 18.54 37.81 -30.91
CA LYS B 129 17.80 38.59 -31.93
C LYS B 129 18.02 38.07 -33.29
N ALA B 130 19.24 37.60 -33.60
CA ALA B 130 19.55 36.98 -34.91
C ALA B 130 18.84 35.63 -35.15
N LEU B 131 18.78 34.84 -34.08
CA LEU B 131 17.95 33.61 -34.15
C LEU B 131 16.46 33.92 -34.32
N GLU B 132 15.96 34.86 -33.54
CA GLU B 132 14.55 35.29 -33.69
C GLU B 132 14.28 35.65 -35.14
N ALA B 133 15.08 36.58 -35.67
CA ALA B 133 14.86 37.04 -37.04
C ALA B 133 14.92 35.86 -37.97
N PHE B 134 15.87 34.96 -37.75
CA PHE B 134 15.98 33.80 -38.65
C PHE B 134 14.71 32.90 -38.59
N GLU B 135 14.27 32.62 -37.38
CA GLU B 135 13.05 31.79 -37.19
C GLU B 135 11.82 32.43 -37.84
N LYS B 136 11.64 33.73 -37.61
CA LYS B 136 10.46 34.44 -38.17
C LYS B 136 10.45 34.36 -39.69
N LYS B 137 11.63 34.49 -40.28
CA LYS B 137 11.71 34.47 -41.72
C LYS B 137 11.34 33.12 -42.29
N LEU B 138 11.99 32.08 -41.76
CA LEU B 138 11.64 30.68 -42.11
C LEU B 138 10.13 30.32 -42.00
N ILE B 139 9.56 30.71 -40.89
CA ILE B 139 8.13 30.44 -40.61
C ILE B 139 7.25 31.23 -41.56
N ALA B 140 7.63 32.49 -41.84
CA ALA B 140 6.83 33.34 -42.78
C ALA B 140 6.77 32.64 -44.14
N ASP B 141 7.93 32.17 -44.58
CA ASP B 141 8.08 31.43 -45.81
C ASP B 141 7.27 30.15 -45.82
N CYS B 142 7.43 29.35 -44.78
CA CYS B 142 6.74 28.07 -44.65
C CYS B 142 5.20 28.25 -44.61
N GLU B 143 4.75 29.31 -43.93
CA GLU B 143 3.30 29.59 -43.77
C GLU B 143 2.66 30.28 -44.98
N ALA B 144 3.46 30.61 -46.00
CA ALA B 144 2.95 31.21 -47.26
C ALA B 144 1.78 30.44 -47.87
N GLU B 145 1.79 29.12 -47.76
CA GLU B 145 0.66 28.31 -48.21
C GLU B 145 -0.39 28.45 -47.13
N ALA B 146 -1.59 28.87 -47.51
CA ALA B 146 -2.69 29.10 -46.56
C ALA B 146 -3.14 27.78 -45.88
N GLY B 147 -3.42 27.83 -44.56
CA GLY B 147 -3.90 26.63 -43.84
C GLY B 147 -2.82 25.83 -43.10
N PHE B 148 -1.59 26.33 -43.15
CA PHE B 148 -0.42 25.75 -42.48
C PHE B 148 0.22 26.61 -41.36
N ARG B 149 0.49 25.94 -40.23
CA ARG B 149 1.28 26.52 -39.19
C ARG B 149 2.61 25.74 -39.06
N CYS B 150 3.68 26.48 -38.89
CA CYS B 150 5.05 25.91 -38.84
C CYS B 150 5.67 26.26 -37.52
N ARG B 151 6.62 25.43 -37.09
CA ARG B 151 7.33 25.63 -35.83
C ARG B 151 8.78 25.18 -35.98
N LEU B 152 9.69 25.99 -35.46
CA LEU B 152 11.08 25.68 -35.41
C LEU B 152 11.42 25.07 -34.04
N TYR B 153 12.06 23.90 -34.06
CA TYR B 153 12.47 23.23 -32.86
C TYR B 153 13.98 23.12 -32.70
N SER B 154 14.51 23.40 -31.52
CA SER B 154 15.93 23.24 -31.22
C SER B 154 16.02 21.95 -30.45
N PHE B 155 16.89 21.06 -30.90
CA PHE B 155 17.14 19.78 -30.22
C PHE B 155 18.54 19.78 -29.60
N SER B 156 18.68 19.12 -28.47
CA SER B 156 20.00 18.78 -27.90
C SER B 156 20.83 20.07 -27.65
N GLY B 157 20.23 21.06 -26.99
CA GLY B 157 20.91 22.29 -26.59
C GLY B 157 21.19 23.23 -27.78
N GLY B 158 20.62 22.93 -28.91
CA GLY B 158 20.83 23.74 -30.12
C GLY B 158 21.91 23.17 -31.02
N ASN B 159 22.11 21.84 -30.97
CA ASN B 159 23.02 21.16 -31.86
C ASN B 159 22.35 20.81 -33.11
N THR B 160 21.01 20.77 -33.07
CA THR B 160 20.21 20.45 -34.22
C THR B 160 18.96 21.35 -34.16
N TYR B 161 18.50 21.74 -35.35
CA TYR B 161 17.26 22.53 -35.57
C TYR B 161 16.39 21.86 -36.63
N ARG B 162 15.11 21.69 -36.33
CA ARG B 162 14.24 21.27 -37.36
C ARG B 162 13.01 22.15 -37.39
N LEU B 163 12.47 22.27 -38.60
CA LEU B 163 11.28 23.06 -38.87
C LEU B 163 10.24 22.04 -39.20
N PHE B 164 9.10 22.07 -38.49
CA PHE B 164 7.94 21.24 -38.79
C PHE B 164 6.85 22.10 -39.41
N LYS B 165 6.16 21.53 -40.39
CA LYS B 165 5.10 22.17 -41.11
C LYS B 165 3.84 21.32 -40.92
N ASN B 166 2.80 21.94 -40.37
CA ASN B 166 1.54 21.25 -40.05
C ASN B 166 0.35 21.95 -40.69
N LEU B 167 -0.60 21.16 -41.13
CA LEU B 167 -1.94 21.61 -41.41
C LEU B 167 -2.57 22.02 -40.11
N GLU B 168 -3.13 23.23 -40.06
CA GLU B 168 -3.72 23.75 -38.84
C GLU B 168 -5.25 23.77 -38.93
N ILE B 169 -5.88 22.75 -38.39
CA ILE B 169 -7.30 22.71 -38.29
C ILE B 169 -7.75 23.55 -37.11
N LYS B 170 -8.62 24.50 -37.40
CA LYS B 170 -9.01 25.51 -36.47
C LYS B 170 -10.45 25.42 -36.08
N ASP B 171 -11.19 24.47 -36.65
CA ASP B 171 -12.58 24.23 -36.18
C ASP B 171 -12.71 22.85 -35.61
N VAL B 172 -12.49 22.79 -34.32
CA VAL B 172 -12.55 21.55 -33.57
C VAL B 172 -13.81 21.57 -32.74
N ARG B 173 -14.55 20.49 -32.81
CA ARG B 173 -15.75 20.31 -32.06
C ARG B 173 -15.71 19.06 -31.20
N LEU B 174 -16.39 19.18 -30.06
CA LEU B 174 -16.59 18.11 -29.13
C LEU B 174 -17.68 17.20 -29.64
N ALA B 175 -17.37 15.91 -29.71
CA ALA B 175 -18.29 14.86 -30.16
C ALA B 175 -18.75 13.98 -29.05
N TYR B 176 -17.92 13.79 -28.03
CA TYR B 176 -18.26 12.88 -26.94
C TYR B 176 -17.30 13.00 -25.77
N ALA B 177 -17.88 12.99 -24.60
CA ALA B 177 -17.16 12.87 -23.39
C ALA B 177 -17.94 12.08 -22.43
N PRO B 178 -17.31 11.06 -21.85
CA PRO B 178 -18.02 10.30 -20.85
C PRO B 178 -18.24 11.18 -19.59
N PRO B 179 -19.19 10.81 -18.71
CA PRO B 179 -19.31 11.55 -17.45
C PRO B 179 -17.99 11.66 -16.74
N GLY B 180 -17.84 12.73 -15.96
CA GLY B 180 -16.59 13.04 -15.26
C GLY B 180 -16.20 11.92 -14.31
N SER B 181 -17.22 11.25 -13.74
CA SER B 181 -16.94 10.11 -12.84
C SER B 181 -16.38 8.91 -13.54
N VAL B 182 -16.42 8.85 -14.87
CA VAL B 182 -15.70 7.84 -15.68
C VAL B 182 -14.40 8.51 -16.23
N GLY B 183 -14.49 9.69 -16.88
CA GLY B 183 -13.30 10.29 -17.54
C GLY B 183 -12.22 10.66 -16.54
N LYS B 184 -12.65 10.92 -15.32
CA LYS B 184 -11.73 11.28 -14.31
C LYS B 184 -12.02 10.49 -12.98
N PHE B 185 -12.43 9.25 -13.12
CA PHE B 185 -12.66 8.43 -11.93
C PHE B 185 -11.45 8.44 -10.98
N GLY B 186 -11.69 8.74 -9.70
CA GLY B 186 -10.57 8.75 -8.73
C GLY B 186 -9.97 10.13 -8.54
N GLY B 187 -10.33 11.04 -9.44
CA GLY B 187 -10.06 12.41 -9.30
C GLY B 187 -8.58 12.66 -9.04
N ASP B 188 -8.32 13.59 -8.14
CA ASP B 188 -6.97 13.94 -7.73
C ASP B 188 -6.33 12.97 -6.71
N ILE B 189 -7.13 12.08 -6.14
CA ILE B 189 -6.63 11.08 -5.22
C ILE B 189 -5.92 10.02 -6.08
N ASP B 190 -6.50 9.61 -7.21
CA ASP B 190 -5.85 8.61 -8.03
C ASP B 190 -4.86 9.19 -9.09
N ASN B 191 -4.92 10.51 -9.30
CA ASN B 191 -4.01 11.12 -10.25
C ASN B 191 -2.54 10.77 -9.89
N TRP B 192 -1.75 10.49 -10.90
CA TRP B 192 -0.33 10.10 -10.78
C TRP B 192 -0.22 8.75 -10.01
N MET B 193 -1.26 7.93 -10.02
CA MET B 193 -1.19 6.65 -9.29
C MET B 193 -1.67 5.46 -10.05
N TRP B 194 -1.13 4.30 -9.65
CA TRP B 194 -1.54 2.94 -10.01
C TRP B 194 -1.73 2.26 -8.66
N PRO B 195 -2.74 1.40 -8.48
CA PRO B 195 -3.74 0.98 -9.49
C PRO B 195 -4.64 2.09 -9.98
N ARG B 196 -4.97 2.09 -11.29
CA ARG B 196 -5.75 3.15 -11.88
C ARG B 196 -6.95 2.53 -12.56
N HIS B 197 -8.10 3.22 -12.53
CA HIS B 197 -9.36 2.71 -13.03
C HIS B 197 -10.17 3.82 -13.77
N THR B 198 -9.51 4.54 -14.65
CA THR B 198 -10.06 5.80 -15.18
C THR B 198 -10.36 5.60 -16.67
N GLY B 199 -11.60 5.89 -17.12
CA GLY B 199 -11.90 5.95 -18.57
C GLY B 199 -11.44 7.26 -19.21
N ALA B 200 -10.13 7.43 -19.39
CA ALA B 200 -9.50 8.72 -19.71
C ALA B 200 -9.56 8.93 -21.23
N PHE B 201 -10.76 9.19 -21.75
CA PHE B 201 -10.95 9.38 -23.19
C PHE B 201 -12.06 10.41 -23.46
N ALA B 202 -12.02 10.93 -24.65
CA ALA B 202 -13.00 11.91 -25.15
C ALA B 202 -12.75 12.04 -26.64
N PHE B 203 -13.78 12.53 -27.38
CA PHE B 203 -13.68 12.65 -28.81
C PHE B 203 -14.01 14.05 -29.27
N TYR B 204 -13.23 14.46 -30.24
CA TYR B 204 -13.50 15.60 -31.06
C TYR B 204 -13.81 15.23 -32.55
N ARG B 205 -14.27 16.23 -33.33
CA ARG B 205 -14.28 16.15 -34.80
C ARG B 205 -13.63 17.35 -35.41
N ALA B 206 -12.78 17.09 -36.38
CA ALA B 206 -12.07 18.11 -37.05
C ALA B 206 -12.93 18.55 -38.31
N TYR B 207 -12.98 19.85 -38.50
CA TYR B 207 -13.74 20.51 -39.59
C TYR B 207 -12.84 21.42 -40.41
N VAL B 208 -13.18 21.50 -41.70
CA VAL B 208 -12.57 22.45 -42.61
C VAL B 208 -13.66 23.23 -43.37
N GLY B 209 -13.25 24.23 -44.14
CA GLY B 209 -14.16 24.88 -45.05
C GLY B 209 -14.60 23.94 -46.16
N LYS B 210 -15.66 24.34 -46.85
CA LYS B 210 -16.13 23.57 -48.02
C LYS B 210 -15.08 23.46 -49.14
N ASP B 211 -14.16 24.42 -49.27
CA ASP B 211 -13.06 24.28 -50.21
C ASP B 211 -11.98 23.31 -49.70
N GLY B 212 -12.26 22.61 -48.58
CA GLY B 212 -11.27 21.76 -47.95
C GLY B 212 -10.13 22.46 -47.19
N LYS B 213 -10.10 23.80 -47.18
CA LYS B 213 -9.07 24.54 -46.45
C LYS B 213 -9.51 24.79 -45.03
N PRO B 214 -8.54 24.94 -44.11
CA PRO B 214 -8.84 25.22 -42.71
C PRO B 214 -9.64 26.48 -42.59
N ALA B 215 -10.49 26.59 -41.57
CA ALA B 215 -11.16 27.82 -41.25
C ALA B 215 -11.64 27.87 -39.84
N ALA B 216 -11.82 29.08 -39.33
CA ALA B 216 -12.37 29.23 -37.97
C ALA B 216 -13.81 28.74 -38.03
N PHE B 217 -14.43 28.54 -36.87
CA PHE B 217 -15.78 27.92 -36.74
C PHE B 217 -16.86 28.57 -37.64
N SER B 218 -17.64 27.77 -38.33
CA SER B 218 -18.83 28.26 -39.09
C SER B 218 -19.77 27.06 -39.29
N LYS B 219 -21.09 27.23 -39.22
CA LYS B 219 -22.01 26.12 -39.58
C LYS B 219 -21.89 25.68 -41.04
N ASP B 220 -21.17 26.45 -41.85
CA ASP B 220 -20.93 26.04 -43.23
C ASP B 220 -19.71 25.13 -43.41
N ASN B 221 -18.92 24.88 -42.34
CA ASN B 221 -17.77 23.94 -42.47
C ASN B 221 -18.26 22.51 -42.41
N VAL B 222 -17.37 21.64 -42.88
CA VAL B 222 -17.68 20.24 -42.98
C VAL B 222 -16.53 19.42 -42.36
N PRO B 223 -16.83 18.20 -41.92
CA PRO B 223 -15.79 17.28 -41.38
C PRO B 223 -14.57 17.14 -42.31
N TYR B 224 -13.37 17.23 -41.75
CA TYR B 224 -12.15 16.97 -42.47
C TYR B 224 -12.10 15.49 -42.76
N GLN B 225 -11.50 15.17 -43.92
CA GLN B 225 -11.39 13.79 -44.42
C GLN B 225 -9.94 13.39 -44.36
N PRO B 226 -9.50 12.78 -43.24
CA PRO B 226 -8.05 12.54 -43.12
C PRO B 226 -7.53 11.47 -44.07
N LYS B 227 -6.32 11.61 -44.58
CA LYS B 227 -5.66 10.56 -45.37
C LYS B 227 -5.62 9.22 -44.61
N HIS B 228 -5.30 9.32 -43.30
CA HIS B 228 -4.97 8.13 -42.53
C HIS B 228 -5.66 8.21 -41.20
N TRP B 229 -6.20 7.08 -40.78
CA TRP B 229 -6.83 6.97 -39.46
C TRP B 229 -6.51 5.60 -38.85
N LEU B 230 -6.55 5.50 -37.50
CA LEU B 230 -6.23 4.27 -36.81
C LEU B 230 -7.45 3.39 -36.78
N LYS B 231 -7.15 2.08 -36.76
CA LYS B 231 -8.12 1.05 -36.49
C LYS B 231 -7.91 0.36 -35.14
N PHE B 232 -9.02 0.04 -34.51
CA PHE B 232 -9.01 -0.68 -33.22
C PHE B 232 -8.46 -2.08 -33.41
N ALA B 233 -7.71 -2.52 -32.42
CA ALA B 233 -7.12 -3.84 -32.48
C ALA B 233 -8.20 -4.92 -32.61
N ASP B 234 -7.88 -6.00 -33.34
CA ASP B 234 -8.68 -7.21 -33.36
C ASP B 234 -8.03 -8.32 -32.55
N GLN B 235 -6.79 -8.14 -32.09
CA GLN B 235 -6.19 -9.11 -31.21
C GLN B 235 -6.19 -8.54 -29.78
N PRO B 236 -6.54 -9.38 -28.79
CA PRO B 236 -6.61 -8.93 -27.38
C PRO B 236 -5.23 -8.62 -26.87
N LEU B 237 -5.02 -7.42 -26.32
CA LEU B 237 -3.71 -7.05 -25.76
C LEU B 237 -3.51 -7.71 -24.40
N GLY B 238 -2.40 -8.40 -24.27
CA GLY B 238 -2.09 -9.04 -23.01
C GLY B 238 -0.73 -8.69 -22.45
N ALA B 239 -0.47 -9.23 -21.27
CA ALA B 239 0.78 -9.03 -20.58
C ALA B 239 1.98 -9.47 -21.44
N GLY B 240 3.03 -8.66 -21.51
CA GLY B 240 4.13 -8.96 -22.39
C GLY B 240 4.11 -8.49 -23.82
N ASP B 241 2.95 -8.03 -24.29
CA ASP B 241 2.78 -7.68 -25.69
C ASP B 241 3.50 -6.40 -26.02
N PHE B 242 3.87 -6.29 -27.27
CA PHE B 242 4.52 -5.11 -27.82
C PHE B 242 3.53 -3.96 -27.83
N VAL B 243 4.00 -2.78 -27.38
CA VAL B 243 3.30 -1.54 -27.60
C VAL B 243 4.25 -0.45 -27.95
N MET B 244 3.69 0.51 -28.73
CA MET B 244 4.39 1.72 -29.04
C MET B 244 3.42 2.92 -29.03
N VAL B 245 4.04 4.06 -28.77
CA VAL B 245 3.33 5.35 -28.77
C VAL B 245 4.11 6.30 -29.62
N ALA B 246 3.36 7.08 -30.35
CA ALA B 246 3.89 8.23 -31.02
C ALA B 246 3.10 9.44 -30.51
N GLY B 247 3.83 10.52 -30.18
CA GLY B 247 3.18 11.75 -29.71
C GLY B 247 4.18 12.86 -29.48
N TYR B 248 3.75 13.84 -28.68
CA TYR B 248 4.32 15.16 -28.57
C TYR B 248 4.74 15.55 -27.15
N PRO B 249 5.71 14.84 -26.56
CA PRO B 249 6.15 15.17 -25.19
C PRO B 249 6.76 16.50 -25.17
N GLY B 250 6.52 17.20 -24.09
CA GLY B 250 6.73 18.61 -24.02
C GLY B 250 8.16 18.94 -23.57
N SER B 251 8.57 18.45 -22.43
CA SER B 251 9.86 18.80 -21.91
C SER B 251 10.39 17.75 -20.99
N THR B 252 11.70 17.43 -21.11
CA THR B 252 12.43 16.69 -20.07
C THR B 252 13.73 17.44 -19.77
N ASN B 253 14.35 17.08 -18.67
CA ASN B 253 15.57 17.76 -18.21
C ASN B 253 16.69 16.74 -17.85
N ARG B 254 16.83 15.73 -18.67
CA ARG B 254 17.77 14.61 -18.40
C ARG B 254 19.24 15.04 -18.72
N TYR B 255 19.40 16.05 -19.57
CA TYR B 255 20.70 16.69 -19.85
C TYR B 255 20.61 17.99 -19.07
N ALA B 256 21.18 18.04 -17.90
CA ALA B 256 21.07 19.21 -17.03
C ALA B 256 22.32 19.25 -16.19
N LEU B 257 22.81 20.44 -15.90
CA LEU B 257 23.81 20.55 -14.84
C LEU B 257 23.22 20.12 -13.53
N ALA B 258 24.07 19.62 -12.64
CA ALA B 258 23.65 19.25 -11.29
C ALA B 258 23.02 20.41 -10.54
N ALA B 259 23.57 21.61 -10.74
CA ALA B 259 23.06 22.78 -10.05
C ALA B 259 21.63 23.16 -10.56
N GLU B 260 21.35 22.89 -11.84
CA GLU B 260 20.00 23.17 -12.41
C GLU B 260 19.02 22.19 -11.73
N PHE B 261 19.43 20.93 -11.55
CA PHE B 261 18.61 20.01 -10.75
C PHE B 261 18.41 20.55 -9.35
N ASP B 262 19.49 21.02 -8.68
CA ASP B 262 19.38 21.36 -7.27
C ASP B 262 18.44 22.53 -7.07
N ASN B 263 18.49 23.45 -8.02
CA ASN B 263 17.65 24.65 -7.94
C ASN B 263 16.19 24.23 -8.04
N THR B 264 15.96 23.33 -8.99
CA THR B 264 14.60 22.87 -9.30
C THR B 264 14.02 22.14 -8.12
N ALA B 265 14.84 21.27 -7.53
CA ALA B 265 14.40 20.49 -6.39
C ALA B 265 14.25 21.23 -5.09
N GLN B 266 15.16 22.18 -4.81
CA GLN B 266 15.19 22.87 -3.50
C GLN B 266 14.35 24.14 -3.57
N TRP B 267 14.26 24.75 -4.74
CA TRP B 267 13.45 25.94 -4.89
C TRP B 267 12.21 25.85 -5.86
N THR B 268 12.43 25.59 -7.13
CA THR B 268 11.33 25.75 -8.12
C THR B 268 10.08 24.93 -7.77
N TYR B 269 10.27 23.64 -7.58
CA TYR B 269 9.12 22.75 -7.37
C TYR B 269 8.40 23.00 -6.01
N PRO B 270 9.16 23.13 -4.89
CA PRO B 270 8.47 23.42 -3.64
C PRO B 270 7.74 24.76 -3.70
N THR B 271 8.30 25.74 -4.41
CA THR B 271 7.71 27.09 -4.41
C THR B 271 6.41 27.11 -5.19
N ILE B 272 6.50 26.56 -6.39
CA ILE B 272 5.31 26.45 -7.26
C ILE B 272 4.28 25.52 -6.66
N ALA B 273 4.68 24.34 -6.18
CA ALA B 273 3.66 23.53 -5.48
C ALA B 273 2.97 24.22 -4.32
N ARG B 274 3.73 24.93 -3.48
CA ARG B 274 3.05 25.74 -2.43
C ARG B 274 2.00 26.75 -2.96
N HIS B 275 2.43 27.60 -3.89
CA HIS B 275 1.55 28.60 -4.48
C HIS B 275 0.32 27.96 -5.08
N TYR B 276 0.54 26.82 -5.73
CA TYR B 276 -0.56 26.20 -6.44
C TYR B 276 -1.54 25.66 -5.43
N LYS B 277 -1.01 25.05 -4.37
CA LYS B 277 -1.86 24.60 -3.29
C LYS B 277 -2.70 25.67 -2.56
N ASN B 278 -2.11 26.83 -2.34
CA ASN B 278 -2.87 27.98 -1.73
C ASN B 278 -4.00 28.46 -2.61
N GLN B 279 -3.77 28.50 -3.94
CA GLN B 279 -4.81 28.93 -4.86
C GLN B 279 -5.94 27.91 -4.93
N ILE B 280 -5.57 26.64 -4.93
CA ILE B 280 -6.53 25.56 -4.94
C ILE B 280 -7.40 25.75 -3.69
N ALA B 281 -6.82 26.07 -2.55
CA ALA B 281 -7.58 26.04 -1.29
C ALA B 281 -8.61 27.16 -1.33
N MET B 282 -8.18 28.31 -1.87
CA MET B 282 -9.07 29.50 -1.95
C MET B 282 -10.19 29.22 -2.90
N VAL B 283 -9.89 28.71 -4.11
CA VAL B 283 -10.94 28.46 -5.08
C VAL B 283 -11.87 27.32 -4.71
N GLU B 284 -11.32 26.30 -4.08
CA GLU B 284 -12.11 25.22 -3.58
C GLU B 284 -13.17 25.78 -2.63
N ALA B 285 -12.75 26.62 -1.68
CA ALA B 285 -13.70 27.10 -0.64
C ALA B 285 -14.79 27.99 -1.28
N ALA B 286 -14.38 28.87 -2.19
CA ALA B 286 -15.30 29.78 -2.86
C ALA B 286 -16.30 29.01 -3.70
N GLY B 287 -15.81 27.95 -4.36
CA GLY B 287 -16.63 27.13 -5.20
C GLY B 287 -17.63 26.25 -4.49
N LYS B 288 -17.35 25.95 -3.21
CA LYS B 288 -18.26 25.14 -2.38
C LYS B 288 -19.58 25.88 -2.17
N GLN B 289 -19.52 27.20 -2.17
CA GLN B 289 -20.66 28.11 -1.92
C GLN B 289 -21.15 28.78 -3.21
N ASN B 290 -20.58 28.45 -4.37
CA ASN B 290 -20.86 29.17 -5.61
C ASN B 290 -20.56 28.23 -6.80
N ALA B 291 -21.62 27.63 -7.33
CA ALA B 291 -21.51 26.67 -8.40
C ALA B 291 -20.99 27.35 -9.65
N ASP B 292 -21.28 28.64 -9.85
CA ASP B 292 -20.71 29.35 -10.97
C ASP B 292 -19.14 29.43 -10.91
N ILE B 293 -18.60 29.84 -9.75
CA ILE B 293 -17.15 29.83 -9.52
C ILE B 293 -16.58 28.41 -9.74
N GLN B 294 -17.30 27.43 -9.23
CA GLN B 294 -16.84 26.05 -9.31
C GLN B 294 -16.72 25.60 -10.74
N VAL B 295 -17.75 25.73 -11.57
CA VAL B 295 -17.61 25.40 -13.01
C VAL B 295 -16.58 26.25 -13.75
N LYS B 296 -16.54 27.55 -13.44
CA LYS B 296 -15.77 28.45 -14.23
C LYS B 296 -14.29 28.25 -13.95
N TYR B 297 -13.98 27.88 -12.71
CA TYR B 297 -12.58 27.64 -12.35
C TYR B 297 -12.10 26.16 -12.49
N ALA B 298 -12.95 25.28 -12.96
CA ALA B 298 -12.65 23.82 -12.94
C ALA B 298 -11.39 23.44 -13.73
N ALA B 299 -11.22 23.98 -14.93
CA ALA B 299 -10.07 23.65 -15.74
C ALA B 299 -8.77 24.16 -15.09
N THR B 300 -8.78 25.40 -14.60
CA THR B 300 -7.66 25.98 -13.88
C THR B 300 -7.31 25.13 -12.65
N MET B 301 -8.34 24.74 -11.89
CA MET B 301 -8.15 23.87 -10.73
C MET B 301 -7.56 22.49 -11.11
N ALA B 302 -7.95 21.96 -12.25
CA ALA B 302 -7.39 20.64 -12.68
C ALA B 302 -5.90 20.76 -12.97
N GLY B 303 -5.50 21.89 -13.56
CA GLY B 303 -4.10 22.09 -13.87
C GLY B 303 -3.30 22.35 -12.62
N TRP B 304 -3.81 23.17 -11.69
CA TRP B 304 -3.07 23.41 -10.46
C TRP B 304 -2.87 22.11 -9.68
N ASN B 305 -3.94 21.34 -9.49
CA ASN B 305 -3.85 20.06 -8.81
C ASN B 305 -2.87 19.15 -9.53
N ASN B 306 -2.99 19.02 -10.85
CA ASN B 306 -2.12 18.09 -11.58
C ASN B 306 -0.64 18.50 -11.45
N THR B 307 -0.33 19.77 -11.64
CA THR B 307 1.12 20.10 -11.63
C THR B 307 1.70 20.06 -10.18
N SER B 308 0.93 20.56 -9.23
CA SER B 308 1.37 20.54 -7.81
C SER B 308 1.57 19.08 -7.34
N LYS B 309 0.69 18.18 -7.69
CA LYS B 309 0.89 16.78 -7.31
C LYS B 309 2.06 16.17 -8.05
N ASN B 310 2.24 16.50 -9.33
CA ASN B 310 3.40 16.01 -10.08
C ASN B 310 4.70 16.43 -9.40
N TYR B 311 4.78 17.72 -9.06
CA TYR B 311 5.99 18.23 -8.31
C TYR B 311 6.19 17.52 -6.96
N ASP B 312 5.12 17.27 -6.20
CA ASP B 312 5.26 16.50 -4.91
C ASP B 312 5.79 15.15 -5.26
N GLY B 313 5.36 14.58 -6.38
CA GLY B 313 5.83 13.28 -6.77
C GLY B 313 7.29 13.26 -7.19
N GLN B 314 7.72 14.26 -7.98
CA GLN B 314 9.11 14.36 -8.38
C GLN B 314 9.97 14.56 -7.10
N LEU B 315 9.55 15.40 -6.17
CA LEU B 315 10.37 15.63 -4.95
C LEU B 315 10.60 14.28 -4.25
N GLU B 316 9.48 13.55 -3.98
CA GLU B 316 9.54 12.22 -3.35
C GLU B 316 10.37 11.23 -4.17
N GLY B 317 10.25 11.23 -5.49
CA GLY B 317 11.06 10.33 -6.30
C GLY B 317 12.57 10.70 -6.26
N PHE B 318 12.88 12.00 -6.15
CA PHE B 318 14.32 12.41 -5.98
C PHE B 318 14.92 11.73 -4.75
N LYS B 319 14.21 11.79 -3.65
CA LYS B 319 14.63 11.21 -2.38
C LYS B 319 14.73 9.72 -2.47
N ARG B 320 13.75 9.08 -3.13
CA ARG B 320 13.76 7.65 -3.26
C ARG B 320 15.01 7.19 -4.02
N ILE B 321 15.45 7.91 -5.05
CA ILE B 321 16.60 7.43 -5.82
C ILE B 321 17.93 8.15 -5.57
N ASP B 322 17.96 8.97 -4.54
CA ASP B 322 19.00 9.99 -4.37
C ASP B 322 19.37 10.69 -5.66
N ALA B 323 18.41 11.45 -6.22
CA ALA B 323 18.67 12.14 -7.49
C ALA B 323 19.81 13.17 -7.30
N ALA B 324 19.80 13.84 -6.17
CA ALA B 324 20.77 14.92 -5.91
C ALA B 324 22.18 14.34 -5.92
N GLY B 325 22.32 13.19 -5.26
CA GLY B 325 23.56 12.42 -5.29
C GLY B 325 23.94 11.98 -6.68
N GLN B 326 23.01 11.47 -7.49
CA GLN B 326 23.36 10.89 -8.78
C GLN B 326 23.83 11.92 -9.79
N LYS B 327 23.21 13.09 -9.69
CA LYS B 327 23.53 14.21 -10.56
C LYS B 327 24.98 14.66 -10.22
N LEU B 328 25.21 14.95 -8.93
CA LEU B 328 26.56 15.30 -8.40
C LEU B 328 27.59 14.30 -8.87
N ARG B 329 27.33 13.04 -8.58
CA ARG B 329 28.27 11.99 -8.98
C ARG B 329 28.47 11.87 -10.50
N GLU B 330 27.44 12.03 -11.33
CA GLU B 330 27.71 11.81 -12.77
C GLU B 330 28.35 13.03 -13.42
N GLU B 331 28.15 14.18 -12.79
CA GLU B 331 28.76 15.42 -13.26
C GLU B 331 30.26 15.31 -13.01
N ALA B 332 30.63 14.97 -11.77
CA ALA B 332 32.02 14.68 -11.37
C ALA B 332 32.65 13.73 -12.36
N ALA B 333 31.93 12.67 -12.69
CA ALA B 333 32.39 11.74 -13.67
C ALA B 333 32.59 12.39 -15.01
N VAL B 334 31.75 13.39 -15.37
CA VAL B 334 31.84 13.94 -16.76
C VAL B 334 32.97 14.99 -16.89
N LEU B 335 33.11 15.77 -15.85
CA LEU B 335 34.12 16.82 -15.78
C LEU B 335 35.51 16.14 -15.72
N GLY B 336 35.62 15.14 -14.85
CA GLY B 336 36.77 14.22 -14.86
C GLY B 336 37.17 13.86 -16.29
N TRP B 337 36.21 13.32 -17.04
CA TRP B 337 36.42 12.80 -18.40
C TRP B 337 36.86 13.85 -19.36
N LEU B 338 36.33 15.06 -19.25
CA LEU B 338 36.72 16.12 -20.20
C LEU B 338 38.21 16.57 -20.12
N LYS B 339 38.67 16.84 -18.91
CA LYS B 339 40.09 17.24 -18.71
C LYS B 339 41.09 16.12 -19.06
N GLY B 340 40.68 14.87 -18.83
CA GLY B 340 41.45 13.73 -19.28
C GLY B 340 41.70 13.72 -20.79
N GLN B 341 41.01 14.56 -21.55
CA GLN B 341 41.30 14.64 -22.97
C GLN B 341 42.07 15.92 -23.29
N GLY B 342 42.48 16.64 -22.23
CA GLY B 342 43.36 17.82 -22.32
C GLY B 342 42.93 18.91 -23.31
N ALA B 343 43.62 19.00 -24.44
CA ALA B 343 43.29 19.94 -25.55
C ALA B 343 41.82 19.81 -25.99
N LYS B 344 41.40 18.57 -26.19
CA LYS B 344 40.08 18.24 -26.78
C LYS B 344 38.86 18.77 -25.98
N GLY B 345 38.92 18.69 -24.65
CA GLY B 345 37.77 18.92 -23.79
C GLY B 345 37.87 20.22 -23.03
N GLN B 346 38.60 21.16 -23.63
CA GLN B 346 38.61 22.49 -23.07
C GLN B 346 37.35 23.29 -23.45
N PRO B 347 36.93 23.28 -24.74
CA PRO B 347 35.65 23.97 -25.09
C PRO B 347 34.46 23.57 -24.15
N ALA B 348 34.26 22.27 -23.97
CA ALA B 348 33.16 21.78 -23.13
C ALA B 348 33.33 22.26 -21.71
N LEU B 349 34.58 22.39 -21.23
CA LEU B 349 34.78 22.69 -19.79
C LEU B 349 34.47 24.18 -19.43
N ASP B 350 34.69 24.99 -20.47
CA ASP B 350 34.51 26.44 -20.50
C ASP B 350 32.95 26.71 -20.44
N ALA B 351 32.27 26.08 -21.41
CA ALA B 351 30.81 26.00 -21.49
C ALA B 351 30.20 25.64 -20.15
N HIS B 352 30.71 24.64 -19.46
CA HIS B 352 30.16 24.27 -18.16
C HIS B 352 30.26 25.41 -17.15
N ALA B 353 31.40 26.10 -17.14
CA ALA B 353 31.56 27.15 -16.16
C ALA B 353 30.66 28.37 -16.53
N LYS B 354 30.42 28.56 -17.83
CA LYS B 354 29.53 29.64 -18.32
C LYS B 354 28.07 29.35 -17.90
N LEU B 355 27.60 28.16 -18.28
CA LEU B 355 26.24 27.70 -17.91
C LEU B 355 26.00 27.85 -16.45
N LEU B 356 26.99 27.47 -15.63
CA LEU B 356 26.89 27.60 -14.18
C LEU B 356 26.68 29.05 -13.72
N ASP B 357 27.34 29.99 -14.40
CA ASP B 357 27.20 31.38 -14.01
C ASP B 357 25.85 31.95 -14.48
N LEU B 358 25.43 31.56 -15.68
CA LEU B 358 24.08 31.92 -16.15
C LEU B 358 23.03 31.45 -15.17
N LEU B 359 23.19 30.22 -14.68
CA LEU B 359 22.25 29.73 -13.71
C LEU B 359 22.21 30.58 -12.41
N GLU B 360 23.38 31.03 -11.93
CA GLU B 360 23.43 31.87 -10.73
C GLU B 360 22.76 33.26 -10.89
N GLN B 361 22.87 33.81 -12.09
CA GLN B 361 22.20 35.05 -12.49
C GLN B 361 20.68 34.97 -12.51
N SER B 362 20.13 33.92 -13.15
CA SER B 362 18.68 33.72 -13.06
C SER B 362 18.33 33.51 -11.60
N LYS B 363 19.20 32.85 -10.88
CA LYS B 363 18.91 32.58 -9.49
C LYS B 363 18.80 33.85 -8.62
N ALA B 364 19.64 34.85 -8.85
CA ALA B 364 19.54 36.13 -8.12
C ALA B 364 18.15 36.80 -8.06
N THR B 365 17.33 36.61 -9.11
CA THR B 365 16.03 37.29 -9.22
C THR B 365 14.83 36.31 -9.29
N ARG B 366 15.02 35.08 -8.90
CA ARG B 366 14.01 34.07 -9.24
C ARG B 366 12.72 34.33 -8.49
N ASP B 367 12.83 34.86 -7.27
CA ASP B 367 11.64 35.10 -6.47
C ASP B 367 10.84 36.25 -7.07
N ARG B 368 11.57 37.30 -7.44
CA ARG B 368 10.96 38.45 -8.05
C ARG B 368 10.27 37.97 -9.33
N ASP B 369 11.05 37.34 -10.17
CA ASP B 369 10.65 36.91 -11.51
C ASP B 369 9.38 36.05 -11.49
N LEU B 370 9.31 35.09 -10.57
CA LEU B 370 8.17 34.17 -10.48
C LEU B 370 6.96 34.89 -9.97
N THR B 371 7.16 35.67 -8.92
CA THR B 371 6.05 36.34 -8.29
C THR B 371 5.36 37.36 -9.20
N LEU B 372 6.19 38.07 -9.97
CA LEU B 372 5.75 39.10 -10.89
C LEU B 372 4.96 38.42 -12.04
N ALA B 373 5.54 37.35 -12.55
CA ALA B 373 4.96 36.60 -13.63
C ALA B 373 3.58 36.05 -13.22
N LEU B 374 3.48 35.50 -12.00
CA LEU B 374 2.20 34.94 -11.53
C LEU B 374 1.18 36.01 -11.14
N PHE B 375 1.63 37.10 -10.52
CA PHE B 375 0.73 38.25 -10.28
C PHE B 375 0.08 38.77 -11.57
N ASN B 376 0.93 38.98 -12.56
CA ASN B 376 0.54 39.43 -13.89
C ASN B 376 -0.23 38.43 -14.71
N ASN B 377 -0.29 37.19 -14.23
CA ASN B 377 -1.08 36.18 -14.91
C ASN B 377 -2.52 36.08 -14.35
N THR B 378 -2.88 36.83 -13.30
CA THR B 378 -4.32 36.90 -12.84
C THR B 378 -5.11 37.50 -14.02
N ALA B 379 -6.42 37.43 -14.05
CA ALA B 379 -7.12 37.52 -15.34
C ALA B 379 -7.12 38.95 -15.93
N MET B 380 -7.30 39.93 -15.07
CA MET B 380 -7.50 41.30 -15.55
C MET B 380 -6.14 41.91 -15.82
N LEU B 381 -5.15 41.58 -14.99
CA LEU B 381 -3.81 42.08 -15.24
C LEU B 381 -3.12 41.45 -16.44
N GLY B 382 -3.37 40.14 -16.60
CA GLY B 382 -2.93 39.47 -17.78
C GLY B 382 -3.57 40.02 -19.04
N SER B 383 -4.88 40.22 -19.04
CA SER B 383 -5.51 40.75 -20.25
C SER B 383 -4.92 42.15 -20.53
N ALA B 384 -4.72 42.95 -19.51
CA ALA B 384 -4.30 44.34 -19.78
C ALA B 384 -2.88 44.42 -20.25
N THR B 385 -1.97 43.68 -19.57
CA THR B 385 -0.57 43.62 -20.06
C THR B 385 -0.47 43.11 -21.49
N GLN B 386 -1.18 42.02 -21.80
CA GLN B 386 -1.10 41.40 -23.10
C GLN B 386 -1.65 42.37 -24.19
N LEU B 387 -2.77 42.98 -23.89
CA LEU B 387 -3.41 43.85 -24.81
C LEU B 387 -2.63 45.13 -24.94
N TYR B 388 -2.13 45.68 -23.83
CA TYR B 388 -1.22 46.84 -24.04
C TYR B 388 0.04 46.50 -24.89
N ARG B 389 0.64 45.34 -24.64
CA ARG B 389 1.88 44.99 -25.31
C ARG B 389 1.55 44.81 -26.78
N LEU B 390 0.39 44.22 -27.09
CA LEU B 390 -0.01 44.03 -28.50
C LEU B 390 -0.04 45.42 -29.20
N SER B 391 -0.63 46.40 -28.49
CA SER B 391 -0.84 47.75 -29.07
C SER B 391 0.51 48.40 -29.34
N ILE B 392 1.51 48.05 -28.50
CA ILE B 392 2.87 48.55 -28.66
C ILE B 392 3.48 47.86 -29.86
N GLU B 393 3.35 46.52 -29.95
CA GLU B 393 3.97 45.79 -31.08
C GLU B 393 3.38 46.14 -32.41
N ARG B 394 2.10 46.49 -32.40
CA ARG B 394 1.37 46.73 -33.66
C ARG B 394 1.94 47.97 -34.36
N GLU B 395 2.74 48.76 -33.66
CA GLU B 395 3.37 49.94 -34.27
C GLU B 395 4.59 49.57 -35.08
N LYS B 396 5.12 48.35 -34.91
CA LYS B 396 6.30 47.91 -35.65
C LYS B 396 5.87 47.18 -36.90
N PRO B 397 6.76 47.06 -37.90
CA PRO B 397 6.42 46.19 -39.01
C PRO B 397 6.35 44.75 -38.47
N ASN B 398 5.59 43.92 -39.15
CA ASN B 398 5.17 42.64 -38.58
C ASN B 398 6.37 41.72 -38.33
N ALA B 399 7.37 41.77 -39.21
CA ALA B 399 8.55 40.97 -38.99
C ALA B 399 9.35 41.38 -37.80
N GLU B 400 9.19 42.58 -37.24
CA GLU B 400 9.98 42.95 -36.06
C GLU B 400 9.22 42.79 -34.74
N ARG B 401 7.94 42.41 -34.87
CA ARG B 401 7.07 42.25 -33.71
C ARG B 401 7.46 40.98 -32.92
N GLU B 402 7.42 41.07 -31.60
CA GLU B 402 7.66 39.93 -30.71
C GLU B 402 6.81 38.70 -31.05
N SER B 403 7.44 37.52 -31.06
CA SER B 403 6.71 36.28 -31.23
C SER B 403 5.58 36.27 -30.23
N GLY B 404 4.43 35.81 -30.69
CA GLY B 404 3.21 35.90 -29.88
C GLY B 404 2.39 37.17 -30.10
N TYR B 405 2.96 38.17 -30.79
CA TYR B 405 2.26 39.46 -31.05
C TYR B 405 2.29 39.84 -32.53
N GLN B 406 2.50 38.83 -33.33
CA GLN B 406 2.58 38.95 -34.76
C GLN B 406 1.20 38.67 -35.36
N GLU B 407 1.05 38.93 -36.65
CA GLU B 407 -0.24 38.70 -37.27
C GLU B 407 -0.70 37.29 -37.09
N ARG B 408 0.25 36.34 -37.16
CA ARG B 408 -0.08 34.90 -37.10
C ARG B 408 -0.62 34.56 -35.68
N ASP B 409 -0.38 35.45 -34.70
CA ASP B 409 -0.78 35.17 -33.34
C ASP B 409 -2.14 35.80 -33.01
N LEU B 410 -2.63 36.72 -33.84
CA LEU B 410 -3.93 37.37 -33.55
C LEU B 410 -5.11 36.45 -33.25
N PRO B 411 -5.32 35.39 -34.03
CA PRO B 411 -6.43 34.53 -33.75
C PRO B 411 -6.42 33.97 -32.32
N ALA B 412 -5.29 33.47 -31.84
CA ALA B 412 -5.20 32.88 -30.49
C ALA B 412 -5.35 33.94 -29.44
N ILE B 413 -4.86 35.18 -29.71
CA ILE B 413 -4.99 36.23 -28.76
C ILE B 413 -6.51 36.56 -28.52
N GLU B 414 -7.19 36.76 -29.62
CA GLU B 414 -8.62 37.09 -29.62
C GLU B 414 -9.46 35.93 -29.07
N GLY B 415 -9.10 34.71 -29.47
CA GLY B 415 -9.68 33.51 -28.91
C GLY B 415 -9.56 33.39 -27.40
N GLY B 416 -8.39 33.70 -26.88
CA GLY B 416 -8.18 33.68 -25.43
C GLY B 416 -9.08 34.65 -24.69
N LEU B 417 -9.19 35.86 -25.23
CA LEU B 417 -10.06 36.88 -24.58
C LEU B 417 -11.50 36.47 -24.49
N LYS B 418 -11.97 35.71 -25.49
CA LYS B 418 -13.31 35.13 -25.50
C LYS B 418 -13.47 33.96 -24.54
N GLN B 419 -12.51 33.03 -24.57
CA GLN B 419 -12.61 31.92 -23.69
C GLN B 419 -12.58 32.29 -22.20
N LEU B 420 -11.88 33.37 -21.86
CA LEU B 420 -11.80 33.89 -20.51
C LEU B 420 -13.20 34.11 -19.90
N GLU B 421 -14.22 34.36 -20.72
CA GLU B 421 -15.60 34.60 -20.19
C GLU B 421 -16.10 33.44 -19.32
N ARG B 422 -15.78 32.24 -19.78
CA ARG B 422 -16.13 31.01 -19.11
C ARG B 422 -15.14 30.57 -18.04
N ARG B 423 -14.19 31.44 -17.68
CA ARG B 423 -13.12 31.10 -16.72
C ARG B 423 -12.80 32.23 -15.74
N TYR B 424 -13.71 33.17 -15.54
CA TYR B 424 -13.44 34.37 -14.76
C TYR B 424 -14.71 34.73 -13.96
N VAL B 425 -14.51 35.02 -12.69
CA VAL B 425 -15.52 35.57 -11.80
C VAL B 425 -14.81 36.64 -10.98
N ALA B 426 -15.25 37.91 -11.03
CA ALA B 426 -14.47 38.96 -10.38
C ALA B 426 -14.18 38.70 -8.90
N ALA B 427 -15.15 38.19 -8.17
CA ALA B 427 -14.99 37.97 -6.72
C ALA B 427 -13.81 37.00 -6.48
N MET B 428 -13.68 36.02 -7.35
CA MET B 428 -12.63 35.00 -7.23
C MET B 428 -11.27 35.53 -7.66
N ASP B 429 -11.23 36.17 -8.82
CA ASP B 429 -10.00 36.78 -9.29
C ASP B 429 -9.48 37.80 -8.27
N ARG B 430 -10.39 38.49 -7.58
CA ARG B 430 -9.95 39.45 -6.54
C ARG B 430 -9.12 38.77 -5.44
N GLN B 431 -9.64 37.66 -4.91
CA GLN B 431 -8.94 36.81 -3.97
C GLN B 431 -7.58 36.39 -4.46
N LEU B 432 -7.48 36.08 -5.76
CA LEU B 432 -6.17 35.69 -6.33
C LEU B 432 -5.21 36.88 -6.47
N GLN B 433 -5.73 38.01 -6.95
CA GLN B 433 -4.95 39.27 -6.89
C GLN B 433 -4.44 39.55 -5.45
N GLU B 434 -5.35 39.42 -4.48
CA GLU B 434 -5.02 39.60 -3.04
C GLU B 434 -3.87 38.70 -2.67
N TYR B 435 -4.04 37.40 -2.96
CA TYR B 435 -2.96 36.43 -2.71
C TYR B 435 -1.59 36.87 -3.21
N TRP B 436 -1.52 37.28 -4.48
CA TRP B 436 -0.24 37.57 -5.09
C TRP B 436 0.34 38.92 -4.64
N LEU B 437 -0.52 39.86 -4.29
CA LEU B 437 -0.08 41.15 -3.71
C LEU B 437 0.53 40.89 -2.34
N ASN B 438 -0.15 40.07 -1.51
CA ASN B 438 0.42 39.61 -0.23
C ASN B 438 1.77 38.91 -0.41
N GLU B 439 1.88 38.05 -1.42
CA GLU B 439 3.16 37.36 -1.71
C GLU B 439 4.18 38.34 -2.20
N TYR B 440 3.71 39.37 -2.88
CA TYR B 440 4.64 40.39 -3.38
C TYR B 440 5.22 41.24 -2.24
N ILE B 441 4.37 41.72 -1.33
CA ILE B 441 4.86 42.64 -0.27
C ILE B 441 5.84 41.89 0.63
N LYS B 442 5.72 40.57 0.66
CA LYS B 442 6.60 39.70 1.39
C LYS B 442 7.99 39.70 0.78
N LEU B 443 8.14 40.13 -0.46
CA LEU B 443 9.46 40.08 -1.08
C LEU B 443 10.45 41.02 -0.37
N PRO B 444 11.74 40.64 -0.39
CA PRO B 444 12.74 41.46 0.27
C PRO B 444 13.00 42.68 -0.60
N ALA B 445 13.71 43.68 -0.04
CA ALA B 445 13.91 45.00 -0.64
C ALA B 445 14.60 44.94 -2.01
N ASP B 446 15.80 44.34 -2.10
CA ASP B 446 16.35 43.91 -3.38
C ASP B 446 15.36 42.80 -3.79
N GLN B 447 15.03 42.66 -5.07
CA GLN B 447 13.95 41.72 -5.46
C GLN B 447 12.58 42.39 -5.63
N ARG B 448 12.47 43.69 -5.33
CA ARG B 448 11.19 44.38 -5.52
C ARG B 448 11.18 44.96 -6.90
N VAL B 449 10.05 45.55 -7.27
CA VAL B 449 9.97 46.23 -8.55
C VAL B 449 9.56 47.69 -8.33
N ALA B 450 10.45 48.61 -8.76
CA ALA B 450 10.22 50.06 -8.68
C ALA B 450 8.74 50.38 -8.93
N ALA B 451 8.37 50.05 -10.16
CA ALA B 451 7.14 50.52 -10.73
C ALA B 451 5.94 49.93 -9.97
N VAL B 452 6.09 48.71 -9.46
CA VAL B 452 4.96 48.08 -8.75
C VAL B 452 4.85 48.69 -7.34
N ASP B 453 6.00 48.91 -6.70
CA ASP B 453 6.00 49.64 -5.40
C ASP B 453 5.27 51.00 -5.50
N ALA B 454 5.58 51.80 -6.52
CA ALA B 454 4.93 53.13 -6.70
C ALA B 454 3.44 52.93 -6.96
N TRP B 455 3.09 52.06 -7.93
CA TRP B 455 1.68 51.82 -8.23
C TRP B 455 0.89 51.42 -6.96
N LEU B 456 1.57 50.72 -6.06
CA LEU B 456 0.95 50.18 -4.83
C LEU B 456 0.90 51.21 -3.68
N GLY B 457 1.94 52.06 -3.60
CA GLY B 457 2.04 53.13 -2.59
C GLY B 457 1.95 52.65 -1.14
N GLY B 458 2.78 51.69 -0.77
CA GLY B 458 2.79 51.18 0.62
C GLY B 458 2.98 49.67 0.67
N ASN B 459 3.61 49.20 1.76
CA ASN B 459 3.92 47.78 1.97
C ASN B 459 3.14 47.16 3.08
N ASP B 460 1.83 47.29 3.04
CA ASP B 460 1.01 46.75 4.11
C ASP B 460 -0.37 46.46 3.60
N ALA B 461 -1.16 45.84 4.48
CA ALA B 461 -2.53 45.45 4.15
C ALA B 461 -3.33 46.63 3.65
N ALA B 462 -3.04 47.83 4.17
CA ALA B 462 -3.80 49.01 3.76
C ALA B 462 -3.67 49.26 2.27
N ALA B 463 -2.44 49.16 1.76
CA ALA B 463 -2.13 49.43 0.33
C ALA B 463 -2.77 48.37 -0.57
N VAL B 464 -2.76 47.15 -0.06
CA VAL B 464 -3.31 45.99 -0.74
C VAL B 464 -4.81 46.21 -0.92
N LYS B 465 -5.45 46.55 0.19
CA LYS B 465 -6.87 46.87 0.21
C LYS B 465 -7.22 47.92 -0.85
N ARG B 466 -6.42 48.99 -0.90
CA ARG B 466 -6.66 50.12 -1.85
C ARG B 466 -6.41 49.72 -3.30
N ALA B 467 -5.31 49.01 -3.51
CA ALA B 467 -5.02 48.37 -4.80
C ALA B 467 -6.18 47.46 -5.31
N LEU B 468 -6.63 46.56 -4.46
CA LEU B 468 -7.74 45.70 -4.82
C LEU B 468 -8.98 46.52 -5.17
N ASP B 469 -9.35 47.49 -4.29
CA ASP B 469 -10.56 48.33 -4.44
C ASP B 469 -10.46 49.12 -5.76
N ARG B 470 -9.26 49.62 -6.09
CA ARG B 470 -8.99 50.31 -7.36
C ARG B 470 -9.20 49.40 -8.60
N LEU B 471 -8.50 48.27 -8.65
CA LEU B 471 -8.60 47.34 -9.82
C LEU B 471 -10.02 46.83 -10.04
N ALA B 472 -10.80 46.81 -8.98
CA ALA B 472 -12.17 46.32 -9.08
C ALA B 472 -12.92 47.23 -10.03
N GLY B 473 -12.45 48.49 -10.18
CA GLY B 473 -13.01 49.45 -11.14
C GLY B 473 -12.86 49.11 -12.62
N THR B 474 -12.00 48.15 -12.95
CA THR B 474 -11.74 47.85 -14.35
C THR B 474 -13.01 47.43 -15.09
N LYS B 475 -13.06 47.68 -16.39
CA LYS B 475 -14.17 47.20 -17.23
C LYS B 475 -13.77 45.95 -18.04
N LEU B 476 -12.53 45.50 -17.88
CA LEU B 476 -12.03 44.35 -18.63
C LEU B 476 -12.69 43.01 -18.26
N GLY B 477 -13.53 42.99 -17.22
CA GLY B 477 -14.27 41.81 -16.83
C GLY B 477 -15.25 41.29 -17.85
N SER B 478 -15.57 42.07 -18.92
CA SER B 478 -16.48 41.58 -19.95
C SER B 478 -15.72 41.36 -21.24
N THR B 479 -16.20 40.41 -21.99
CA THR B 479 -15.60 39.93 -23.24
C THR B 479 -15.57 41.11 -24.19
N GLU B 480 -16.65 41.88 -24.22
CA GLU B 480 -16.72 42.99 -25.15
C GLU B 480 -15.71 44.08 -24.87
N GLU B 481 -15.42 44.38 -23.60
CA GLU B 481 -14.43 45.38 -23.28
C GLU B 481 -13.04 44.92 -23.65
N ARG B 482 -12.77 43.64 -23.38
CA ARG B 482 -11.51 43.02 -23.83
C ARG B 482 -11.32 43.12 -25.34
N LEU B 483 -12.35 42.82 -26.14
CA LEU B 483 -12.22 42.85 -27.57
C LEU B 483 -12.07 44.28 -28.14
N LYS B 484 -12.70 45.22 -27.43
CA LYS B 484 -12.53 46.61 -27.80
C LYS B 484 -11.06 46.95 -27.69
N TRP B 485 -10.44 46.65 -26.55
CA TRP B 485 -9.01 46.97 -26.38
C TRP B 485 -8.09 46.13 -27.30
N PHE B 486 -8.56 44.92 -27.70
CA PHE B 486 -7.82 44.09 -28.68
C PHE B 486 -7.64 44.85 -29.97
N ALA B 487 -8.61 45.70 -30.34
CA ALA B 487 -8.45 46.54 -31.54
C ALA B 487 -7.89 47.93 -31.33
N ALA B 488 -7.74 48.41 -30.10
CA ALA B 488 -7.42 49.83 -29.85
C ALA B 488 -5.94 50.15 -30.01
N ASP B 489 -5.62 51.42 -30.20
CA ASP B 489 -4.23 51.76 -30.34
C ASP B 489 -3.55 52.14 -29.04
N ARG B 490 -2.21 52.19 -29.12
CA ARG B 490 -1.38 52.45 -27.99
C ARG B 490 -1.79 53.74 -27.26
N LYS B 491 -1.93 54.79 -28.08
CA LYS B 491 -2.46 56.07 -27.62
C LYS B 491 -3.73 55.94 -26.77
N ALA B 492 -4.67 55.14 -27.24
CA ALA B 492 -5.90 54.88 -26.49
C ALA B 492 -5.61 54.18 -25.13
N PHE B 493 -4.64 53.27 -25.06
CA PHE B 493 -4.27 52.62 -23.77
C PHE B 493 -3.72 53.63 -22.76
N GLU B 494 -2.78 54.43 -23.23
CA GLU B 494 -2.12 55.42 -22.41
C GLU B 494 -3.08 56.53 -21.99
N ALA B 495 -4.15 56.75 -22.75
CA ALA B 495 -5.23 57.69 -22.31
C ALA B 495 -6.21 57.12 -21.26
N SER B 496 -6.23 55.78 -21.05
CA SER B 496 -7.34 55.16 -20.29
C SER B 496 -7.27 55.40 -18.78
N ASN B 497 -8.45 55.56 -18.22
CA ASN B 497 -8.66 55.63 -16.80
C ASN B 497 -8.97 54.28 -16.24
N ASP B 498 -9.01 53.25 -17.08
CA ASP B 498 -9.31 51.89 -16.57
C ASP B 498 -8.12 51.47 -15.69
N PRO B 499 -8.36 51.08 -14.45
CA PRO B 499 -7.23 50.87 -13.53
C PRO B 499 -6.34 49.64 -13.84
N ALA B 500 -6.89 48.62 -14.53
CA ALA B 500 -6.07 47.48 -14.98
C ALA B 500 -5.16 47.95 -16.11
N ILE B 501 -5.74 48.75 -17.02
CA ILE B 501 -4.98 49.29 -18.13
C ILE B 501 -3.97 50.25 -17.55
N GLN B 502 -4.33 50.99 -16.50
CA GLN B 502 -3.36 51.91 -15.92
C GLN B 502 -2.18 51.15 -15.32
N TYR B 503 -2.49 50.04 -14.65
CA TYR B 503 -1.43 49.18 -14.12
C TYR B 503 -0.49 48.70 -15.22
N ALA B 504 -1.09 48.17 -16.29
CA ALA B 504 -0.32 47.71 -17.42
C ALA B 504 0.63 48.79 -17.92
N VAL B 505 0.12 50.01 -18.11
CA VAL B 505 0.93 51.07 -18.71
C VAL B 505 2.07 51.50 -17.77
N ALA B 506 1.74 51.54 -16.48
CA ALA B 506 2.72 51.76 -15.41
C ALA B 506 3.89 50.77 -15.37
N VAL B 507 3.64 49.46 -15.59
CA VAL B 507 4.69 48.40 -15.44
C VAL B 507 5.37 47.98 -16.74
N MET B 508 4.78 48.28 -17.89
CA MET B 508 5.28 47.74 -19.14
C MET B 508 6.77 48.01 -19.43
N PRO B 509 7.24 49.24 -19.13
CA PRO B 509 8.69 49.49 -19.30
C PRO B 509 9.58 48.50 -18.53
N THR B 510 9.26 48.28 -17.26
CA THR B 510 9.93 47.24 -16.47
C THR B 510 9.85 45.86 -17.17
N LEU B 511 8.63 45.42 -17.51
CA LEU B 511 8.45 44.14 -18.25
C LEU B 511 9.32 44.02 -19.51
N LEU B 512 9.37 45.09 -20.28
CA LEU B 512 10.23 45.09 -21.48
C LEU B 512 11.72 45.00 -21.15
N LYS B 513 12.16 45.67 -20.09
CA LYS B 513 13.60 45.56 -19.71
C LYS B 513 13.92 44.15 -19.15
N LEU B 514 13.02 43.61 -18.33
CA LEU B 514 13.16 42.22 -17.87
C LEU B 514 13.14 41.25 -19.02
N GLU B 515 12.34 41.51 -20.03
CA GLU B 515 12.39 40.65 -21.20
C GLU B 515 13.76 40.76 -21.92
N GLN B 516 14.37 41.96 -21.93
CA GLN B 516 15.71 42.15 -22.56
C GLN B 516 16.73 41.40 -21.76
N GLU B 517 16.63 41.48 -20.44
CA GLU B 517 17.56 40.73 -19.60
C GLU B 517 17.46 39.21 -19.87
N ARG B 518 16.23 38.70 -19.99
CA ARG B 518 16.04 37.30 -20.32
C ARG B 518 16.58 36.96 -21.71
N LYS B 519 16.39 37.84 -22.68
CA LYS B 519 16.86 37.54 -24.04
C LYS B 519 18.41 37.57 -24.10
N THR B 520 19.02 38.46 -23.34
CA THR B 520 20.50 38.49 -23.18
C THR B 520 21.04 37.22 -22.51
N ARG B 521 20.54 36.88 -21.31
CA ARG B 521 20.85 35.54 -20.72
C ARG B 521 20.70 34.42 -21.75
N ALA B 522 19.57 34.34 -22.48
CA ALA B 522 19.35 33.22 -23.43
C ALA B 522 20.35 33.22 -24.56
N GLY B 523 20.85 34.41 -24.90
CA GLY B 523 21.86 34.53 -25.95
C GLY B 523 23.21 33.94 -25.53
N GLU B 524 23.56 34.10 -24.26
CA GLU B 524 24.82 33.50 -23.77
C GLU B 524 24.73 32.01 -23.58
N ASN B 525 23.58 31.56 -23.06
CA ASN B 525 23.20 30.15 -23.19
C ASN B 525 23.31 29.60 -24.59
N LEU B 526 22.92 30.36 -25.61
CA LEU B 526 22.95 29.81 -27.01
C LEU B 526 24.39 29.41 -27.49
N ALA B 527 25.37 30.07 -26.88
CA ALA B 527 26.80 29.88 -27.22
C ALA B 527 27.30 28.54 -26.65
N ALA B 528 26.93 28.36 -25.40
CA ALA B 528 27.54 27.49 -24.42
C ALA B 528 26.81 26.14 -24.25
N ARG B 529 25.46 26.22 -24.23
CA ARG B 529 24.62 25.00 -24.13
C ARG B 529 24.99 23.94 -25.16
N PRO B 530 25.02 24.29 -26.44
CA PRO B 530 25.19 23.21 -27.41
C PRO B 530 26.53 22.45 -27.26
N VAL B 531 27.55 23.19 -26.84
CA VAL B 531 28.88 22.61 -26.67
C VAL B 531 28.86 21.61 -25.50
N TYR B 532 28.46 22.07 -24.31
CA TYR B 532 28.37 21.21 -23.13
C TYR B 532 27.42 20.05 -23.24
N LEU B 533 26.26 20.27 -23.88
CA LEU B 533 25.33 19.17 -24.13
C LEU B 533 25.91 18.21 -25.13
N GLN B 534 26.75 18.68 -26.04
CA GLN B 534 27.29 17.73 -27.01
C GLN B 534 28.28 16.82 -26.32
N ALA B 535 28.98 17.36 -25.32
CA ALA B 535 29.89 16.59 -24.52
C ALA B 535 29.15 15.53 -23.71
N LEU B 536 27.98 15.89 -23.21
CA LEU B 536 27.20 14.99 -22.37
C LEU B 536 26.74 13.82 -23.23
N ALA B 537 26.34 14.07 -24.47
CA ALA B 537 25.94 12.98 -25.35
C ALA B 537 27.12 12.12 -25.73
N ASP B 538 28.25 12.78 -25.90
CA ASP B 538 29.50 12.05 -26.20
C ASP B 538 29.85 11.11 -25.04
N TYR B 539 29.83 11.59 -23.81
CA TYR B 539 30.10 10.77 -22.61
C TYR B 539 29.10 9.62 -22.57
N LYS B 540 27.82 9.92 -22.72
CA LYS B 540 26.82 8.85 -22.70
C LYS B 540 27.10 7.79 -23.73
N LYS B 541 27.41 8.21 -24.93
CA LYS B 541 27.71 7.25 -25.96
C LYS B 541 28.88 6.33 -25.52
N SER B 542 29.88 6.91 -24.86
CA SER B 542 31.10 6.20 -24.48
C SER B 542 30.83 5.22 -23.33
N GLN B 543 29.71 5.40 -22.65
CA GLN B 543 29.25 4.48 -21.60
C GLN B 543 28.22 3.49 -22.12
N GLY B 544 28.04 3.44 -23.43
CA GLY B 544 27.00 2.63 -24.07
C GLY B 544 25.56 2.95 -23.65
N GLU B 545 25.28 4.18 -23.25
CA GLU B 545 23.96 4.53 -22.72
C GLU B 545 23.11 5.07 -23.85
N PHE B 546 21.81 5.13 -23.66
CA PHE B 546 20.96 5.50 -24.78
C PHE B 546 21.11 7.02 -24.97
N VAL B 547 21.17 7.47 -26.21
CA VAL B 547 21.32 8.88 -26.51
C VAL B 547 20.16 9.36 -27.40
N TYR B 548 19.36 10.27 -26.84
CA TYR B 548 18.22 10.89 -27.56
C TYR B 548 18.01 12.24 -26.90
N PRO B 549 17.46 13.18 -27.64
CA PRO B 549 17.33 14.50 -27.07
C PRO B 549 16.17 14.65 -26.08
N ASP B 550 16.33 15.52 -25.10
CA ASP B 550 15.25 15.87 -24.21
C ASP B 550 14.03 16.28 -25.05
N ALA B 551 12.84 16.09 -24.46
CA ALA B 551 11.63 16.49 -25.13
C ALA B 551 11.56 17.98 -25.33
N ASN B 552 10.90 18.34 -26.41
CA ASN B 552 10.78 19.72 -26.83
C ASN B 552 9.51 20.03 -27.66
N LEU B 553 8.45 19.22 -27.47
CA LEU B 553 7.14 19.40 -28.09
C LEU B 553 7.07 18.90 -29.49
N SER B 554 8.13 18.19 -29.96
CA SER B 554 8.12 17.61 -31.28
C SER B 554 7.78 16.14 -31.22
N LEU B 555 7.48 15.61 -32.35
CA LEU B 555 7.10 14.22 -32.45
C LEU B 555 8.14 13.13 -32.05
N ARG B 556 7.78 12.21 -31.13
CA ARG B 556 8.73 11.21 -30.67
C ARG B 556 8.02 9.83 -30.65
N ILE B 557 8.83 8.78 -30.73
CA ILE B 557 8.36 7.43 -30.70
C ILE B 557 9.00 6.78 -29.48
N THR B 558 8.16 6.05 -28.73
CA THR B 558 8.61 5.21 -27.59
C THR B 558 7.95 3.84 -27.76
N PHE B 559 8.65 2.80 -27.36
CA PHE B 559 8.18 1.45 -27.53
C PHE B 559 8.70 0.59 -26.41
N GLY B 560 8.03 -0.53 -26.29
CA GLY B 560 8.28 -1.51 -25.22
C GLY B 560 7.20 -2.53 -25.11
N ASN B 561 6.86 -2.93 -23.87
CA ASN B 561 5.88 -3.97 -23.68
C ASN B 561 5.03 -3.72 -22.43
N VAL B 562 3.89 -4.33 -22.43
CA VAL B 562 2.94 -4.29 -21.35
C VAL B 562 3.51 -5.11 -20.18
N MET B 563 3.65 -4.43 -19.06
CA MET B 563 4.20 -5.02 -17.90
C MET B 563 3.95 -4.16 -16.69
N GLY B 564 3.80 -4.83 -15.55
CA GLY B 564 3.76 -4.14 -14.31
C GLY B 564 5.10 -3.67 -13.78
N TYR B 565 5.12 -3.35 -12.49
CA TYR B 565 6.35 -2.94 -11.80
C TYR B 565 6.22 -3.27 -10.34
N ALA B 566 7.36 -3.31 -9.67
CA ALA B 566 7.45 -3.64 -8.25
C ALA B 566 7.91 -2.51 -7.40
N PRO B 567 6.96 -1.90 -6.69
CA PRO B 567 7.20 -0.75 -5.90
C PRO B 567 7.97 -1.11 -4.63
N LYS B 568 7.82 -2.32 -4.10
CA LYS B 568 8.44 -2.67 -2.85
C LYS B 568 8.66 -4.15 -2.86
N ASP B 569 9.67 -4.61 -2.16
CA ASP B 569 9.88 -6.06 -1.93
C ASP B 569 8.62 -6.72 -1.35
N GLY B 570 8.25 -7.88 -1.89
CA GLY B 570 7.09 -8.61 -1.48
C GLY B 570 5.86 -8.27 -2.23
N MET B 571 5.91 -7.31 -3.19
CA MET B 571 4.72 -6.95 -3.91
C MET B 571 5.02 -6.62 -5.34
N GLU B 572 3.98 -6.72 -6.17
CA GLU B 572 4.06 -6.35 -7.60
C GLU B 572 2.76 -5.75 -8.03
N TYR B 573 2.80 -4.76 -8.88
CA TYR B 573 1.59 -4.31 -9.52
C TYR B 573 1.42 -5.09 -10.77
N THR B 574 0.20 -5.58 -11.01
CA THR B 574 -0.09 -6.34 -12.16
C THR B 574 -0.24 -5.35 -13.31
N PRO B 575 -0.07 -5.85 -14.55
CA PRO B 575 -0.17 -4.97 -15.75
C PRO B 575 -1.54 -4.35 -16.02
N PHE B 576 -2.63 -5.03 -15.63
CA PHE B 576 -4.01 -4.56 -15.87
C PHE B 576 -4.78 -4.38 -14.58
N THR B 577 -5.70 -3.44 -14.68
CA THR B 577 -6.85 -3.37 -13.85
C THR B 577 -8.06 -3.85 -14.62
N THR B 578 -9.14 -4.08 -13.85
CA THR B 578 -10.35 -4.64 -14.35
C THR B 578 -11.57 -3.93 -13.80
N LEU B 579 -12.69 -4.24 -14.45
CA LEU B 579 -14.00 -3.66 -14.14
C LEU B 579 -14.30 -3.77 -12.67
N GLU B 580 -14.00 -4.93 -12.10
CA GLU B 580 -14.34 -5.21 -10.74
C GLU B 580 -13.60 -4.33 -9.80
N GLY B 581 -12.41 -3.91 -10.21
CA GLY B 581 -11.65 -3.02 -9.42
C GLY B 581 -12.21 -1.60 -9.42
N VAL B 582 -12.90 -1.21 -10.49
CA VAL B 582 -13.54 0.11 -10.53
C VAL B 582 -14.61 0.11 -9.44
N VAL B 583 -15.42 -0.95 -9.42
CA VAL B 583 -16.58 -0.96 -8.47
C VAL B 583 -16.17 -1.14 -7.02
N ALA B 584 -15.05 -1.84 -6.76
CA ALA B 584 -14.53 -1.99 -5.42
C ALA B 584 -14.16 -0.66 -4.83
N LYS B 585 -13.80 0.35 -5.65
CA LYS B 585 -13.44 1.64 -5.11
C LYS B 585 -14.66 2.54 -4.90
N GLU B 586 -15.84 2.08 -5.34
CA GLU B 586 -17.09 2.87 -5.23
C GLU B 586 -17.33 3.36 -3.81
N THR B 587 -17.59 4.65 -3.66
CA THR B 587 -18.05 5.21 -2.38
C THR B 587 -19.39 5.98 -2.48
N GLY B 588 -19.94 6.19 -3.68
CA GLY B 588 -21.06 7.12 -3.84
C GLY B 588 -20.73 8.60 -3.65
N GLN B 589 -19.46 8.96 -3.35
CA GLN B 589 -19.01 10.33 -3.18
C GLN B 589 -17.94 10.62 -4.25
N ASP B 590 -18.01 11.78 -4.87
CA ASP B 590 -16.88 12.31 -5.65
C ASP B 590 -15.56 12.12 -4.90
N PRO B 591 -14.49 11.61 -5.57
CA PRO B 591 -14.35 11.23 -6.97
C PRO B 591 -14.59 9.71 -7.22
N PHE B 592 -15.21 9.00 -6.28
CA PHE B 592 -15.44 7.55 -6.52
C PHE B 592 -16.95 7.25 -6.66
N ASP B 593 -17.58 7.86 -7.66
CA ASP B 593 -19.03 7.81 -7.80
C ASP B 593 -19.41 7.48 -9.27
N SER B 594 -19.17 6.25 -9.66
CA SER B 594 -19.38 5.80 -11.01
C SER B 594 -20.87 5.91 -11.36
N PRO B 595 -21.22 6.08 -12.62
CA PRO B 595 -22.62 6.02 -13.03
C PRO B 595 -23.31 4.69 -12.64
N LYS B 596 -24.62 4.75 -12.33
CA LYS B 596 -25.30 3.52 -11.95
C LYS B 596 -25.24 2.53 -13.07
N ALA B 597 -25.28 2.99 -14.29
CA ALA B 597 -25.22 2.05 -15.39
C ALA B 597 -23.92 1.24 -15.33
N LEU B 598 -22.84 1.86 -14.84
CA LEU B 598 -21.60 1.10 -14.73
C LEU B 598 -21.65 0.09 -13.57
N LEU B 599 -22.09 0.54 -12.41
CA LEU B 599 -22.24 -0.35 -11.26
C LEU B 599 -23.09 -1.58 -11.62
N ASP B 600 -24.14 -1.36 -12.39
CA ASP B 600 -25.09 -2.43 -12.68
C ASP B 600 -24.52 -3.40 -13.69
N ALA B 601 -23.79 -2.87 -14.70
CA ALA B 601 -23.20 -3.68 -15.73
C ALA B 601 -22.13 -4.62 -15.18
N VAL B 602 -21.33 -4.12 -14.24
CA VAL B 602 -20.28 -4.89 -13.60
C VAL B 602 -20.84 -6.01 -12.70
N ALA B 603 -21.87 -5.70 -11.90
CA ALA B 603 -22.50 -6.68 -11.01
C ALA B 603 -23.12 -7.83 -11.79
N ALA B 604 -23.72 -7.50 -12.92
CA ALA B 604 -24.31 -8.49 -13.85
C ALA B 604 -23.34 -9.13 -14.86
N LYS B 605 -22.03 -8.87 -14.75
CA LYS B 605 -21.04 -9.33 -15.74
C LYS B 605 -21.43 -9.11 -17.19
N ARG B 606 -21.95 -7.93 -17.52
CA ARG B 606 -22.20 -7.59 -18.91
C ARG B 606 -20.92 -6.99 -19.46
N TYR B 607 -20.14 -7.83 -20.12
CA TYR B 607 -18.81 -7.53 -20.58
C TYR B 607 -18.81 -7.17 -22.05
N GLY B 608 -19.96 -7.24 -22.72
CA GLY B 608 -20.12 -6.69 -24.09
C GLY B 608 -19.28 -7.27 -25.17
N GLY B 609 -18.85 -8.54 -25.02
CA GLY B 609 -18.00 -9.16 -25.99
C GLY B 609 -16.54 -8.72 -25.91
N LEU B 610 -16.19 -8.04 -24.82
CA LEU B 610 -14.89 -7.34 -24.71
C LEU B 610 -13.98 -7.95 -23.64
N GLU B 611 -14.46 -9.01 -22.99
CA GLU B 611 -13.68 -9.62 -21.91
C GLU B 611 -12.39 -10.16 -22.50
N ASP B 612 -11.31 -10.00 -21.77
CA ASP B 612 -10.09 -10.68 -22.05
C ASP B 612 -10.05 -11.86 -21.13
N LYS B 613 -10.07 -13.06 -21.69
CA LYS B 613 -10.05 -14.30 -20.88
C LYS B 613 -8.90 -14.39 -19.88
N ARG B 614 -7.72 -13.92 -20.25
CA ARG B 614 -6.58 -13.99 -19.34
C ARG B 614 -6.76 -13.25 -18.04
N ILE B 615 -7.52 -12.16 -18.02
CA ILE B 615 -7.77 -11.52 -16.73
C ILE B 615 -9.18 -11.70 -16.20
N GLY B 616 -10.06 -12.45 -16.88
CA GLY B 616 -11.40 -12.75 -16.36
C GLY B 616 -12.37 -11.58 -16.28
N SER B 617 -12.06 -10.50 -17.02
CA SER B 617 -12.90 -9.31 -17.08
C SER B 617 -12.55 -8.44 -18.29
N VAL B 618 -13.18 -7.26 -18.40
CA VAL B 618 -12.79 -6.28 -19.38
C VAL B 618 -11.67 -5.47 -18.72
N PRO B 619 -10.54 -5.31 -19.40
CA PRO B 619 -9.49 -4.51 -18.88
C PRO B 619 -9.89 -3.03 -18.87
N VAL B 620 -9.36 -2.27 -17.92
CA VAL B 620 -9.68 -0.85 -17.73
C VAL B 620 -8.44 -0.03 -18.06
N ASN B 621 -7.39 -0.14 -17.24
CA ASN B 621 -6.13 0.48 -17.51
C ASN B 621 -4.98 -0.54 -17.52
N TYR B 622 -3.88 -0.16 -18.07
CA TYR B 622 -2.69 -1.03 -18.04
C TYR B 622 -1.41 -0.22 -17.96
N LEU B 623 -0.37 -0.93 -17.53
CA LEU B 623 1.02 -0.43 -17.37
C LEU B 623 1.89 -0.98 -18.52
N SER B 624 2.84 -0.19 -18.91
CA SER B 624 3.86 -0.59 -19.89
C SER B 624 5.14 0.20 -19.70
N ASP B 625 6.27 -0.33 -20.13
CA ASP B 625 7.56 0.33 -19.91
C ASP B 625 7.90 1.34 -21.01
N LEU B 626 6.91 2.05 -21.51
CA LEU B 626 7.17 3.19 -22.44
C LEU B 626 7.65 4.43 -21.70
N ASP B 627 8.15 5.43 -22.44
CA ASP B 627 8.85 6.56 -21.89
C ASP B 627 8.14 7.79 -22.39
N ILE B 628 7.16 8.21 -21.59
CA ILE B 628 6.31 9.35 -21.95
C ILE B 628 6.42 10.44 -20.91
N THR B 629 5.91 11.63 -21.24
CA THR B 629 5.80 12.70 -20.30
C THR B 629 4.71 13.69 -20.71
N GLY B 630 4.64 14.79 -19.97
CA GLY B 630 3.58 15.84 -20.21
C GLY B 630 3.57 16.18 -21.68
N GLY B 631 2.41 16.14 -22.33
CA GLY B 631 2.30 16.34 -23.77
C GLY B 631 1.85 15.07 -24.45
N ASN B 632 2.23 13.92 -23.82
CA ASN B 632 1.92 12.64 -24.35
C ASN B 632 0.45 12.22 -24.02
N ALA B 633 -0.22 12.84 -23.04
CA ALA B 633 -1.64 12.52 -22.81
C ALA B 633 -2.36 12.56 -24.16
N GLY B 634 -3.18 11.55 -24.40
CA GLY B 634 -3.92 11.45 -25.60
C GLY B 634 -3.26 10.66 -26.72
N SER B 635 -1.98 10.30 -26.55
CA SER B 635 -1.26 9.58 -27.56
C SER B 635 -1.88 8.17 -27.72
N PRO B 636 -2.04 7.73 -28.96
CA PRO B 636 -2.52 6.40 -29.21
C PRO B 636 -1.43 5.39 -28.89
N VAL B 637 -1.85 4.24 -28.41
CA VAL B 637 -0.95 3.14 -28.11
C VAL B 637 -1.27 2.17 -29.21
N LEU B 638 -0.23 1.78 -29.97
CA LEU B 638 -0.38 0.83 -31.01
C LEU B 638 0.23 -0.48 -30.65
N ASP B 639 -0.37 -1.54 -31.16
CA ASP B 639 0.19 -2.86 -31.01
C ASP B 639 1.20 -3.24 -32.12
N ALA B 640 1.61 -4.52 -32.13
CA ALA B 640 2.62 -5.03 -33.06
C ALA B 640 2.25 -4.81 -34.51
N HIS B 641 0.95 -4.74 -34.78
CA HIS B 641 0.42 -4.44 -36.14
C HIS B 641 -0.07 -3.04 -36.39
N GLY B 642 0.29 -2.10 -35.50
CA GLY B 642 -0.05 -0.71 -35.64
C GLY B 642 -1.50 -0.41 -35.38
N LYS B 643 -2.22 -1.33 -34.70
CA LYS B 643 -3.60 -1.14 -34.34
C LYS B 643 -3.77 -0.48 -32.97
N LEU B 644 -4.82 0.28 -32.80
CA LEU B 644 -5.08 0.98 -31.53
C LEU B 644 -5.44 0.02 -30.33
N VAL B 645 -4.60 0.02 -29.29
CA VAL B 645 -4.90 -0.78 -28.10
C VAL B 645 -5.17 0.07 -26.84
N GLY B 646 -5.20 1.38 -27.01
CA GLY B 646 -5.28 2.23 -25.84
C GLY B 646 -4.91 3.69 -26.08
N LEU B 647 -5.04 4.50 -25.03
CA LEU B 647 -4.50 5.85 -25.09
C LEU B 647 -3.60 6.08 -23.89
N ALA B 648 -2.41 6.66 -24.11
CA ALA B 648 -1.59 7.13 -23.02
C ALA B 648 -2.37 8.13 -22.19
N PHE B 649 -2.25 8.11 -20.86
CA PHE B 649 -2.83 9.27 -20.09
C PHE B 649 -2.08 9.69 -18.85
N ASP B 650 -1.23 8.84 -18.28
CA ASP B 650 -0.58 9.20 -17.03
C ASP B 650 0.64 8.36 -16.77
N GLY B 651 1.31 8.65 -15.66
CA GLY B 651 2.47 7.90 -15.19
C GLY B 651 2.22 7.51 -13.77
N ASN B 652 2.80 6.38 -13.39
CA ASN B 652 2.66 5.93 -12.04
C ASN B 652 3.47 6.86 -11.10
N TRP B 653 3.15 6.85 -9.79
CA TRP B 653 3.76 7.81 -8.86
C TRP B 653 5.28 7.90 -8.90
N GLU B 654 5.95 6.75 -8.98
CA GLU B 654 7.39 6.67 -8.91
C GLU B 654 8.06 7.10 -10.23
N SER B 655 7.31 7.16 -11.30
CA SER B 655 7.86 7.52 -12.61
C SER B 655 8.23 8.97 -12.78
N VAL B 656 7.63 9.87 -12.00
CA VAL B 656 7.60 11.28 -12.41
C VAL B 656 8.98 11.93 -12.36
N SER B 657 9.82 11.50 -11.41
CA SER B 657 11.21 11.96 -11.28
C SER B 657 12.08 11.58 -12.45
N SER B 658 11.58 10.76 -13.36
CA SER B 658 12.36 10.41 -14.52
C SER B 658 12.47 11.62 -15.47
N ASN B 659 11.72 12.68 -15.22
CA ASN B 659 11.90 13.89 -15.97
C ASN B 659 13.41 14.36 -15.87
N TRP B 660 14.04 14.08 -14.72
CA TRP B 660 15.45 14.48 -14.37
C TRP B 660 16.45 13.30 -14.39
N VAL B 661 16.05 12.14 -13.83
CA VAL B 661 16.95 10.95 -13.74
C VAL B 661 16.09 9.75 -14.04
N PHE B 662 16.28 9.15 -15.21
CA PHE B 662 15.42 8.09 -15.72
C PHE B 662 15.64 6.81 -14.86
N ASP B 663 14.57 6.20 -14.40
CA ASP B 663 14.64 4.98 -13.58
C ASP B 663 13.82 3.91 -14.27
N PRO B 664 14.46 2.95 -14.93
CA PRO B 664 13.72 1.99 -15.72
C PRO B 664 12.82 1.05 -14.93
N LYS B 665 13.15 0.76 -13.68
CA LYS B 665 12.36 -0.19 -12.89
C LYS B 665 11.03 0.41 -12.44
N MET B 666 10.99 1.72 -12.20
CA MET B 666 9.77 2.36 -11.70
C MET B 666 9.11 3.29 -12.70
N THR B 667 9.49 3.25 -13.96
CA THR B 667 8.94 4.16 -14.91
C THR B 667 8.01 3.39 -15.86
N ARG B 668 6.70 3.67 -15.74
CA ARG B 668 5.67 3.03 -16.52
C ARG B 668 4.68 4.11 -17.03
N MET B 669 4.20 3.91 -18.26
CA MET B 669 3.05 4.63 -18.79
C MET B 669 1.80 3.95 -18.21
N ILE B 670 0.77 4.75 -17.85
CA ILE B 670 -0.55 4.29 -17.59
C ILE B 670 -1.42 4.64 -18.78
N ALA B 671 -2.03 3.61 -19.35
CA ALA B 671 -2.87 3.73 -20.52
C ALA B 671 -4.29 3.21 -20.21
N VAL B 672 -5.28 3.80 -20.89
CA VAL B 672 -6.65 3.32 -20.83
C VAL B 672 -6.80 2.37 -22.02
N ASP B 673 -7.32 1.16 -21.73
CA ASP B 673 -7.44 0.12 -22.76
C ASP B 673 -8.54 0.53 -23.73
N GLY B 674 -8.24 0.37 -25.01
CA GLY B 674 -9.19 0.54 -26.08
C GLY B 674 -10.49 -0.22 -25.78
N ARG B 675 -10.37 -1.41 -25.21
CA ARG B 675 -11.59 -2.21 -24.87
C ARG B 675 -12.44 -1.57 -23.80
N TYR B 676 -11.82 -0.79 -22.90
CA TYR B 676 -12.59 -0.06 -21.93
C TYR B 676 -13.32 1.12 -22.55
N LEU B 677 -12.70 1.83 -23.52
CA LEU B 677 -13.41 2.87 -24.29
C LEU B 677 -14.65 2.29 -24.92
N ARG B 678 -14.45 1.20 -25.62
CA ARG B 678 -15.57 0.49 -26.28
C ARG B 678 -16.64 0.10 -25.30
N TRP B 679 -16.24 -0.46 -24.17
CA TRP B 679 -17.15 -0.91 -23.14
C TRP B 679 -18.02 0.20 -22.56
N ILE B 680 -17.38 1.31 -22.17
CA ILE B 680 -18.14 2.47 -21.70
C ILE B 680 -19.17 2.92 -22.74
N MET B 681 -18.77 2.94 -24.02
CA MET B 681 -19.58 3.44 -25.14
C MET B 681 -20.67 2.41 -25.58
N GLN B 682 -20.58 1.17 -25.11
CA GLN B 682 -21.64 0.15 -25.36
C GLN B 682 -22.58 0.16 -24.15
N GLU B 683 -22.04 0.06 -22.94
CA GLU B 683 -22.84 -0.29 -21.76
C GLU B 683 -23.13 0.81 -20.79
N VAL B 684 -22.39 1.91 -20.81
CA VAL B 684 -22.47 2.88 -19.73
C VAL B 684 -22.97 4.24 -20.15
N TYR B 685 -22.43 4.79 -21.25
CA TYR B 685 -22.75 6.13 -21.76
C TYR B 685 -22.73 5.97 -23.22
N PRO B 686 -23.88 5.57 -23.80
CA PRO B 686 -23.69 4.93 -25.09
C PRO B 686 -23.50 5.89 -26.26
N ALA B 687 -22.69 5.49 -27.22
CA ALA B 687 -22.44 6.27 -28.44
C ALA B 687 -22.37 5.30 -29.62
N PRO B 688 -23.53 4.69 -29.91
CA PRO B 688 -23.54 3.65 -30.94
C PRO B 688 -23.14 4.22 -32.28
N GLN B 689 -23.45 5.49 -32.51
CA GLN B 689 -23.07 6.13 -33.75
C GLN B 689 -21.53 6.22 -33.94
N LEU B 690 -20.78 6.45 -32.87
CA LEU B 690 -19.35 6.63 -33.03
C LEU B 690 -18.70 5.24 -33.19
N LEU B 691 -19.26 4.25 -32.51
CA LEU B 691 -18.72 2.87 -32.63
C LEU B 691 -18.87 2.36 -34.05
N LYS B 692 -20.07 2.54 -34.58
CA LYS B 692 -20.32 2.22 -35.99
C LYS B 692 -19.35 2.98 -36.91
N GLU B 693 -19.16 4.27 -36.62
CA GLU B 693 -18.26 5.07 -37.42
C GLU B 693 -16.83 4.51 -37.34
N MET B 694 -16.49 3.84 -36.26
CA MET B 694 -15.13 3.30 -36.11
C MET B 694 -15.06 1.83 -36.46
N ASN B 695 -16.16 1.29 -37.00
CA ASN B 695 -16.22 -0.10 -37.39
C ASN B 695 -16.17 -1.06 -36.24
N VAL B 696 -16.70 -0.68 -35.08
CA VAL B 696 -16.72 -1.54 -33.93
C VAL B 696 -18.10 -1.56 -33.27
N GLY B 697 -19.13 -1.36 -34.09
CA GLY B 697 -20.51 -1.58 -33.66
C GLY B 697 -21.44 -1.43 -34.84
N VAL C 1 1.32 -12.68 15.15
CA VAL C 1 2.12 -13.96 15.32
C VAL C 1 1.18 -15.04 15.93
N TYR C 2 1.32 -16.28 15.51
CA TYR C 2 0.35 -17.26 15.90
C TYR C 2 0.69 -18.00 17.19
N ILE C 3 1.06 -17.24 18.20
CA ILE C 3 1.18 -17.80 19.52
C ILE C 3 -0.24 -17.98 20.08
N HIS C 4 -0.41 -18.53 21.28
CA HIS C 4 -1.78 -18.63 21.81
C HIS C 4 -2.43 -17.19 22.10
N PRO C 5 -3.77 -16.99 21.81
CA PRO C 5 -4.37 -15.73 22.30
C PRO C 5 -4.08 -15.51 23.78
N PHE C 6 -4.13 -14.23 24.18
CA PHE C 6 -3.62 -13.76 25.48
C PHE C 6 -4.78 -13.18 26.31
N VAL D 1 -1.71 13.29 -14.64
CA VAL D 1 -2.13 13.10 -16.06
C VAL D 1 -1.15 13.86 -16.93
N TYR D 2 -0.76 13.29 -18.07
CA TYR D 2 0.38 13.86 -18.80
C TYR D 2 -0.02 14.98 -19.83
N ILE D 3 -0.85 15.87 -19.35
CA ILE D 3 -1.13 17.10 -20.02
C ILE D 3 0.07 17.98 -19.88
N HIS D 4 0.13 19.04 -20.67
CA HIS D 4 1.38 19.76 -20.64
C HIS D 4 1.38 20.67 -19.33
N PRO D 5 2.47 20.64 -18.49
CA PRO D 5 2.43 21.32 -17.16
C PRO D 5 1.85 22.69 -17.18
N PHE D 6 1.36 23.14 -16.02
CA PHE D 6 0.47 24.33 -15.94
C PHE D 6 1.25 25.54 -15.47
C1 GOL E . 11.77 -11.49 -5.73
O1 GOL E . 11.79 -12.13 -7.05
C2 GOL E . 10.40 -10.82 -5.59
O2 GOL E . 9.26 -11.64 -5.92
C3 GOL E . 10.26 -10.26 -4.18
O3 GOL E . 9.12 -9.46 -4.05
C1 GOL F . 16.16 -40.64 12.07
O1 GOL F . 14.90 -41.06 12.53
C2 GOL F . 15.79 -39.35 11.39
O2 GOL F . 14.72 -38.81 12.17
C3 GOL F . 16.89 -38.35 11.47
O3 GOL F . 16.66 -37.35 10.46
C1 GOL G . 0.38 -31.48 26.74
O1 GOL G . -0.31 -32.14 27.83
C2 GOL G . -0.53 -30.46 26.07
O2 GOL G . -1.24 -29.67 27.07
C3 GOL G . 0.22 -29.49 25.20
O3 GOL G . -0.48 -28.23 25.17
C1 GOL H . 13.12 -4.37 25.47
O1 GOL H . 12.91 -5.07 26.69
C2 GOL H . 11.98 -4.75 24.52
O2 GOL H . 10.77 -4.24 25.04
C3 GOL H . 12.19 -4.07 23.18
O3 GOL H . 13.46 -4.55 22.68
C1 GOL I . 18.60 -25.70 0.42
O1 GOL I . 17.92 -24.58 1.02
C2 GOL I . 19.81 -25.30 -0.38
O2 GOL I . 20.03 -26.22 -1.43
C3 GOL I . 19.59 -23.97 -1.05
O3 GOL I . 20.59 -23.17 -0.48
ZN ZN J . 6.34 -13.65 55.63
ZN ZN K . 12.12 -35.19 -5.60
C1 GOL L . -6.28 -9.60 -13.49
O1 GOL L . -5.90 -10.98 -13.75
C2 GOL L . -5.41 -9.07 -12.35
O2 GOL L . -4.00 -9.11 -12.73
C3 GOL L . -5.81 -7.69 -11.99
O3 GOL L . -5.03 -7.19 -10.92
C1 GOL M . -1.30 17.45 -45.71
O1 GOL M . -1.19 18.59 -44.86
C2 GOL M . -1.75 16.28 -44.83
O2 GOL M . -2.74 15.53 -45.57
C3 GOL M . -0.56 15.38 -44.48
O3 GOL M . -0.60 14.22 -45.30
C1 GOL N . -6.37 4.56 -44.93
O1 GOL N . -5.15 5.03 -45.54
C2 GOL N . -6.03 3.78 -43.63
O2 GOL N . -5.35 4.64 -42.70
C3 GOL N . -7.25 3.16 -42.93
O3 GOL N . -6.93 2.56 -41.64
C1 GOL O . 2.37 21.89 -32.20
O1 GOL O . 2.07 21.95 -30.78
C2 GOL O . 2.19 23.25 -32.86
O2 GOL O . 2.90 24.28 -32.14
C3 GOL O . 2.67 23.15 -34.31
O3 GOL O . 2.83 24.41 -34.98
ZN ZN P . -16.02 50.47 -23.26
ZN ZN Q . 0.87 -10.93 -36.29
#